data_6AUL
# 
_entry.id   6AUL 
# 
_audit_conform.dict_name       mmcif_pdbx.dic 
_audit_conform.dict_version    5.379 
_audit_conform.dict_location   http://mmcif.pdb.org/dictionaries/ascii/mmcif_pdbx.dic 
# 
loop_
_database_2.database_id 
_database_2.database_code 
_database_2.pdbx_database_accession 
_database_2.pdbx_DOI 
PDB   6AUL         pdb_00006aul 10.2210/pdb6aul/pdb 
WWPDB D_1000229880 ?            ?                   
# 
_pdbx_database_status.status_code                     REL 
_pdbx_database_status.status_code_sf                  REL 
_pdbx_database_status.status_code_mr                  ? 
_pdbx_database_status.entry_id                        6AUL 
_pdbx_database_status.recvd_initial_deposition_date   2017-09-01 
_pdbx_database_status.SG_entry                        N 
_pdbx_database_status.deposit_site                    RCSB 
_pdbx_database_status.process_site                    RCSB 
_pdbx_database_status.status_code_cs                  ? 
_pdbx_database_status.methods_development_category    ? 
_pdbx_database_status.pdb_format_compatible           Y 
_pdbx_database_status.status_code_nmr_data            ? 
# 
loop_
_audit_author.name 
_audit_author.pdbx_ordinal 
_audit_author.identifier_ORCID 
'Olshansky, L.'      1 ? 
'Vallapurakal, J.'   2 ? 
'Huerta-Lavorie, R.' 3 ? 
'Nguyen, A.I.'       4 ? 
'Tilley, T.D.'       5 ? 
'Borovik, A.S.'      6 ? 
# 
_citation.abstract                  ? 
_citation.abstract_id_CAS           ? 
_citation.book_id_ISBN              ? 
_citation.book_publisher            ? 
_citation.book_publisher_city       ? 
_citation.book_title                ? 
_citation.coordinate_linkage        ? 
_citation.country                   US 
_citation.database_id_Medline       ? 
_citation.details                   ? 
_citation.id                        primary 
_citation.journal_abbrev            'J. Am. Chem. Soc.' 
_citation.journal_id_ASTM           JACSAT 
_citation.journal_id_CSD            ? 
_citation.journal_id_ISSN           1520-5126 
_citation.journal_full              ? 
_citation.journal_issue             ? 
_citation.journal_volume            140 
_citation.language                  ? 
_citation.page_first                2739 
_citation.page_last                 2742 
_citation.title                     'Artificial Metalloproteins Containing Co' 
_citation.year                      2018 
_citation.database_id_CSD           ? 
_citation.pdbx_database_id_DOI      10.1021/jacs.7b13052 
_citation.pdbx_database_id_PubMed   29401385 
_citation.unpublished_flag          ? 
# 
loop_
_citation_author.citation_id 
_citation_author.name 
_citation_author.ordinal 
_citation_author.identifier_ORCID 
primary 'Olshansky, L.'      1 ? 
primary 'Huerta-Lavorie, R.' 2 ? 
primary 'Nguyen, A.I.'       3 ? 
primary 'Vallapurackal, J.'  4 ? 
primary 'Furst, A.'          5 ? 
primary 'Tilley, T.D.'       6 ? 
primary 'Borovik, A.S.'      7 ? 
# 
_cell.angle_alpha                  90.00 
_cell.angle_alpha_esd              ? 
_cell.angle_beta                   90.00 
_cell.angle_beta_esd               ? 
_cell.angle_gamma                  90.00 
_cell.angle_gamma_esd              ? 
_cell.entry_id                     6AUL 
_cell.details                      ? 
_cell.formula_units_Z              ? 
_cell.length_a                     57.752 
_cell.length_a_esd                 ? 
_cell.length_b                     57.752 
_cell.length_b_esd                 ? 
_cell.length_c                     184.089 
_cell.length_c_esd                 ? 
_cell.volume                       ? 
_cell.volume_esd                   ? 
_cell.Z_PDB                        16 
_cell.reciprocal_angle_alpha       ? 
_cell.reciprocal_angle_beta        ? 
_cell.reciprocal_angle_gamma       ? 
_cell.reciprocal_angle_alpha_esd   ? 
_cell.reciprocal_angle_beta_esd    ? 
_cell.reciprocal_angle_gamma_esd   ? 
_cell.reciprocal_length_a          ? 
_cell.reciprocal_length_b          ? 
_cell.reciprocal_length_c          ? 
_cell.reciprocal_length_a_esd      ? 
_cell.reciprocal_length_b_esd      ? 
_cell.reciprocal_length_c_esd      ? 
_cell.pdbx_unique_axis             ? 
# 
_symmetry.entry_id                         6AUL 
_symmetry.cell_setting                     ? 
_symmetry.Int_Tables_number                98 
_symmetry.space_group_name_Hall            ? 
_symmetry.space_group_name_H-M             'I 41 2 2' 
_symmetry.pdbx_full_space_group_name_H-M   ? 
# 
loop_
_entity.id 
_entity.type 
_entity.src_method 
_entity.pdbx_description 
_entity.formula_weight 
_entity.pdbx_number_of_molecules 
_entity.pdbx_ec 
_entity.pdbx_mutation 
_entity.pdbx_fragment 
_entity.details 
1 polymer     man Streptavidin 16587.025 1  ? 'E101Q, S112Y, K121A' ? ? 
2 non-polymer syn BIOTIN       244.311   1  ? ?                     ? ? 
3 water       nat water        18.015    76 ? ?                     ? ? 
# 
_entity_poly.entity_id                      1 
_entity_poly.type                           'polypeptide(L)' 
_entity_poly.nstd_linkage                   no 
_entity_poly.nstd_monomer                   no 
_entity_poly.pdbx_seq_one_letter_code       
;MASMTGGQQMGRDEAGITGTWYNQLGSTFIVTAGADGALTGTYESAVGNAESRYVLTGRYDSAPATDGSGTALGWTVAWK
NNYRNAHSATTWSGQYVGGAQARINTQWLLTYGTTEANAWASTLVGHDTFTKVKPSAASIDAAKKAGVNNGNPLDAVQQ
;
_entity_poly.pdbx_seq_one_letter_code_can   
;MASMTGGQQMGRDEAGITGTWYNQLGSTFIVTAGADGALTGTYESAVGNAESRYVLTGRYDSAPATDGSGTALGWTVAWK
NNYRNAHSATTWSGQYVGGAQARINTQWLLTYGTTEANAWASTLVGHDTFTKVKPSAASIDAAKKAGVNNGNPLDAVQQ
;
_entity_poly.pdbx_strand_id                 A 
_entity_poly.pdbx_target_identifier         ? 
# 
loop_
_entity_poly_seq.entity_id 
_entity_poly_seq.num 
_entity_poly_seq.mon_id 
_entity_poly_seq.hetero 
1 1   MET n 
1 2   ALA n 
1 3   SER n 
1 4   MET n 
1 5   THR n 
1 6   GLY n 
1 7   GLY n 
1 8   GLN n 
1 9   GLN n 
1 10  MET n 
1 11  GLY n 
1 12  ARG n 
1 13  ASP n 
1 14  GLU n 
1 15  ALA n 
1 16  GLY n 
1 17  ILE n 
1 18  THR n 
1 19  GLY n 
1 20  THR n 
1 21  TRP n 
1 22  TYR n 
1 23  ASN n 
1 24  GLN n 
1 25  LEU n 
1 26  GLY n 
1 27  SER n 
1 28  THR n 
1 29  PHE n 
1 30  ILE n 
1 31  VAL n 
1 32  THR n 
1 33  ALA n 
1 34  GLY n 
1 35  ALA n 
1 36  ASP n 
1 37  GLY n 
1 38  ALA n 
1 39  LEU n 
1 40  THR n 
1 41  GLY n 
1 42  THR n 
1 43  TYR n 
1 44  GLU n 
1 45  SER n 
1 46  ALA n 
1 47  VAL n 
1 48  GLY n 
1 49  ASN n 
1 50  ALA n 
1 51  GLU n 
1 52  SER n 
1 53  ARG n 
1 54  TYR n 
1 55  VAL n 
1 56  LEU n 
1 57  THR n 
1 58  GLY n 
1 59  ARG n 
1 60  TYR n 
1 61  ASP n 
1 62  SER n 
1 63  ALA n 
1 64  PRO n 
1 65  ALA n 
1 66  THR n 
1 67  ASP n 
1 68  GLY n 
1 69  SER n 
1 70  GLY n 
1 71  THR n 
1 72  ALA n 
1 73  LEU n 
1 74  GLY n 
1 75  TRP n 
1 76  THR n 
1 77  VAL n 
1 78  ALA n 
1 79  TRP n 
1 80  LYS n 
1 81  ASN n 
1 82  ASN n 
1 83  TYR n 
1 84  ARG n 
1 85  ASN n 
1 86  ALA n 
1 87  HIS n 
1 88  SER n 
1 89  ALA n 
1 90  THR n 
1 91  THR n 
1 92  TRP n 
1 93  SER n 
1 94  GLY n 
1 95  GLN n 
1 96  TYR n 
1 97  VAL n 
1 98  GLY n 
1 99  GLY n 
1 100 ALA n 
1 101 GLN n 
1 102 ALA n 
1 103 ARG n 
1 104 ILE n 
1 105 ASN n 
1 106 THR n 
1 107 GLN n 
1 108 TRP n 
1 109 LEU n 
1 110 LEU n 
1 111 THR n 
1 112 TYR n 
1 113 GLY n 
1 114 THR n 
1 115 THR n 
1 116 GLU n 
1 117 ALA n 
1 118 ASN n 
1 119 ALA n 
1 120 TRP n 
1 121 ALA n 
1 122 SER n 
1 123 THR n 
1 124 LEU n 
1 125 VAL n 
1 126 GLY n 
1 127 HIS n 
1 128 ASP n 
1 129 THR n 
1 130 PHE n 
1 131 THR n 
1 132 LYS n 
1 133 VAL n 
1 134 LYS n 
1 135 PRO n 
1 136 SER n 
1 137 ALA n 
1 138 ALA n 
1 139 SER n 
1 140 ILE n 
1 141 ASP n 
1 142 ALA n 
1 143 ALA n 
1 144 LYS n 
1 145 LYS n 
1 146 ALA n 
1 147 GLY n 
1 148 VAL n 
1 149 ASN n 
1 150 ASN n 
1 151 GLY n 
1 152 ASN n 
1 153 PRO n 
1 154 LEU n 
1 155 ASP n 
1 156 ALA n 
1 157 VAL n 
1 158 GLN n 
1 159 GLN n 
# 
_entity_src_gen.entity_id                          1 
_entity_src_gen.pdbx_src_id                        1 
_entity_src_gen.pdbx_alt_source_flag               sample 
_entity_src_gen.pdbx_seq_type                      'Biological sequence' 
_entity_src_gen.pdbx_beg_seq_num                   1 
_entity_src_gen.pdbx_end_seq_num                   159 
_entity_src_gen.gene_src_common_name               ? 
_entity_src_gen.gene_src_genus                     ? 
_entity_src_gen.pdbx_gene_src_gene                 ? 
_entity_src_gen.gene_src_species                   ? 
_entity_src_gen.gene_src_strain                    ? 
_entity_src_gen.gene_src_tissue                    ? 
_entity_src_gen.gene_src_tissue_fraction           ? 
_entity_src_gen.gene_src_details                   ? 
_entity_src_gen.pdbx_gene_src_fragment             ? 
_entity_src_gen.pdbx_gene_src_scientific_name      'Streptomyces avidinii' 
_entity_src_gen.pdbx_gene_src_ncbi_taxonomy_id     1895 
_entity_src_gen.pdbx_gene_src_variant              ? 
_entity_src_gen.pdbx_gene_src_cell_line            ? 
_entity_src_gen.pdbx_gene_src_atcc                 ? 
_entity_src_gen.pdbx_gene_src_organ                ? 
_entity_src_gen.pdbx_gene_src_organelle            ? 
_entity_src_gen.pdbx_gene_src_cell                 ? 
_entity_src_gen.pdbx_gene_src_cellular_location    ? 
_entity_src_gen.host_org_common_name               ? 
_entity_src_gen.pdbx_host_org_scientific_name      'Escherichia coli' 
_entity_src_gen.pdbx_host_org_ncbi_taxonomy_id     562 
_entity_src_gen.host_org_genus                     ? 
_entity_src_gen.pdbx_host_org_gene                 ? 
_entity_src_gen.pdbx_host_org_organ                ? 
_entity_src_gen.host_org_species                   ? 
_entity_src_gen.pdbx_host_org_tissue               ? 
_entity_src_gen.pdbx_host_org_tissue_fraction      ? 
_entity_src_gen.pdbx_host_org_strain               ? 
_entity_src_gen.pdbx_host_org_variant              ? 
_entity_src_gen.pdbx_host_org_cell_line            ? 
_entity_src_gen.pdbx_host_org_atcc                 ? 
_entity_src_gen.pdbx_host_org_culture_collection   ? 
_entity_src_gen.pdbx_host_org_cell                 ? 
_entity_src_gen.pdbx_host_org_organelle            ? 
_entity_src_gen.pdbx_host_org_cellular_location    ? 
_entity_src_gen.pdbx_host_org_vector_type          ? 
_entity_src_gen.pdbx_host_org_vector               ? 
_entity_src_gen.host_org_details                   ? 
_entity_src_gen.expression_system_id               ? 
_entity_src_gen.plasmid_name                       ? 
_entity_src_gen.plasmid_details                    ? 
_entity_src_gen.pdbx_description                   ? 
# 
_struct_ref.id                         1 
_struct_ref.db_name                    UNP 
_struct_ref.db_code                    SAV_STRAV 
_struct_ref.pdbx_db_accession          P22629 
_struct_ref.pdbx_db_isoform            ? 
_struct_ref.entity_id                  1 
_struct_ref.pdbx_seq_one_letter_code   
;EAGITGTWYNQLGSTFIVTAGADGALTGTYESAVGNAESRYVLTGRYDSAPATDGSGTALGWTVAWKNNYRNAHSATTWS
GQYVGGAEARINTQWLLTSGTTEANAWKSTLVGHDTFTKVKPSAASIDAAKKAGVNNGNPLDAVQQ
;
_struct_ref.pdbx_align_begin           38 
# 
_struct_ref_seq.align_id                      1 
_struct_ref_seq.ref_id                        1 
_struct_ref_seq.pdbx_PDB_id_code              6AUL 
_struct_ref_seq.pdbx_strand_id                A 
_struct_ref_seq.seq_align_beg                 14 
_struct_ref_seq.pdbx_seq_align_beg_ins_code   ? 
_struct_ref_seq.seq_align_end                 159 
_struct_ref_seq.pdbx_seq_align_end_ins_code   ? 
_struct_ref_seq.pdbx_db_accession             P22629 
_struct_ref_seq.db_align_beg                  38 
_struct_ref_seq.pdbx_db_align_beg_ins_code    ? 
_struct_ref_seq.db_align_end                  183 
_struct_ref_seq.pdbx_db_align_end_ins_code    ? 
_struct_ref_seq.pdbx_auth_seq_align_beg       14 
_struct_ref_seq.pdbx_auth_seq_align_end       159 
# 
loop_
_struct_ref_seq_dif.align_id 
_struct_ref_seq_dif.pdbx_pdb_id_code 
_struct_ref_seq_dif.mon_id 
_struct_ref_seq_dif.pdbx_pdb_strand_id 
_struct_ref_seq_dif.seq_num 
_struct_ref_seq_dif.pdbx_pdb_ins_code 
_struct_ref_seq_dif.pdbx_seq_db_name 
_struct_ref_seq_dif.pdbx_seq_db_accession_code 
_struct_ref_seq_dif.db_mon_id 
_struct_ref_seq_dif.pdbx_seq_db_seq_num 
_struct_ref_seq_dif.details 
_struct_ref_seq_dif.pdbx_auth_seq_num 
_struct_ref_seq_dif.pdbx_ordinal 
1 6AUL MET A 1   ? UNP P22629 ?   ?   'expression tag'      1   1  
1 6AUL ALA A 2   ? UNP P22629 ?   ?   'expression tag'      2   2  
1 6AUL SER A 3   ? UNP P22629 ?   ?   'expression tag'      3   3  
1 6AUL MET A 4   ? UNP P22629 ?   ?   'expression tag'      4   4  
1 6AUL THR A 5   ? UNP P22629 ?   ?   'expression tag'      5   5  
1 6AUL GLY A 6   ? UNP P22629 ?   ?   'expression tag'      6   6  
1 6AUL GLY A 7   ? UNP P22629 ?   ?   'expression tag'      7   7  
1 6AUL GLN A 8   ? UNP P22629 ?   ?   'expression tag'      8   8  
1 6AUL GLN A 9   ? UNP P22629 ?   ?   'expression tag'      9   9  
1 6AUL MET A 10  ? UNP P22629 ?   ?   'expression tag'      10  10 
1 6AUL GLY A 11  ? UNP P22629 ?   ?   'expression tag'      11  11 
1 6AUL ARG A 12  ? UNP P22629 ?   ?   'expression tag'      12  12 
1 6AUL ASP A 13  ? UNP P22629 ?   ?   'expression tag'      13  13 
1 6AUL GLN A 101 ? UNP P22629 GLU 125 'engineered mutation' 101 14 
1 6AUL TYR A 112 ? UNP P22629 SER 136 'engineered mutation' 112 15 
1 6AUL ALA A 121 ? UNP P22629 LYS 145 'engineered mutation' 121 16 
# 
loop_
_chem_comp.id 
_chem_comp.type 
_chem_comp.mon_nstd_flag 
_chem_comp.name 
_chem_comp.pdbx_synonyms 
_chem_comp.formula 
_chem_comp.formula_weight 
ALA 'L-peptide linking' y ALANINE         ? 'C3 H7 N O2'      89.093  
ARG 'L-peptide linking' y ARGININE        ? 'C6 H15 N4 O2 1'  175.209 
ASN 'L-peptide linking' y ASPARAGINE      ? 'C4 H8 N2 O3'     132.118 
ASP 'L-peptide linking' y 'ASPARTIC ACID' ? 'C4 H7 N O4'      133.103 
BTN non-polymer         . BIOTIN          ? 'C10 H16 N2 O3 S' 244.311 
GLN 'L-peptide linking' y GLUTAMINE       ? 'C5 H10 N2 O3'    146.144 
GLU 'L-peptide linking' y 'GLUTAMIC ACID' ? 'C5 H9 N O4'      147.129 
GLY 'peptide linking'   y GLYCINE         ? 'C2 H5 N O2'      75.067  
HIS 'L-peptide linking' y HISTIDINE       ? 'C6 H10 N3 O2 1'  156.162 
HOH non-polymer         . WATER           ? 'H2 O'            18.015  
ILE 'L-peptide linking' y ISOLEUCINE      ? 'C6 H13 N O2'     131.173 
LEU 'L-peptide linking' y LEUCINE         ? 'C6 H13 N O2'     131.173 
LYS 'L-peptide linking' y LYSINE          ? 'C6 H15 N2 O2 1'  147.195 
MET 'L-peptide linking' y METHIONINE      ? 'C5 H11 N O2 S'   149.211 
PHE 'L-peptide linking' y PHENYLALANINE   ? 'C9 H11 N O2'     165.189 
PRO 'L-peptide linking' y PROLINE         ? 'C5 H9 N O2'      115.130 
SER 'L-peptide linking' y SERINE          ? 'C3 H7 N O3'      105.093 
THR 'L-peptide linking' y THREONINE       ? 'C4 H9 N O3'      119.119 
TRP 'L-peptide linking' y TRYPTOPHAN      ? 'C11 H12 N2 O2'   204.225 
TYR 'L-peptide linking' y TYROSINE        ? 'C9 H11 N O3'     181.189 
VAL 'L-peptide linking' y VALINE          ? 'C5 H11 N O2'     117.146 
# 
_exptl.absorpt_coefficient_mu     ? 
_exptl.absorpt_correction_T_max   ? 
_exptl.absorpt_correction_T_min   ? 
_exptl.absorpt_correction_type    ? 
_exptl.absorpt_process_details    ? 
_exptl.entry_id                   6AUL 
_exptl.crystals_number            1 
_exptl.details                    ? 
_exptl.method                     'X-RAY DIFFRACTION' 
_exptl.method_details             ? 
# 
_exptl_crystal.colour                      ? 
_exptl_crystal.density_diffrn              ? 
_exptl_crystal.density_Matthews            2.31 
_exptl_crystal.density_method              ? 
_exptl_crystal.density_percent_sol         46.83 
_exptl_crystal.description                 ? 
_exptl_crystal.F_000                       ? 
_exptl_crystal.id                          1 
_exptl_crystal.preparation                 ? 
_exptl_crystal.size_max                    ? 
_exptl_crystal.size_mid                    ? 
_exptl_crystal.size_min                    ? 
_exptl_crystal.size_rad                    ? 
_exptl_crystal.colour_lustre               ? 
_exptl_crystal.colour_modifier             ? 
_exptl_crystal.colour_primary              ? 
_exptl_crystal.density_meas                ? 
_exptl_crystal.density_meas_esd            ? 
_exptl_crystal.density_meas_gt             ? 
_exptl_crystal.density_meas_lt             ? 
_exptl_crystal.density_meas_temp           ? 
_exptl_crystal.density_meas_temp_esd       ? 
_exptl_crystal.density_meas_temp_gt        ? 
_exptl_crystal.density_meas_temp_lt        ? 
_exptl_crystal.pdbx_crystal_image_url      ? 
_exptl_crystal.pdbx_crystal_image_format   ? 
_exptl_crystal.pdbx_mosaicity              ? 
_exptl_crystal.pdbx_mosaicity_esd          ? 
# 
_exptl_crystal_grow.apparatus       ? 
_exptl_crystal_grow.atmosphere      ? 
_exptl_crystal_grow.crystal_id      1 
_exptl_crystal_grow.details         ? 
_exptl_crystal_grow.method          'VAPOR DIFFUSION, SITTING DROP' 
_exptl_crystal_grow.method_ref      ? 
_exptl_crystal_grow.pH              ? 
_exptl_crystal_grow.pressure        ? 
_exptl_crystal_grow.pressure_esd    ? 
_exptl_crystal_grow.seeding         ? 
_exptl_crystal_grow.seeding_ref     ? 
_exptl_crystal_grow.temp            298 
_exptl_crystal_grow.temp_details    ? 
_exptl_crystal_grow.temp_esd        ? 
_exptl_crystal_grow.time            ? 
_exptl_crystal_grow.pdbx_details    '2.6 M ammonium sulfate, 0.1 M sodium acetate, pH 4.0' 
_exptl_crystal_grow.pdbx_pH_range   ? 
# 
_diffrn.ambient_environment    ? 
_diffrn.ambient_temp           100 
_diffrn.ambient_temp_details   ? 
_diffrn.ambient_temp_esd       ? 
_diffrn.crystal_id             1 
_diffrn.crystal_support        ? 
_diffrn.crystal_treatment      ? 
_diffrn.details                ? 
_diffrn.id                     1 
_diffrn.ambient_pressure       ? 
_diffrn.ambient_pressure_esd   ? 
_diffrn.ambient_pressure_gt    ? 
_diffrn.ambient_pressure_lt    ? 
_diffrn.ambient_temp_gt        ? 
_diffrn.ambient_temp_lt        ? 
# 
_diffrn_detector.details                      ? 
_diffrn_detector.detector                     PIXEL 
_diffrn_detector.diffrn_id                    1 
_diffrn_detector.type                         'DECTRIS PILATUS 6M' 
_diffrn_detector.area_resol_mean              ? 
_diffrn_detector.dtime                        ? 
_diffrn_detector.pdbx_frames_total            ? 
_diffrn_detector.pdbx_collection_time_total   ? 
_diffrn_detector.pdbx_collection_date         2017-05-28 
# 
_diffrn_radiation.collimation                      ? 
_diffrn_radiation.diffrn_id                        1 
_diffrn_radiation.filter_edge                      ? 
_diffrn_radiation.inhomogeneity                    ? 
_diffrn_radiation.monochromator                    ? 
_diffrn_radiation.polarisn_norm                    ? 
_diffrn_radiation.polarisn_ratio                   ? 
_diffrn_radiation.probe                            ? 
_diffrn_radiation.type                             ? 
_diffrn_radiation.xray_symbol                      ? 
_diffrn_radiation.wavelength_id                    1 
_diffrn_radiation.pdbx_monochromatic_or_laue_m_l   M 
_diffrn_radiation.pdbx_wavelength_list             ? 
_diffrn_radiation.pdbx_wavelength                  ? 
_diffrn_radiation.pdbx_diffrn_protocol             'SINGLE WAVELENGTH' 
_diffrn_radiation.pdbx_analyzer                    ? 
_diffrn_radiation.pdbx_scattering_type             x-ray 
# 
_diffrn_radiation_wavelength.id           1 
_diffrn_radiation_wavelength.wavelength   1 
_diffrn_radiation_wavelength.wt           1.0 
# 
_diffrn_source.current                     ? 
_diffrn_source.details                     ? 
_diffrn_source.diffrn_id                   1 
_diffrn_source.power                       ? 
_diffrn_source.size                        ? 
_diffrn_source.source                      SYNCHROTRON 
_diffrn_source.target                      ? 
_diffrn_source.type                        'SSRL BEAMLINE BL9-2' 
_diffrn_source.voltage                     ? 
_diffrn_source.take-off_angle              ? 
_diffrn_source.pdbx_wavelength_list        1 
_diffrn_source.pdbx_wavelength             ? 
_diffrn_source.pdbx_synchrotron_beamline   BL9-2 
_diffrn_source.pdbx_synchrotron_site       SSRL 
# 
_reflns.B_iso_Wilson_estimate            ? 
_reflns.entry_id                         6AUL 
_reflns.data_reduction_details           ? 
_reflns.data_reduction_method            ? 
_reflns.d_resolution_high                1.36 
_reflns.d_resolution_low                 37.33 
_reflns.details                          ? 
_reflns.limit_h_max                      ? 
_reflns.limit_h_min                      ? 
_reflns.limit_k_max                      ? 
_reflns.limit_k_min                      ? 
_reflns.limit_l_max                      ? 
_reflns.limit_l_min                      ? 
_reflns.number_all                       ? 
_reflns.number_obs                       33716 
_reflns.observed_criterion               ? 
_reflns.observed_criterion_F_max         ? 
_reflns.observed_criterion_F_min         ? 
_reflns.observed_criterion_I_max         ? 
_reflns.observed_criterion_I_min         ? 
_reflns.observed_criterion_sigma_F       ? 
_reflns.observed_criterion_sigma_I       ? 
_reflns.percent_possible_obs             99.4 
_reflns.R_free_details                   ? 
_reflns.Rmerge_F_all                     ? 
_reflns.Rmerge_F_obs                     ? 
_reflns.Friedel_coverage                 ? 
_reflns.number_gt                        ? 
_reflns.threshold_expression             ? 
_reflns.pdbx_redundancy                  10.2 
_reflns.pdbx_Rmerge_I_obs                0.063 
_reflns.pdbx_Rmerge_I_all                ? 
_reflns.pdbx_Rsym_value                  ? 
_reflns.pdbx_netI_over_av_sigmaI         ? 
_reflns.pdbx_netI_over_sigmaI            14.9 
_reflns.pdbx_res_netI_over_av_sigmaI_2   ? 
_reflns.pdbx_res_netI_over_sigmaI_2      ? 
_reflns.pdbx_chi_squared                 ? 
_reflns.pdbx_scaling_rejects             ? 
_reflns.pdbx_d_res_high_opt              ? 
_reflns.pdbx_d_res_low_opt               ? 
_reflns.pdbx_d_res_opt_method            ? 
_reflns.phase_calculation_details        ? 
_reflns.pdbx_Rrim_I_all                  ? 
_reflns.pdbx_Rpim_I_all                  ? 
_reflns.pdbx_d_opt                       ? 
_reflns.pdbx_number_measured_all         ? 
_reflns.pdbx_diffrn_id                   1 
_reflns.pdbx_ordinal                     1 
_reflns.pdbx_CC_half                     0.996 
_reflns.pdbx_R_split                     ? 
# 
_reflns_shell.d_res_high                  . 
_reflns_shell.d_res_low                   ? 
_reflns_shell.meanI_over_sigI_all         ? 
_reflns_shell.meanI_over_sigI_obs         ? 
_reflns_shell.number_measured_all         ? 
_reflns_shell.number_measured_obs         ? 
_reflns_shell.number_possible             ? 
_reflns_shell.number_unique_all           ? 
_reflns_shell.number_unique_obs           ? 
_reflns_shell.percent_possible_all        ? 
_reflns_shell.percent_possible_obs        ? 
_reflns_shell.Rmerge_F_all                ? 
_reflns_shell.Rmerge_F_obs                ? 
_reflns_shell.Rmerge_I_all                ? 
_reflns_shell.Rmerge_I_obs                ? 
_reflns_shell.meanI_over_sigI_gt          ? 
_reflns_shell.meanI_over_uI_all           ? 
_reflns_shell.meanI_over_uI_gt            ? 
_reflns_shell.number_measured_gt          ? 
_reflns_shell.number_unique_gt            ? 
_reflns_shell.percent_possible_gt         ? 
_reflns_shell.Rmerge_F_gt                 ? 
_reflns_shell.Rmerge_I_gt                 ? 
_reflns_shell.pdbx_redundancy             ? 
_reflns_shell.pdbx_Rsym_value             ? 
_reflns_shell.pdbx_chi_squared            ? 
_reflns_shell.pdbx_netI_over_sigmaI_all   ? 
_reflns_shell.pdbx_netI_over_sigmaI_obs   ? 
_reflns_shell.pdbx_Rrim_I_all             ? 
_reflns_shell.pdbx_Rpim_I_all             ? 
_reflns_shell.pdbx_rejects                ? 
_reflns_shell.pdbx_ordinal                1 
_reflns_shell.pdbx_diffrn_id              1 
_reflns_shell.pdbx_CC_half                ? 
_reflns_shell.pdbx_R_split                ? 
# 
_refine.aniso_B[1][1]                            -0.01 
_refine.aniso_B[1][2]                            0.00 
_refine.aniso_B[1][3]                            -0.00 
_refine.aniso_B[2][2]                            -0.01 
_refine.aniso_B[2][3]                            -0.00 
_refine.aniso_B[3][3]                            0.03 
_refine.B_iso_max                                ? 
_refine.B_iso_mean                               19.701 
_refine.B_iso_min                                ? 
_refine.correlation_coeff_Fo_to_Fc               0.968 
_refine.correlation_coeff_Fo_to_Fc_free          0.970 
_refine.details                                  'HYDROGENS HAVE BEEN ADDED IN THE RIDING POSITIONS' 
_refine.diff_density_max                         ? 
_refine.diff_density_max_esd                     ? 
_refine.diff_density_min                         ? 
_refine.diff_density_min_esd                     ? 
_refine.diff_density_rms                         ? 
_refine.diff_density_rms_esd                     ? 
_refine.entry_id                                 6AUL 
_refine.pdbx_refine_id                           'X-RAY DIFFRACTION' 
_refine.ls_abs_structure_details                 ? 
_refine.ls_abs_structure_Flack                   ? 
_refine.ls_abs_structure_Flack_esd               ? 
_refine.ls_abs_structure_Rogers                  ? 
_refine.ls_abs_structure_Rogers_esd              ? 
_refine.ls_d_res_high                            1.36 
_refine.ls_d_res_low                             37.33 
_refine.ls_extinction_coef                       ? 
_refine.ls_extinction_coef_esd                   ? 
_refine.ls_extinction_expression                 ? 
_refine.ls_extinction_method                     ? 
_refine.ls_goodness_of_fit_all                   ? 
_refine.ls_goodness_of_fit_all_esd               ? 
_refine.ls_goodness_of_fit_obs                   ? 
_refine.ls_goodness_of_fit_obs_esd               ? 
_refine.ls_hydrogen_treatment                    ? 
_refine.ls_matrix_type                           ? 
_refine.ls_number_constraints                    ? 
_refine.ls_number_parameters                     ? 
_refine.ls_number_reflns_all                     ? 
_refine.ls_number_reflns_obs                     31936 
_refine.ls_number_reflns_R_free                  1670 
_refine.ls_number_reflns_R_work                  ? 
_refine.ls_number_restraints                     ? 
_refine.ls_percent_reflns_obs                    99.09 
_refine.ls_percent_reflns_R_free                 5.0 
_refine.ls_R_factor_all                          ? 
_refine.ls_R_factor_obs                          0.18059 
_refine.ls_R_factor_R_free                       0.19524 
_refine.ls_R_factor_R_free_error                 ? 
_refine.ls_R_factor_R_free_error_details         ? 
_refine.ls_R_factor_R_work                       0.17985 
_refine.ls_R_Fsqd_factor_obs                     ? 
_refine.ls_R_I_factor_obs                        ? 
_refine.ls_redundancy_reflns_all                 ? 
_refine.ls_redundancy_reflns_obs                 ? 
_refine.ls_restrained_S_all                      ? 
_refine.ls_restrained_S_obs                      ? 
_refine.ls_shift_over_esd_max                    ? 
_refine.ls_shift_over_esd_mean                   ? 
_refine.ls_structure_factor_coef                 ? 
_refine.ls_weighting_details                     ? 
_refine.ls_weighting_scheme                      ? 
_refine.ls_wR_factor_all                         ? 
_refine.ls_wR_factor_obs                         ? 
_refine.ls_wR_factor_R_free                      ? 
_refine.ls_wR_factor_R_work                      ? 
_refine.occupancy_max                            ? 
_refine.occupancy_min                            ? 
_refine.solvent_model_details                    MASK 
_refine.solvent_model_param_bsol                 ? 
_refine.solvent_model_param_ksol                 ? 
_refine.ls_R_factor_gt                           ? 
_refine.ls_goodness_of_fit_gt                    ? 
_refine.ls_goodness_of_fit_ref                   ? 
_refine.ls_shift_over_su_max                     ? 
_refine.ls_shift_over_su_max_lt                  ? 
_refine.ls_shift_over_su_mean                    ? 
_refine.ls_shift_over_su_mean_lt                 ? 
_refine.pdbx_ls_sigma_I                          ? 
_refine.pdbx_ls_sigma_F                          ? 
_refine.pdbx_ls_sigma_Fsqd                       ? 
_refine.pdbx_data_cutoff_high_absF               ? 
_refine.pdbx_data_cutoff_high_rms_absF           ? 
_refine.pdbx_data_cutoff_low_absF                ? 
_refine.pdbx_isotropic_thermal_model             ? 
_refine.pdbx_ls_cross_valid_method               THROUGHOUT 
_refine.pdbx_method_to_determine_struct          'MOLECULAR REPLACEMENT' 
_refine.pdbx_starting_model                      2QCB 
_refine.pdbx_stereochemistry_target_values       'MAXIMUM LIKELIHOOD' 
_refine.pdbx_R_Free_selection_details            RANDOM 
_refine.pdbx_stereochem_target_val_spec_case     ? 
_refine.pdbx_overall_ESU_R                       0.048 
_refine.pdbx_overall_ESU_R_Free                  0.049 
_refine.pdbx_solvent_vdw_probe_radii             1.20 
_refine.pdbx_solvent_ion_probe_radii             0.80 
_refine.pdbx_solvent_shrinkage_radii             0.80 
_refine.pdbx_real_space_R                        ? 
_refine.pdbx_density_correlation                 ? 
_refine.pdbx_pd_number_of_powder_patterns        ? 
_refine.pdbx_pd_number_of_points                 ? 
_refine.pdbx_pd_meas_number_of_points            ? 
_refine.pdbx_pd_proc_ls_prof_R_factor            ? 
_refine.pdbx_pd_proc_ls_prof_wR_factor           ? 
_refine.pdbx_pd_Marquardt_correlation_coeff      ? 
_refine.pdbx_pd_Fsqrd_R_factor                   ? 
_refine.pdbx_pd_ls_matrix_band_width             ? 
_refine.pdbx_overall_phase_error                 ? 
_refine.pdbx_overall_SU_R_free_Cruickshank_DPI   ? 
_refine.pdbx_overall_SU_R_free_Blow_DPI          ? 
_refine.pdbx_overall_SU_R_Blow_DPI               ? 
_refine.pdbx_TLS_residual_ADP_flag               ? 
_refine.pdbx_diffrn_id                           1 
_refine.overall_SU_B                             0.887 
_refine.overall_SU_ML                            0.035 
_refine.overall_SU_R_Cruickshank_DPI             ? 
_refine.overall_SU_R_free                        ? 
_refine.overall_FOM_free_R_set                   ? 
_refine.overall_FOM_work_R_set                   ? 
_refine.pdbx_average_fsc_overall                 ? 
_refine.pdbx_average_fsc_work                    ? 
_refine.pdbx_average_fsc_free                    ? 
# 
_refine_hist.pdbx_refine_id                   'X-RAY DIFFRACTION' 
_refine_hist.cycle_id                         1 
_refine_hist.pdbx_number_atoms_protein        921 
_refine_hist.pdbx_number_atoms_nucleic_acid   0 
_refine_hist.pdbx_number_atoms_ligand         16 
_refine_hist.number_atoms_solvent             76 
_refine_hist.number_atoms_total               1013 
_refine_hist.d_res_high                       1.36 
_refine_hist.d_res_low                        37.33 
# 
loop_
_refine_ls_restr.pdbx_refine_id 
_refine_ls_restr.criterion 
_refine_ls_restr.dev_ideal 
_refine_ls_restr.dev_ideal_target 
_refine_ls_restr.number 
_refine_ls_restr.rejects 
_refine_ls_restr.type 
_refine_ls_restr.weight 
_refine_ls_restr.pdbx_restraint_function 
'X-RAY DIFFRACTION' ? 0.030  0.020  970  ? r_bond_refined_d             ? ? 
'X-RAY DIFFRACTION' ? 0.002  0.020  835  ? r_bond_other_d               ? ? 
'X-RAY DIFFRACTION' ? 2.622  1.902  1329 ? r_angle_refined_deg          ? ? 
'X-RAY DIFFRACTION' ? 2.554  3.000  1901 ? r_angle_other_deg            ? ? 
'X-RAY DIFFRACTION' ? 7.571  5.000  122  ? r_dihedral_angle_1_deg       ? ? 
'X-RAY DIFFRACTION' ? 24.902 23.409 44   ? r_dihedral_angle_2_deg       ? ? 
'X-RAY DIFFRACTION' ? 13.238 15.000 126  ? r_dihedral_angle_3_deg       ? ? 
'X-RAY DIFFRACTION' ? 19.106 15.000 6    ? r_dihedral_angle_4_deg       ? ? 
'X-RAY DIFFRACTION' ? 0.194  0.200  146  ? r_chiral_restr               ? ? 
'X-RAY DIFFRACTION' ? 0.015  0.020  1139 ? r_gen_planes_refined         ? ? 
'X-RAY DIFFRACTION' ? 0.001  0.020  251  ? r_gen_planes_other           ? ? 
'X-RAY DIFFRACTION' ? ?      ?      ?    ? r_nbd_refined                ? ? 
'X-RAY DIFFRACTION' ? ?      ?      ?    ? r_nbd_other                  ? ? 
'X-RAY DIFFRACTION' ? ?      ?      ?    ? r_nbtor_refined              ? ? 
'X-RAY DIFFRACTION' ? ?      ?      ?    ? r_nbtor_other                ? ? 
'X-RAY DIFFRACTION' ? ?      ?      ?    ? r_xyhbond_nbd_refined        ? ? 
'X-RAY DIFFRACTION' ? ?      ?      ?    ? r_xyhbond_nbd_other          ? ? 
'X-RAY DIFFRACTION' ? ?      ?      ?    ? r_metal_ion_refined          ? ? 
'X-RAY DIFFRACTION' ? ?      ?      ?    ? r_metal_ion_other            ? ? 
'X-RAY DIFFRACTION' ? ?      ?      ?    ? r_symmetry_vdw_refined       ? ? 
'X-RAY DIFFRACTION' ? ?      ?      ?    ? r_symmetry_vdw_other         ? ? 
'X-RAY DIFFRACTION' ? ?      ?      ?    ? r_symmetry_hbond_refined     ? ? 
'X-RAY DIFFRACTION' ? ?      ?      ?    ? r_symmetry_hbond_other       ? ? 
'X-RAY DIFFRACTION' ? ?      ?      ?    ? r_symmetry_metal_ion_refined ? ? 
'X-RAY DIFFRACTION' ? ?      ?      ?    ? r_symmetry_metal_ion_other   ? ? 
'X-RAY DIFFRACTION' ? 2.136  1.849  491  ? r_mcbond_it                  ? ? 
'X-RAY DIFFRACTION' ? 2.113  1.845  490  ? r_mcbond_other               ? ? 
'X-RAY DIFFRACTION' ? 3.132  2.768  612  ? r_mcangle_it                 ? ? 
'X-RAY DIFFRACTION' ? 3.130  2.772  613  ? r_mcangle_other              ? ? 
'X-RAY DIFFRACTION' ? 3.268  2.029  479  ? r_scbond_it                  ? ? 
'X-RAY DIFFRACTION' ? 3.316  2.055  464  ? r_scbond_other               ? ? 
'X-RAY DIFFRACTION' ? ?      ?      ?    ? r_scangle_it                 ? ? 
'X-RAY DIFFRACTION' ? 4.511  2.973  694  ? r_scangle_other              ? ? 
'X-RAY DIFFRACTION' ? 5.546  21.658 1082 ? r_long_range_B_refined       ? ? 
'X-RAY DIFFRACTION' ? 5.513  21.385 1064 ? r_long_range_B_other         ? ? 
'X-RAY DIFFRACTION' ? ?      ?      ?    ? r_rigid_bond_restr           ? ? 
'X-RAY DIFFRACTION' ? ?      ?      ?    ? r_sphericity_free            ? ? 
'X-RAY DIFFRACTION' ? ?      ?      ?    ? r_sphericity_bonded          ? ? 
# 
_refine_ls_shell.pdbx_refine_id                   'X-RAY DIFFRACTION' 
_refine_ls_shell.d_res_high                       1.362 
_refine_ls_shell.d_res_low                        1.397 
_refine_ls_shell.number_reflns_all                ? 
_refine_ls_shell.number_reflns_obs                ? 
_refine_ls_shell.number_reflns_R_free             112 
_refine_ls_shell.number_reflns_R_work             2164 
_refine_ls_shell.percent_reflns_obs               92.63 
_refine_ls_shell.percent_reflns_R_free            ? 
_refine_ls_shell.R_factor_all                     ? 
_refine_ls_shell.R_factor_obs                     ? 
_refine_ls_shell.R_factor_R_free                  0.315 
_refine_ls_shell.R_factor_R_free_error            ? 
_refine_ls_shell.R_factor_R_work                  0.313 
_refine_ls_shell.redundancy_reflns_all            ? 
_refine_ls_shell.redundancy_reflns_obs            ? 
_refine_ls_shell.wR_factor_all                    ? 
_refine_ls_shell.wR_factor_obs                    ? 
_refine_ls_shell.wR_factor_R_free                 ? 
_refine_ls_shell.wR_factor_R_work                 ? 
_refine_ls_shell.pdbx_total_number_of_bins_used   20 
_refine_ls_shell.pdbx_phase_error                 ? 
_refine_ls_shell.pdbx_fsc_work                    ? 
_refine_ls_shell.pdbx_fsc_free                    ? 
# 
_struct.entry_id                     6AUL 
_struct.title                        'Artificial Metalloproteins Containing a Co4O4 Active Site - 2xm-S112Y-b' 
_struct.pdbx_model_details           ? 
_struct.pdbx_formula_weight          ? 
_struct.pdbx_formula_weight_method   ? 
_struct.pdbx_model_type_details      ? 
_struct.pdbx_CASP_flag               N 
# 
_struct_keywords.entry_id        6AUL 
_struct_keywords.text            
'streptavidin, biotin, artificial metalloprotein, Co4O4, photosynthesis, water oxidation, biomimetic, BIOTIN-BINDING PROTEIN' 
_struct_keywords.pdbx_keywords   'BIOTIN-BINDING PROTEIN' 
# 
loop_
_struct_asym.id 
_struct_asym.pdbx_blank_PDB_chainid_flag 
_struct_asym.pdbx_modified 
_struct_asym.entity_id 
_struct_asym.details 
A N N 1 ? 
B N N 2 ? 
C N N 3 ? 
# 
loop_
_struct_conf.conf_type_id 
_struct_conf.id 
_struct_conf.pdbx_PDB_helix_id 
_struct_conf.beg_label_comp_id 
_struct_conf.beg_label_asym_id 
_struct_conf.beg_label_seq_id 
_struct_conf.pdbx_beg_PDB_ins_code 
_struct_conf.end_label_comp_id 
_struct_conf.end_label_asym_id 
_struct_conf.end_label_seq_id 
_struct_conf.pdbx_end_PDB_ins_code 
_struct_conf.beg_auth_comp_id 
_struct_conf.beg_auth_asym_id 
_struct_conf.beg_auth_seq_id 
_struct_conf.end_auth_comp_id 
_struct_conf.end_auth_asym_id 
_struct_conf.end_auth_seq_id 
_struct_conf.pdbx_PDB_helix_class 
_struct_conf.details 
_struct_conf.pdbx_PDB_helix_length 
HELX_P HELX_P1 AA1 ASP A 13  ? THR A 18  ? ASP A 13  THR A 18  1 ? 6 
HELX_P HELX_P2 AA2 THR A 115 ? ALA A 121 ? THR A 115 ALA A 121 5 ? 7 
# 
_struct_conf_type.id          HELX_P 
_struct_conf_type.criteria    ? 
_struct_conf_type.reference   ? 
# 
_struct_sheet.id               AA1 
_struct_sheet.type             ? 
_struct_sheet.number_strands   9 
_struct_sheet.details          ? 
# 
loop_
_struct_sheet_order.sheet_id 
_struct_sheet_order.range_id_1 
_struct_sheet_order.range_id_2 
_struct_sheet_order.offset 
_struct_sheet_order.sense 
AA1 1 2 ? anti-parallel 
AA1 2 3 ? anti-parallel 
AA1 3 4 ? anti-parallel 
AA1 4 5 ? anti-parallel 
AA1 5 6 ? anti-parallel 
AA1 6 7 ? anti-parallel 
AA1 7 8 ? anti-parallel 
AA1 8 9 ? anti-parallel 
# 
loop_
_struct_sheet_range.sheet_id 
_struct_sheet_range.id 
_struct_sheet_range.beg_label_comp_id 
_struct_sheet_range.beg_label_asym_id 
_struct_sheet_range.beg_label_seq_id 
_struct_sheet_range.pdbx_beg_PDB_ins_code 
_struct_sheet_range.end_label_comp_id 
_struct_sheet_range.end_label_asym_id 
_struct_sheet_range.end_label_seq_id 
_struct_sheet_range.pdbx_end_PDB_ins_code 
_struct_sheet_range.beg_auth_comp_id 
_struct_sheet_range.beg_auth_asym_id 
_struct_sheet_range.beg_auth_seq_id 
_struct_sheet_range.end_auth_comp_id 
_struct_sheet_range.end_auth_asym_id 
_struct_sheet_range.end_auth_seq_id 
AA1 1 GLY A 19  ? ASN A 23  ? GLY A 19  ASN A 23  
AA1 2 THR A 28  ? ALA A 33  ? THR A 28  ALA A 33  
AA1 3 ALA A 38  ? GLU A 44  ? ALA A 38  GLU A 44  
AA1 4 TYR A 54  ? TYR A 60  ? TYR A 54  TYR A 60  
AA1 5 THR A 71  ? LYS A 80  ? THR A 71  LYS A 80  
AA1 6 ASN A 85  ? VAL A 97  ? ASN A 85  VAL A 97  
AA1 7 ARG A 103 ? TYR A 112 ? ARG A 103 TYR A 112 
AA1 8 THR A 123 ? THR A 131 ? THR A 123 THR A 131 
AA1 9 GLY A 19  ? ASN A 23  ? GLY A 19  ASN A 23  
# 
loop_
_pdbx_struct_sheet_hbond.sheet_id 
_pdbx_struct_sheet_hbond.range_id_1 
_pdbx_struct_sheet_hbond.range_id_2 
_pdbx_struct_sheet_hbond.range_1_label_atom_id 
_pdbx_struct_sheet_hbond.range_1_label_comp_id 
_pdbx_struct_sheet_hbond.range_1_label_asym_id 
_pdbx_struct_sheet_hbond.range_1_label_seq_id 
_pdbx_struct_sheet_hbond.range_1_PDB_ins_code 
_pdbx_struct_sheet_hbond.range_1_auth_atom_id 
_pdbx_struct_sheet_hbond.range_1_auth_comp_id 
_pdbx_struct_sheet_hbond.range_1_auth_asym_id 
_pdbx_struct_sheet_hbond.range_1_auth_seq_id 
_pdbx_struct_sheet_hbond.range_2_label_atom_id 
_pdbx_struct_sheet_hbond.range_2_label_comp_id 
_pdbx_struct_sheet_hbond.range_2_label_asym_id 
_pdbx_struct_sheet_hbond.range_2_label_seq_id 
_pdbx_struct_sheet_hbond.range_2_PDB_ins_code 
_pdbx_struct_sheet_hbond.range_2_auth_atom_id 
_pdbx_struct_sheet_hbond.range_2_auth_comp_id 
_pdbx_struct_sheet_hbond.range_2_auth_asym_id 
_pdbx_struct_sheet_hbond.range_2_auth_seq_id 
AA1 1 2 N GLY A 19  ? N GLY A 19  O VAL A 31  ? O VAL A 31  
AA1 2 3 N THR A 32  ? N THR A 32  O THR A 40  ? O THR A 40  
AA1 3 4 N LEU A 39  ? N LEU A 39  O GLY A 58  ? O GLY A 58  
AA1 4 5 N THR A 57  ? N THR A 57  O THR A 76  ? O THR A 76  
AA1 5 6 N LEU A 73  ? N LEU A 73  O GLY A 94  ? O GLY A 94  
AA1 6 7 N VAL A 97  ? N VAL A 97  O ARG A 103 ? O ARG A 103 
AA1 7 8 N LEU A 110 ? N LEU A 110 O LEU A 124 ? O LEU A 124 
AA1 8 9 O THR A 131 ? O THR A 131 N TYR A 22  ? N TYR A 22  
# 
_struct_site.id                   AC1 
_struct_site.pdbx_evidence_code   Software 
_struct_site.pdbx_auth_asym_id    A 
_struct_site.pdbx_auth_comp_id    BTN 
_struct_site.pdbx_auth_seq_id     201 
_struct_site.pdbx_auth_ins_code   ? 
_struct_site.pdbx_num_residues    14 
_struct_site.details              'binding site for residue BTN A 201' 
# 
loop_
_struct_site_gen.id 
_struct_site_gen.site_id 
_struct_site_gen.pdbx_num_res 
_struct_site_gen.label_comp_id 
_struct_site_gen.label_asym_id 
_struct_site_gen.label_seq_id 
_struct_site_gen.pdbx_auth_ins_code 
_struct_site_gen.auth_comp_id 
_struct_site_gen.auth_asym_id 
_struct_site_gen.auth_seq_id 
_struct_site_gen.label_atom_id 
_struct_site_gen.label_alt_id 
_struct_site_gen.symmetry 
_struct_site_gen.details 
1  AC1 14 ASN A 23  ? ASN A 23  . ? 1_555  ? 
2  AC1 14 SER A 27  ? SER A 27  . ? 1_555  ? 
3  AC1 14 TYR A 43  ? TYR A 43  . ? 1_555  ? 
4  AC1 14 SER A 45  ? SER A 45  . ? 1_555  ? 
5  AC1 14 VAL A 47  ? VAL A 47  . ? 1_555  ? 
6  AC1 14 ASN A 49  ? ASN A 49  . ? 1_555  ? 
7  AC1 14 TRP A 79  ? TRP A 79  . ? 1_555  ? 
8  AC1 14 SER A 88  ? SER A 88  . ? 1_555  ? 
9  AC1 14 THR A 90  ? THR A 90  . ? 1_555  ? 
10 AC1 14 TRP A 108 ? TRP A 108 . ? 1_555  ? 
11 AC1 14 TYR A 112 ? TYR A 112 . ? 1_555  ? 
12 AC1 14 TRP A 120 ? TRP A 120 . ? 10_665 ? 
13 AC1 14 ASP A 128 ? ASP A 128 . ? 1_555  ? 
14 AC1 14 HOH C .   ? HOH A 301 . ? 1_555  ? 
# 
_atom_sites.entry_id                    6AUL 
_atom_sites.fract_transf_matrix[1][1]   0.01330675 
_atom_sites.fract_transf_matrix[1][2]   -0.00505118 
_atom_sites.fract_transf_matrix[1][3]   -0.00986029 
_atom_sites.fract_transf_matrix[2][1]   0.01046345 
_atom_sites.fract_transf_matrix[2][2]   0.01079445 
_atom_sites.fract_transf_matrix[2][3]   0.00859101 
_atom_sites.fract_transf_matrix[3][1]   0.00114220 
_atom_sites.fract_transf_matrix[3][2]   -0.00394054 
_atom_sites.fract_transf_matrix[3][3]   0.00356007 
_atom_sites.fract_transf_vector[1]      0.240854 
_atom_sites.fract_transf_vector[2]      0.422522 
_atom_sites.fract_transf_vector[3]      -0.009091 
# 
loop_
_atom_type.symbol 
C 
N 
O 
S 
# 
loop_
_atom_site.group_PDB 
_atom_site.id 
_atom_site.type_symbol 
_atom_site.label_atom_id 
_atom_site.label_alt_id 
_atom_site.label_comp_id 
_atom_site.label_asym_id 
_atom_site.label_entity_id 
_atom_site.label_seq_id 
_atom_site.pdbx_PDB_ins_code 
_atom_site.Cartn_x 
_atom_site.Cartn_y 
_atom_site.Cartn_z 
_atom_site.occupancy 
_atom_site.B_iso_or_equiv 
_atom_site.pdbx_formal_charge 
_atom_site.auth_seq_id 
_atom_site.auth_comp_id 
_atom_site.auth_asym_id 
_atom_site.auth_atom_id 
_atom_site.pdbx_PDB_model_num 
ATOM   1    N N   . GLY A 1 11  ? -8.517  -11.928 12.254  1.00 43.16 ? 11  GLY A N   1 
ATOM   2    C CA  . GLY A 1 11  ? -7.006  -11.871 12.186  1.00 43.22 ? 11  GLY A CA  1 
ATOM   3    C C   . GLY A 1 11  ? -6.467  -11.156 13.393  1.00 35.07 ? 11  GLY A C   1 
ATOM   4    O O   . GLY A 1 11  ? -7.168  -10.240 13.904  1.00 30.54 ? 11  GLY A O   1 
ATOM   5    N N   . ARG A 1 12  ? -5.235  -11.449 13.812  1.00 31.02 ? 12  ARG A N   1 
ATOM   6    C CA  . ARG A 1 12  ? -4.656  -10.843 15.065  1.00 33.60 ? 12  ARG A CA  1 
ATOM   7    C C   . ARG A 1 12  ? -4.675  -9.313  14.961  1.00 36.13 ? 12  ARG A C   1 
ATOM   8    O O   . ARG A 1 12  ? -5.005  -8.610  15.892  1.00 38.12 ? 12  ARG A O   1 
ATOM   9    C CB  . ARG A 1 12  ? -3.268  -11.402 15.286  1.00 34.09 ? 12  ARG A CB  1 
ATOM   10   C CG  . ARG A 1 12  ? -2.371  -10.822 16.389  1.00 37.80 ? 12  ARG A CG  1 
ATOM   11   C CD  . ARG A 1 12  ? -2.930  -11.150 17.755  1.00 47.47 ? 12  ARG A CD  1 
ATOM   12   N NE  . ARG A 1 12  ? -2.286  -10.359 18.802  1.00 55.30 ? 12  ARG A NE  1 
ATOM   13   C CZ  . ARG A 1 12  ? -2.491  -9.054  19.039  1.00 55.48 ? 12  ARG A CZ  1 
ATOM   14   N NH1 . ARG A 1 12  ? -1.834  -8.481  20.053  1.00 63.87 ? 12  ARG A NH1 1 
ATOM   15   N NH2 . ARG A 1 12  ? -3.322  -8.304  18.277  1.00 49.51 ? 12  ARG A NH2 1 
ATOM   16   N N   . ASP A 1 13  ? -4.315  -8.782  13.793  1.00 34.05 ? 13  ASP A N   1 
ATOM   17   C CA  . ASP A 1 13  ? -4.209  -7.349  13.640  1.00 27.56 ? 13  ASP A CA  1 
ATOM   18   C C   . ASP A 1 13  ? -5.262  -6.846  12.760  1.00 26.55 ? 13  ASP A C   1 
ATOM   19   O O   . ASP A 1 13  ? -5.102  -5.728  12.180  1.00 27.36 ? 13  ASP A O   1 
ATOM   20   C CB  . ASP A 1 13  ? -2.847  -6.998  13.073  1.00 30.36 ? 13  ASP A CB  1 
ATOM   21   C CG  . ASP A 1 13  ? -1.759  -7.506  13.902  1.00 29.67 ? 13  ASP A CG  1 
ATOM   22   O OD1 . ASP A 1 13  ? -1.631  -7.147  15.112  1.00 36.89 ? 13  ASP A OD1 1 
ATOM   23   O OD2 . ASP A 1 13  ? -1.039  -8.333  13.389  1.00 28.93 ? 13  ASP A OD2 1 
ATOM   24   N N   . GLU A 1 14  ? -6.358  -7.557  12.563  1.00 26.32 ? 14  GLU A N   1 
ATOM   25   C CA  . GLU A 1 14  ? -7.433  -7.045  11.737  1.00 27.49 ? 14  GLU A CA  1 
ATOM   26   C C   . GLU A 1 14  ? -7.861  -5.614  12.214  1.00 29.08 ? 14  GLU A C   1 
ATOM   27   O O   . GLU A 1 14  ? -8.012  -4.631  11.447  1.00 26.31 ? 14  GLU A O   1 
ATOM   28   C CB  . GLU A 1 14  ? -8.574  -8.066  11.810  1.00 27.01 ? 14  GLU A CB  1 
ATOM   29   C CG  . GLU A 1 14  ? -9.717  -7.668  10.975  1.00 30.42 ? 14  GLU A CG  1 
ATOM   30   C CD  . GLU A 1 14  ? -10.798 -8.761  10.900  1.00 32.16 ? 14  GLU A CD  1 
ATOM   31   O OE1 . GLU A 1 14  ? -11.840 -8.434  10.274  1.00 39.89 ? 14  GLU A OE1 1 
ATOM   32   O OE2 . GLU A 1 14  ? -10.560 -9.852  11.515  1.00 36.03 ? 14  GLU A OE2 1 
ATOM   33   N N   . ALA A 1 15  ? -8.114  -5.493  13.523  1.00 29.89 ? 15  ALA A N   1 
ATOM   34   C CA  . ALA A 1 15  ? -8.503  -4.245  14.074  1.00 32.58 ? 15  ALA A CA  1 
ATOM   35   C C   . ALA A 1 15  ? -7.447  -3.139  13.983  1.00 30.53 ? 15  ALA A C   1 
ATOM   36   O O   . ALA A 1 15  ? -7.822  -2.010  13.617  1.00 36.14 ? 15  ALA A O   1 
ATOM   37   C CB  . ALA A 1 15  ? -8.930  -4.482  15.522  1.00 38.50 ? 15  ALA A CB  1 
ATOM   38   N N   . GLY A 1 16  ? -6.143  -3.508  14.155  1.00 26.95 ? 16  GLY A N   1 
ATOM   39   C CA  . GLY A 1 16  ? -5.024  -2.592  14.128  1.00 22.56 ? 16  GLY A CA  1 
ATOM   40   C C   . GLY A 1 16  ? -4.837  -2.044  12.705  1.00 20.61 ? 16  GLY A C   1 
ATOM   41   O O   . GLY A 1 16  ? -4.530  -0.901  12.532  1.00 21.82 ? 16  GLY A O   1 
ATOM   42   N N   . ILE A 1 17  ? -5.016  -2.896  11.704  1.00 18.39 ? 17  ILE A N   1 
ATOM   43   C CA  . ILE A 1 17  ? -4.729  -2.431  10.319  1.00 18.54 ? 17  ILE A CA  1 
ATOM   44   C C   . ILE A 1 17  ? -5.852  -1.661  9.726   1.00 19.53 ? 17  ILE A C   1 
ATOM   45   O O   . ILE A 1 17  ? -5.646  -0.669  8.988   1.00 17.92 ? 17  ILE A O   1 
ATOM   46   C CB  . ILE A 1 17  ? -4.383  -3.632  9.408   1.00 20.11 ? 17  ILE A CB  1 
ATOM   47   C CG1 . ILE A 1 17  ? -3.110  -4.262  9.961   1.00 21.37 ? 17  ILE A CG1 1 
ATOM   48   C CG2 . ILE A 1 17  ? -4.348  -3.263  7.919   1.00 19.37 ? 17  ILE A CG2 1 
ATOM   49   C CD1 . ILE A 1 17  ? -2.791  -5.647  9.321   1.00 22.16 ? 17  ILE A CD1 1 
ATOM   50   N N   . THR A 1 18  ? -7.088  -2.046  9.976   1.00 18.50 ? 18  THR A N   1 
ATOM   51   C CA  . THR A 1 18  ? -8.246  -1.448  9.381   1.00 18.26 ? 18  THR A CA  1 
ATOM   52   C C   . THR A 1 18  ? -8.369  0.011   9.764   1.00 18.92 ? 18  THR A C   1 
ATOM   53   O O   . THR A 1 18  ? -8.182  0.401   10.931  1.00 22.35 ? 18  THR A O   1 
ATOM   54   C CB  . THR A 1 18  ? -9.543  -2.191  9.827   1.00 19.33 ? 18  THR A CB  1 
ATOM   55   O OG1 . THR A 1 18  ? -9.577  -3.452  9.227   1.00 21.23 ? 18  THR A OG1 1 
ATOM   56   C CG2 . THR A 1 18  ? -10.798 -1.392  9.392   1.00 19.96 ? 18  THR A CG2 1 
ATOM   57   N N   . GLY A 1 19  ? -8.574  0.867   8.750   1.00 18.11 ? 19  GLY A N   1 
ATOM   58   C CA  . GLY A 1 19  ? -8.678  2.333   8.968   1.00 17.77 ? 19  GLY A CA  1 
ATOM   59   C C   . GLY A 1 19  ? -7.909  3.192   7.974   1.00 17.58 ? 19  GLY A C   1 
ATOM   60   O O   . GLY A 1 19  ? -7.551  2.671   6.881   1.00 18.57 ? 19  GLY A O   1 
ATOM   61   N N   . THR A 1 20  ? -7.600  4.409   8.340   1.00 18.50 ? 20  THR A N   1 
ATOM   62   C CA  . THR A 1 20  ? -7.044  5.429   7.483   1.00 16.24 ? 20  THR A CA  1 
ATOM   63   C C   . THR A 1 20  ? -5.627  5.628   7.961   1.00 18.73 ? 20  THR A C   1 
ATOM   64   O O   . THR A 1 20  ? -5.306  5.670   9.158   1.00 19.32 ? 20  THR A O   1 
ATOM   65   C CB  . THR A 1 20  ? -7.808  6.766   7.633   1.00 18.22 ? 20  THR A CB  1 
ATOM   66   O OG1 . THR A 1 20  ? -9.144  6.526   7.183   1.00 20.78 ? 20  THR A OG1 1 
ATOM   67   C CG2 . THR A 1 20  ? -7.286  7.785   6.662   1.00 18.38 ? 20  THR A CG2 1 
ATOM   68   N N   . TRP A 1 21  ? -4.669  5.593   7.003   1.00 15.50 ? 21  TRP A N   1 
ATOM   69   C CA  . TRP A 1 21  ? -3.275  5.796   7.166   1.00 15.90 ? 21  TRP A CA  1 
ATOM   70   C C   . TRP A 1 21  ? -2.760  6.844   6.265   1.00 15.72 ? 21  TRP A C   1 
ATOM   71   O O   . TRP A 1 21  ? -3.294  7.091   5.207   1.00 15.35 ? 21  TRP A O   1 
ATOM   72   C CB  . TRP A 1 21  ? -2.576  4.465   6.938   1.00 16.09 ? 21  TRP A CB  1 
ATOM   73   C CG  . TRP A 1 21  ? -2.875  3.359   7.804   1.00 15.94 ? 21  TRP A CG  1 
ATOM   74   C CD1 . TRP A 1 21  ? -3.975  2.459   7.724   1.00 17.40 ? 21  TRP A CD1 1 
ATOM   75   C CD2 . TRP A 1 21  ? -2.155  2.928   8.914   1.00 14.51 ? 21  TRP A CD2 1 
ATOM   76   N NE1 . TRP A 1 21  ? -3.887  1.505   8.694   1.00 16.76 ? 21  TRP A NE1 1 
ATOM   77   C CE2 . TRP A 1 21  ? -2.794  1.813   9.445   1.00 16.67 ? 21  TRP A CE2 1 
ATOM   78   C CE3 . TRP A 1 21  ? -1.062  3.431   9.608   1.00 14.70 ? 21  TRP A CE3 1 
ATOM   79   C CZ2 . TRP A 1 21  ? -2.304  1.132   10.576  1.00 16.65 ? 21  TRP A CZ2 1 
ATOM   80   C CZ3 . TRP A 1 21  ? -0.529  2.671   10.647  1.00 16.17 ? 21  TRP A CZ3 1 
ATOM   81   C CH2 . TRP A 1 21  ? -1.189  1.623   11.129  1.00 17.82 ? 21  TRP A CH2 1 
ATOM   82   N N   . TYR A 1 22  ? -1.701  7.534   6.708   1.00 15.48 ? 22  TYR A N   1 
ATOM   83   C CA  . TYR A 1 22  ? -1.085  8.606   5.959   1.00 16.43 ? 22  TYR A CA  1 
ATOM   84   C C   . TYR A 1 22  ? 0.433   8.426   5.826   1.00 16.44 ? 22  TYR A C   1 
ATOM   85   O O   . TYR A 1 22  ? 1.032   7.957   6.780   1.00 16.55 ? 22  TYR A O   1 
ATOM   86   C CB  . TYR A 1 22  ? -1.333  9.959   6.717   1.00 18.33 ? 22  TYR A CB  1 
ATOM   87   C CG  . TYR A 1 22  ? -2.777  10.219  7.043   1.00 17.35 ? 22  TYR A CG  1 
ATOM   88   C CD1 . TYR A 1 22  ? -3.628  10.761  6.138   1.00 18.45 ? 22  TYR A CD1 1 
ATOM   89   C CD2 . TYR A 1 22  ? -3.257  9.841   8.306   1.00 19.31 ? 22  TYR A CD2 1 
ATOM   90   C CE1 . TYR A 1 22  ? -5.009  10.949  6.507   1.00 19.36 ? 22  TYR A CE1 1 
ATOM   91   C CE2 . TYR A 1 22  ? -4.540  10.009  8.668   1.00 18.73 ? 22  TYR A CE2 1 
ATOM   92   C CZ  . TYR A 1 22  ? -5.371  10.628  7.777   1.00 19.00 ? 22  TYR A CZ  1 
ATOM   93   O OH  . TYR A 1 22  ? -6.771  10.839  8.129   1.00 19.27 ? 22  TYR A OH  1 
ATOM   94   N N   . ASN A 1 23  ? 1.007   8.676   4.637   1.00 16.38 ? 23  ASN A N   1 
ATOM   95   C CA  . ASN A 1 23  ? 2.456   8.541   4.518   1.00 14.39 ? 23  ASN A CA  1 
ATOM   96   C C   . ASN A 1 23  ? 3.175   9.861   4.584   1.00 15.62 ? 23  ASN A C   1 
ATOM   97   O O   . ASN A 1 23  ? 2.523   10.950  4.693   1.00 17.19 ? 23  ASN A O   1 
ATOM   98   C CB  . ASN A 1 23  ? 2.823   7.667   3.330   1.00 13.65 ? 23  ASN A CB  1 
ATOM   99   C CG  . ASN A 1 23  ? 2.628   8.357   2.040   1.00 14.18 ? 23  ASN A CG  1 
ATOM   100  O OD1 . ASN A 1 23  ? 2.450   9.555   1.864   1.00 15.22 ? 23  ASN A OD1 1 
ATOM   101  N ND2 . ASN A 1 23  ? 2.802   7.564   0.952   1.00 15.18 ? 23  ASN A ND2 1 
ATOM   102  N N   . GLN A 1 24  ? 4.500   9.835   4.407   1.00 16.03 ? 24  GLN A N   1 
ATOM   103  C CA  . GLN A 1 24  ? 5.380   11.027  4.585   1.00 16.74 ? 24  GLN A CA  1 
ATOM   104  C C   . GLN A 1 24  ? 5.152   11.956  3.456   1.00 17.80 ? 24  GLN A C   1 
ATOM   105  O O   . GLN A 1 24  ? 5.608   13.119  3.510   1.00 20.91 ? 24  GLN A O   1 
ATOM   106  C CB  . GLN A 1 24  ? 6.848   10.542  4.663   1.00 17.11 ? 24  GLN A CB  1 
ATOM   107  C CG  . GLN A 1 24  ? 7.519   10.038  3.382   1.00 16.21 ? 24  GLN A CG  1 
ATOM   108  C CD  . GLN A 1 24  ? 6.980   8.729   2.785   1.00 17.71 ? 24  GLN A CD  1 
ATOM   109  O OE1 . GLN A 1 24  ? 6.289   7.929   3.510   1.00 18.30 ? 24  GLN A OE1 1 
ATOM   110  N NE2 . GLN A 1 24  ? 7.289   8.509   1.530   1.00 18.22 ? 24  GLN A NE2 1 
ATOM   111  N N   . LEU A 1 25  ? 4.497   11.592  2.342   1.00 16.30 ? 25  LEU A N   1 
ATOM   112  C CA  . LEU A 1 25  ? 4.218   12.426  1.192   1.00 18.03 ? 25  LEU A CA  1 
ATOM   113  C C   . LEU A 1 25  ? 2.880   13.115  1.448   1.00 20.51 ? 25  LEU A C   1 
ATOM   114  O O   . LEU A 1 25  ? 2.606   13.998  0.565   1.00 24.85 ? 25  LEU A O   1 
ATOM   115  C CB  . LEU A 1 25  ? 4.189   11.631  -0.100  1.00 18.80 ? 25  LEU A CB  1 
ATOM   116  C CG  . LEU A 1 25  ? 5.527   10.993  -0.466  1.00 20.61 ? 25  LEU A CG  1 
ATOM   117  C CD1 . LEU A 1 25  ? 5.340   9.968   -1.566  1.00 21.62 ? 25  LEU A CD1 1 
ATOM   118  C CD2 . LEU A 1 25  ? 6.562   12.048  -0.856  1.00 23.27 ? 25  LEU A CD2 1 
ATOM   119  N N   . GLY A 1 26  ? 2.098   12.726  2.415   1.00 18.92 ? 26  GLY A N   1 
ATOM   120  C CA  . GLY A 1 26  ? 0.739   13.228  2.480   1.00 20.79 ? 26  GLY A CA  1 
ATOM   121  C C   . GLY A 1 26  ? -0.312  12.400  1.786   1.00 21.45 ? 26  GLY A C   1 
ATOM   122  O O   . GLY A 1 26  ? -1.509  12.842  1.773   1.00 22.44 ? 26  GLY A O   1 
ATOM   123  N N   . SER A 1 27  ? 0.045   11.219  1.223   1.00 17.17 ? 27  SER A N   1 
ATOM   124  C CA  . SER A 1 27  ? -0.948  10.378  0.649   1.00 16.35 ? 27  SER A CA  1 
ATOM   125  C C   . SER A 1 27  ? -1.807  9.709   1.700   1.00 15.00 ? 27  SER A C   1 
ATOM   126  O O   . SER A 1 27  ? -1.384  9.498   2.810   1.00 16.96 ? 27  SER A O   1 
ATOM   127  C CB  . SER A 1 27  ? -0.257  9.292   -0.217  1.00 16.10 ? 27  SER A CB  1 
ATOM   128  O OG  . SER A 1 27  ? 0.522   9.904   -1.210  1.00 15.38 ? 27  SER A OG  1 
ATOM   129  N N   . THR A 1 28  ? -2.998  9.275   1.314   1.00 15.71 ? 28  THR A N   1 
ATOM   130  C CA  . THR A 1 28  ? -3.984  8.685   2.185   1.00 17.14 ? 28  THR A CA  1 
ATOM   131  C C   . THR A 1 28  ? -4.372  7.293   1.720   1.00 15.89 ? 28  THR A C   1 
ATOM   132  O O   . THR A 1 28  ? -4.809  7.040   0.604   1.00 17.70 ? 28  THR A O   1 
ATOM   133  C CB  . THR A 1 28  ? -5.313  9.493   2.192   1.00 17.68 ? 28  THR A CB  1 
ATOM   134  O OG1 . THR A 1 28  ? -5.044  10.844  2.543   1.00 21.61 ? 28  THR A OG1 1 
ATOM   135  C CG2 . THR A 1 28  ? -6.322  8.990   3.231   1.00 20.38 ? 28  THR A CG2 1 
ATOM   136  N N   . PHE A 1 29  ? -4.166  6.323   2.633   1.00 16.23 ? 29  PHE A N   1 
ATOM   137  C CA  . PHE A 1 29  ? -4.411  4.881   2.424   1.00 16.23 ? 29  PHE A CA  1 
ATOM   138  C C   . PHE A 1 29  ? -5.624  4.493   3.324   1.00 18.08 ? 29  PHE A C   1 
ATOM   139  O O   . PHE A 1 29  ? -5.406  4.540   4.574   1.00 18.21 ? 29  PHE A O   1 
ATOM   140  C CB  . PHE A 1 29  ? -3.042  4.165   2.740   1.00 18.38 ? 29  PHE A CB  1 
ATOM   141  C CG  . PHE A 1 29  ? -3.082  2.709   2.888   1.00 18.20 ? 29  PHE A CG  1 
ATOM   142  C CD1 . PHE A 1 29  ? -3.657  1.844   1.966   1.00 17.92 ? 29  PHE A CD1 1 
ATOM   143  C CD2 . PHE A 1 29  ? -2.395  2.076   3.937   1.00 19.53 ? 29  PHE A CD2 1 
ATOM   144  C CE1 . PHE A 1 29  ? -3.591  0.474   2.100   1.00 17.11 ? 29  PHE A CE1 1 
ATOM   145  C CE2 . PHE A 1 29  ? -2.327  0.741   4.052   1.00 18.39 ? 29  PHE A CE2 1 
ATOM   146  C CZ  . PHE A 1 29  ? -2.959  -0.148  3.163   1.00 16.44 ? 29  PHE A CZ  1 
ATOM   147  N N   . ILE A 1 30  ? -6.717  4.029   2.768   1.00 15.99 ? 30  ILE A N   1 
ATOM   148  C CA  . ILE A 1 30  ? -7.882  3.671   3.466   1.00 17.62 ? 30  ILE A CA  1 
ATOM   149  C C   . ILE A 1 30  ? -8.106  2.192   3.237   1.00 16.99 ? 30  ILE A C   1 
ATOM   150  O O   . ILE A 1 30  ? -8.117  1.760   2.109   1.00 19.37 ? 30  ILE A O   1 
ATOM   151  C CB  . ILE A 1 30  ? -9.100  4.515   2.962   1.00 22.50 ? 30  ILE A CB  1 
ATOM   152  C CG1 . ILE A 1 30  ? -8.866  5.922   3.428   1.00 23.18 ? 30  ILE A CG1 1 
ATOM   153  C CG2 . ILE A 1 30  ? -10.409 3.865   3.508   1.00 25.61 ? 30  ILE A CG2 1 
ATOM   154  C CD1 . ILE A 1 30  ? -9.898  6.942   2.954   1.00 24.50 ? 30  ILE A CD1 1 
ATOM   155  N N   . VAL A 1 31  ? -8.028  1.370   4.288   1.00 16.94 ? 31  VAL A N   1 
ATOM   156  C CA  . VAL A 1 31  ? -8.021  -0.097  4.122   1.00 18.57 ? 31  VAL A CA  1 
ATOM   157  C C   . VAL A 1 31  ? -8.967  -0.766  5.118   1.00 17.37 ? 31  VAL A C   1 
ATOM   158  O O   . VAL A 1 31  ? -9.088  -0.326  6.266   1.00 19.09 ? 31  VAL A O   1 
ATOM   159  C CB  . VAL A 1 31  ? -6.601  -0.597  4.235   1.00 18.14 ? 31  VAL A CB  1 
ATOM   160  C CG1 . VAL A 1 31  ? -5.990  -0.396  5.656   1.00 18.66 ? 31  VAL A CG1 1 
ATOM   161  C CG2 . VAL A 1 31  ? -6.385  -2.009  3.695   1.00 19.93 ? 31  VAL A CG2 1 
ATOM   162  N N   . THR A 1 32  ? -9.527  -1.874  4.640   1.00 17.47 ? 32  THR A N   1 
ATOM   163  C CA  . THR A 1 32  ? -10.207 -2.797  5.500   1.00 19.48 ? 32  THR A CA  1 
ATOM   164  C C   . THR A 1 32  ? -9.470  -4.094  5.451   1.00 18.84 ? 32  THR A C   1 
ATOM   165  O O   . THR A 1 32  ? -9.305  -4.677  4.379   1.00 17.72 ? 32  THR A O   1 
ATOM   166  C CB  . THR A 1 32  ? -11.700 -2.970  5.129   1.00 23.35 ? 32  THR A CB  1 
ATOM   167  O OG1 . THR A 1 32  ? -12.379 -1.696  5.216   1.00 24.58 ? 32  THR A OG1 1 
ATOM   168  C CG2 . THR A 1 32  ? -12.440 -3.974  6.030   1.00 25.79 ? 32  THR A CG2 1 
ATOM   169  N N   . ALA A 1 33  ? -9.129  -4.639  6.649   1.00 18.21 ? 33  ALA A N   1 
ATOM   170  C CA  . ALA A 1 33  ? -8.536  -5.971  6.766   1.00 19.58 ? 33  ALA A CA  1 
ATOM   171  C C   . ALA A 1 33  ? -9.604  -7.003  7.061   1.00 21.95 ? 33  ALA A C   1 
ATOM   172  O O   . ALA A 1 33  ? -10.367 -6.777  8.060   1.00 22.89 ? 33  ALA A O   1 
ATOM   173  C CB  . ALA A 1 33  ? -7.483  -5.941  7.784   1.00 19.18 ? 33  ALA A CB  1 
ATOM   174  N N   . GLY A 1 34  ? -9.690  -8.067  6.285   1.00 20.44 ? 34  GLY A N   1 
ATOM   175  C CA  . GLY A 1 34  ? -10.646 -9.157  6.524   1.00 22.46 ? 34  GLY A CA  1 
ATOM   176  C C   . GLY A 1 34  ? -10.052 -10.222 7.400   1.00 24.92 ? 34  GLY A C   1 
ATOM   177  O O   . GLY A 1 34  ? -8.841  -10.364 7.545   1.00 22.85 ? 34  GLY A O   1 
ATOM   178  N N   . ALA A 1 35  ? -10.923 -11.029 8.020   1.00 22.99 ? 35  ALA A N   1 
ATOM   179  C CA  . ALA A 1 35  ? -10.429 -12.085 8.965   1.00 23.81 ? 35  ALA A CA  1 
ATOM   180  C C   . ALA A 1 35  ? -9.451  -13.164 8.441   1.00 27.80 ? 35  ALA A C   1 
ATOM   181  O O   . ALA A 1 35  ? -8.630  -13.666 9.205   1.00 32.54 ? 35  ALA A O   1 
ATOM   182  C CB  . ALA A 1 35  ? -11.656 -12.851 9.528   1.00 27.04 ? 35  ALA A CB  1 
ATOM   183  N N   . ASP A 1 36  ? -9.629  -13.407 7.161   1.00 29.98 ? 36  ASP A N   1 
ATOM   184  C CA  . ASP A 1 36  ? -9.029  -14.376 6.237   1.00 38.04 ? 36  ASP A CA  1 
ATOM   185  C C   . ASP A 1 36  ? -7.684  -13.867 5.641   1.00 33.24 ? 36  ASP A C   1 
ATOM   186  O O   . ASP A 1 36  ? -6.905  -14.669 5.128   1.00 36.23 ? 36  ASP A O   1 
ATOM   187  C CB  . ASP A 1 36  ? -10.095 -14.591 5.030   1.00 40.22 ? 36  ASP A CB  1 
ATOM   188  C CG  . ASP A 1 36  ? -10.600 -13.186 4.259   1.00 48.55 ? 36  ASP A CG  1 
ATOM   189  O OD1 . ASP A 1 36  ? -10.235 -12.081 4.597   1.00 29.10 ? 36  ASP A OD1 1 
ATOM   190  O OD2 . ASP A 1 36  ? -11.411 -13.137 3.279   1.00 48.44 ? 36  ASP A OD2 1 
ATOM   191  N N   . GLY A 1 37  ? -7.336  -12.597 5.790   1.00 22.23 ? 37  GLY A N   1 
ATOM   192  C CA  . GLY A 1 37  ? -6.091  -12.108 5.204   1.00 18.77 ? 37  GLY A CA  1 
ATOM   193  C C   . GLY A 1 37  ? -6.335  -11.115 4.080   1.00 18.50 ? 37  GLY A C   1 
ATOM   194  O O   . GLY A 1 37  ? -5.356  -10.641 3.551   1.00 16.64 ? 37  GLY A O   1 
ATOM   195  N N   . ALA A 1 38  ? -7.563  -10.797 3.697   1.00 17.75 ? 38  ALA A N   1 
ATOM   196  C CA  . ALA A 1 38  ? -7.740  -9.796  2.633   1.00 17.51 ? 38  ALA A CA  1 
ATOM   197  C C   . ALA A 1 38  ? -7.465  -8.387  3.067   1.00 18.35 ? 38  ALA A C   1 
ATOM   198  O O   . ALA A 1 38  ? -7.842  -7.990  4.175   1.00 19.09 ? 38  ALA A O   1 
ATOM   199  C CB  . ALA A 1 38  ? -9.197  -9.920  2.127   1.00 23.32 ? 38  ALA A CB  1 
ATOM   200  N N   . LEU A 1 39  ? -7.009  -7.566  2.133   1.00 16.52 ? 39  LEU A N   1 
ATOM   201  C CA  . LEU A 1 39  ? -7.000  -6.120  2.244   1.00 15.71 ? 39  LEU A CA  1 
ATOM   202  C C   . LEU A 1 39  ? -7.679  -5.502  1.074   1.00 14.26 ? 39  LEU A C   1 
ATOM   203  O O   . LEU A 1 39  ? -7.518  -5.931  -0.064  1.00 16.26 ? 39  LEU A O   1 
ATOM   204  C CB  . LEU A 1 39  ? -5.526  -5.510  2.253   1.00 17.42 ? 39  LEU A CB  1 
ATOM   205  C CG  . LEU A 1 39  ? -4.598  -6.013  3.352   1.00 16.97 ? 39  LEU A CG  1 
ATOM   206  C CD1 . LEU A 1 39  ? -3.195  -5.365  3.147   1.00 16.63 ? 39  LEU A CD1 1 
ATOM   207  C CD2 . LEU A 1 39  ? -5.082  -5.620  4.718   1.00 17.09 ? 39  LEU A CD2 1 
ATOM   208  N N   . THR A 1 40  ? -8.609  -4.589  1.379   1.00 16.87 ? 40  THR A N   1 
ATOM   209  C CA  . THR A 1 40  ? -9.375  -3.870  0.335   1.00 17.04 ? 40  THR A CA  1 
ATOM   210  C C   . THR A 1 40  ? -9.490  -2.430  0.743   1.00 17.79 ? 40  THR A C   1 
ATOM   211  O O   . THR A 1 40  ? -9.663  -2.131  1.933   1.00 22.05 ? 40  THR A O   1 
ATOM   212  C CB  . THR A 1 40  ? -10.832 -4.465  0.182   1.00 18.77 ? 40  THR A CB  1 
ATOM   213  O OG1 A THR A 1 40  ? -11.474 -4.397  1.401   0.50 17.67 ? 40  THR A OG1 1 
ATOM   214  O OG1 B THR A 1 40  ? -10.728 -5.896  0.374   0.50 18.08 ? 40  THR A OG1 1 
ATOM   215  C CG2 A THR A 1 40  ? -10.923 -5.927  -0.429  0.50 16.95 ? 40  THR A CG2 1 
ATOM   216  C CG2 B THR A 1 40  ? -11.396 -4.076  -1.087  0.50 18.01 ? 40  THR A CG2 1 
ATOM   217  N N   . GLY A 1 41  ? -9.500  -1.519  -0.256  1.00 15.92 ? 41  GLY A N   1 
ATOM   218  C CA  . GLY A 1 41  ? -9.632  -0.140  0.083   1.00 16.01 ? 41  GLY A CA  1 
ATOM   219  C C   . GLY A 1 41  ? -9.407  0.785   -1.077  1.00 14.68 ? 41  GLY A C   1 
ATOM   220  O O   . GLY A 1 41  ? -9.600  0.438   -2.235  1.00 15.28 ? 41  GLY A O   1 
ATOM   221  N N   . THR A 1 42  ? -8.915  1.957   -0.691  1.00 14.92 ? 42  THR A N   1 
ATOM   222  C CA  . THR A 1 42  ? -8.623  3.031   -1.647  1.00 16.43 ? 42  THR A CA  1 
ATOM   223  C C   . THR A 1 42  ? -7.313  3.721   -1.307  1.00 15.71 ? 42  THR A C   1 
ATOM   224  O O   . THR A 1 42  ? -6.973  3.801   -0.145  1.00 16.64 ? 42  THR A O   1 
ATOM   225  C CB  . THR A 1 42  ? -9.780  4.118   -1.780  1.00 18.23 ? 42  THR A CB  1 
ATOM   226  O OG1 . THR A 1 42  ? -9.913  4.795   -0.546  1.00 19.45 ? 42  THR A OG1 1 
ATOM   227  C CG2 . THR A 1 42  ? -11.024 3.390   -2.290  1.00 19.51 ? 42  THR A CG2 1 
ATOM   228  N N   . TYR A 1 43  ? -6.697  4.306   -2.335  1.00 15.17 ? 43  TYR A N   1 
ATOM   229  C CA  . TYR A 1 43  ? -5.466  5.050   -2.152  1.00 13.11 ? 43  TYR A CA  1 
ATOM   230  C C   . TYR A 1 43  ? -5.642  6.343   -2.894  1.00 14.00 ? 43  TYR A C   1 
ATOM   231  O O   . TYR A 1 43  ? -6.080  6.379   -4.025  1.00 17.29 ? 43  TYR A O   1 
ATOM   232  C CB  . TYR A 1 43  ? -4.287  4.222   -2.740  1.00 14.08 ? 43  TYR A CB  1 
ATOM   233  C CG  . TYR A 1 43  ? -2.940  4.632   -2.168  1.00 13.87 ? 43  TYR A CG  1 
ATOM   234  C CD1 . TYR A 1 43  ? -2.275  5.702   -2.715  1.00 13.97 ? 43  TYR A CD1 1 
ATOM   235  C CD2 . TYR A 1 43  ? -2.354  3.936   -1.150  1.00 13.88 ? 43  TYR A CD2 1 
ATOM   236  C CE1 . TYR A 1 43  ? -1.005  6.129   -2.202  1.00 14.10 ? 43  TYR A CE1 1 
ATOM   237  C CE2 . TYR A 1 43  ? -1.120  4.373   -0.619  1.00 13.47 ? 43  TYR A CE2 1 
ATOM   238  C CZ  . TYR A 1 43  ? -0.495  5.422   -1.152  1.00 13.09 ? 43  TYR A CZ  1 
ATOM   239  O OH  . TYR A 1 43  ? 0.718   5.775   -0.628  1.00 14.48 ? 43  TYR A OH  1 
ATOM   240  N N   . GLU A 1 44  ? -5.135  7.394   -2.269  1.00 14.28 ? 44  GLU A N   1 
ATOM   241  C CA  . GLU A 1 44  ? -5.111  8.714   -2.912  1.00 14.59 ? 44  GLU A CA  1 
ATOM   242  C C   . GLU A 1 44  ? -3.690  9.273   -2.732  1.00 14.52 ? 44  GLU A C   1 
ATOM   243  O O   . GLU A 1 44  ? -3.223  9.473   -1.618  1.00 16.03 ? 44  GLU A O   1 
ATOM   244  C CB  . GLU A 1 44  ? -6.048  9.656   -2.188  1.00 17.77 ? 44  GLU A CB  1 
ATOM   245  C CG  . GLU A 1 44  ? -6.129  11.009  -2.851  1.00 20.61 ? 44  GLU A CG  1 
ATOM   246  C CD  . GLU A 1 44  ? -7.289  11.899  -2.291  1.00 25.33 ? 44  GLU A CD  1 
ATOM   247  O OE1 . GLU A 1 44  ? -7.394  13.035  -2.886  1.00 28.16 ? 44  GLU A OE1 1 
ATOM   248  O OE2 . GLU A 1 44  ? -8.007  11.556  -1.340  1.00 27.99 ? 44  GLU A OE2 1 
ATOM   249  N N   . SER A 1 45  ? -2.968  9.411   -3.856  1.00 15.26 ? 45  SER A N   1 
ATOM   250  C CA  . SER A 1 45  ? -1.594  9.885   -3.850  1.00 15.19 ? 45  SER A CA  1 
ATOM   251  C C   . SER A 1 45  ? -1.526  11.402  -3.779  1.00 16.65 ? 45  SER A C   1 
ATOM   252  O O   . SER A 1 45  ? -2.165  12.074  -4.629  1.00 18.30 ? 45  SER A O   1 
ATOM   253  C CB  . SER A 1 45  ? -0.853  9.369   -5.045  1.00 15.54 ? 45  SER A CB  1 
ATOM   254  O OG  . SER A 1 45  ? 0.496   9.804   -4.973  1.00 15.92 ? 45  SER A OG  1 
ATOM   255  N N   . ALA A 1 46  ? -0.617  11.953  -2.989  1.00 16.07 ? 46  ALA A N   1 
ATOM   256  C CA  . ALA A 1 46  ? -0.315  13.397  -2.935  1.00 19.27 ? 46  ALA A CA  1 
ATOM   257  C C   . ALA A 1 46  ? 0.615   13.782  -4.046  1.00 19.83 ? 46  ALA A C   1 
ATOM   258  O O   . ALA A 1 46  ? 0.756   14.992  -4.352  1.00 19.94 ? 46  ALA A O   1 
ATOM   259  C CB  . ALA A 1 46  ? 0.311   13.738  -1.659  1.00 21.41 ? 46  ALA A CB  1 
ATOM   260  N N   . VAL A 1 47  ? 1.200   12.859  -4.792  1.00 16.91 ? 47  VAL A N   1 
ATOM   261  C CA  . VAL A 1 47  ? 2.213   13.114  -5.867  1.00 15.15 ? 47  VAL A CA  1 
ATOM   262  C C   . VAL A 1 47  ? 1.954   12.264  -7.121  1.00 16.47 ? 47  VAL A C   1 
ATOM   263  O O   . VAL A 1 47  ? 1.239   11.274  -7.105  1.00 15.80 ? 47  VAL A O   1 
ATOM   264  C CB  . VAL A 1 47  ? 3.639   12.901  -5.392  1.00 16.07 ? 47  VAL A CB  1 
ATOM   265  C CG1 . VAL A 1 47  ? 4.019   13.795  -4.193  1.00 17.61 ? 47  VAL A CG1 1 
ATOM   266  C CG2 . VAL A 1 47  ? 3.897   11.444  -4.995  1.00 16.08 ? 47  VAL A CG2 1 
ATOM   267  N N   . GLY A 1 48  ? 2.602   12.673  -8.194  1.00 16.02 ? 48  GLY A N   1 
ATOM   268  C CA  . GLY A 1 48  ? 2.572   11.928  -9.399  1.00 16.14 ? 48  GLY A CA  1 
ATOM   269  C C   . GLY A 1 48  ? 1.358   12.119  -10.260 1.00 15.95 ? 48  GLY A C   1 
ATOM   270  O O   . GLY A 1 48  ? 0.605   13.055  -10.075 1.00 17.81 ? 48  GLY A O   1 
ATOM   271  N N   . ASN A 1 49  ? 1.193   11.208  -11.198 1.00 16.19 ? 49  ASN A N   1 
ATOM   272  C CA  . ASN A 1 49  ? 0.154   11.337  -12.299 1.00 16.16 ? 49  ASN A CA  1 
ATOM   273  C C   . ASN A 1 49  ? -1.095  10.650  -11.746 1.00 17.08 ? 49  ASN A C   1 
ATOM   274  O O   . ASN A 1 49  ? -1.425  9.548   -12.162 1.00 17.13 ? 49  ASN A O   1 
ATOM   275  C CB  . ASN A 1 49  ? 0.671   10.785  -13.573 1.00 17.71 ? 49  ASN A CB  1 
ATOM   276  C CG  . ASN A 1 49  ? -0.273  11.090  -14.753 1.00 21.80 ? 49  ASN A CG  1 
ATOM   277  O OD1 . ASN A 1 49  ? -1.296  11.793  -14.489 1.00 22.12 ? 49  ASN A OD1 1 
ATOM   278  N ND2 . ASN A 1 49  ? -0.106  10.413  -15.799 1.00 23.17 ? 49  ASN A ND2 1 
ATOM   279  N N   . ALA A 1 50  ? -1.771  11.325  -10.820 1.00 15.34 ? 50  ALA A N   1 
ATOM   280  C CA  . ALA A 1 50  ? -2.806  10.772  -9.986  1.00 17.11 ? 50  ALA A CA  1 
ATOM   281  C C   . ALA A 1 50  ? -3.752  11.819  -9.503  1.00 17.70 ? 50  ALA A C   1 
ATOM   282  O O   . ALA A 1 50  ? -3.300  12.934  -9.170  1.00 19.62 ? 50  ALA A O   1 
ATOM   283  C CB  . ALA A 1 50  ? -2.246  9.930   -8.861  1.00 19.23 ? 50  ALA A CB  1 
ATOM   284  N N   . GLU A 1 51  ? -5.056  11.521  -9.461  1.00 16.37 ? 51  GLU A N   1 
ATOM   285  C CA  . GLU A 1 51  ? -5.968  12.375  -8.846  1.00 18.10 ? 51  GLU A CA  1 
ATOM   286  C C   . GLU A 1 51  ? -7.138  11.535  -8.223  1.00 16.14 ? 51  GLU A C   1 
ATOM   287  O O   . GLU A 1 51  ? -7.582  10.573  -8.839  1.00 17.76 ? 51  GLU A O   1 
ATOM   288  C CB  . GLU A 1 51  ? -6.452  13.418  -9.910  1.00 23.40 ? 51  GLU A CB  1 
ATOM   289  C CG  . GLU A 1 51  ? -7.810  13.415  -10.247 1.00 28.53 ? 51  GLU A CG  1 
ATOM   290  C CD  . GLU A 1 51  ? -8.131  14.352  -11.409 1.00 30.36 ? 51  GLU A CD  1 
ATOM   291  O OE1 . GLU A 1 51  ? -9.070  14.953  -11.116 1.00 28.30 ? 51  GLU A OE1 1 
ATOM   292  O OE2 . GLU A 1 51  ? -7.460  14.494  -12.463 1.00 30.36 ? 51  GLU A OE2 1 
ATOM   293  N N   . SER A 1 52  ? -7.601  11.928  -7.091  1.00 17.75 ? 52  SER A N   1 
ATOM   294  C CA  . SER A 1 52  ? -8.683  11.334  -6.391  1.00 17.71 ? 52  SER A CA  1 
ATOM   295  C C   . SER A 1 52  ? -8.282  9.892   -5.915  1.00 17.69 ? 52  SER A C   1 
ATOM   296  O O   . SER A 1 52  ? -7.074  9.541   -5.849  1.00 18.61 ? 52  SER A O   1 
ATOM   297  C CB  . SER A 1 52  ? -9.970  11.375  -7.197  1.00 23.64 ? 52  SER A CB  1 
ATOM   298  O OG  . SER A 1 52  ? -11.005 11.031  -6.267  1.00 31.36 ? 52  SER A OG  1 
ATOM   299  N N   . ARG A 1 53  ? -9.279  9.074   -5.700  1.00 17.25 ? 53  ARG A N   1 
ATOM   300  C CA  . ARG A 1 53  ? -9.023  7.748   -5.121  1.00 17.54 ? 53  ARG A CA  1 
ATOM   301  C C   . ARG A 1 53  ? -8.942  6.688   -6.192  1.00 15.89 ? 53  ARG A C   1 
ATOM   302  O O   . ARG A 1 53  ? -9.625  6.692   -7.223  1.00 17.52 ? 53  ARG A O   1 
ATOM   303  C CB  . ARG A 1 53  ? -10.190 7.351   -4.144  1.00 18.19 ? 53  ARG A CB  1 
ATOM   304  C CG  . ARG A 1 53  ? -10.153 8.157   -2.837  1.00 21.36 ? 53  ARG A CG  1 
ATOM   305  C CD  . ARG A 1 53  ? -11.353 7.943   -1.968  1.00 26.39 ? 53  ARG A CD  1 
ATOM   306  N NE  A ARG A 1 53  ? -11.275 8.380   -0.548  0.50 29.34 ? 53  ARG A NE  1 
ATOM   307  N NE  B ARG A 1 53  ? -12.608 8.121   -2.753  0.50 28.39 ? 53  ARG A NE  1 
ATOM   308  C CZ  A ARG A 1 53  ? -12.379 8.491   0.251   0.50 31.62 ? 53  ARG A CZ  1 
ATOM   309  C CZ  B ARG A 1 53  ? -13.433 9.183   -2.716  0.50 39.20 ? 53  ARG A CZ  1 
ATOM   310  N NH1 A ARG A 1 53  ? -12.303 8.911   1.513   0.50 30.93 ? 53  ARG A NH1 1 
ATOM   311  N NH1 B ARG A 1 53  ? -14.536 9.180   -3.449  0.50 39.59 ? 53  ARG A NH1 1 
ATOM   312  N NH2 A ARG A 1 53  ? -13.573 8.077   -0.190  0.50 32.23 ? 53  ARG A NH2 1 
ATOM   313  N NH2 B ARG A 1 53  ? -13.186 10.267  -1.985  0.50 41.98 ? 53  ARG A NH2 1 
ATOM   314  N N   . TYR A 1 54  ? -8.095  5.647   -5.895  1.00 15.88 ? 54  TYR A N   1 
ATOM   315  C CA  . TYR A 1 54  ? -7.916  4.458   -6.697  1.00 14.51 ? 54  TYR A CA  1 
ATOM   316  C C   . TYR A 1 54  ? -8.130  3.216   -5.841  1.00 14.05 ? 54  TYR A C   1 
ATOM   317  O O   . TYR A 1 54  ? -7.851  3.200   -4.690  1.00 15.93 ? 54  TYR A O   1 
ATOM   318  C CB  . TYR A 1 54  ? -6.471  4.398   -7.259  1.00 13.61 ? 54  TYR A CB  1 
ATOM   319  C CG  . TYR A 1 54  ? -6.163  5.572   -8.191  1.00 14.06 ? 54  TYR A CG  1 
ATOM   320  C CD1 . TYR A 1 54  ? -6.084  5.427   -9.563  1.00 14.76 ? 54  TYR A CD1 1 
ATOM   321  C CD2 . TYR A 1 54  ? -5.781  6.811   -7.642  1.00 14.35 ? 54  TYR A CD2 1 
ATOM   322  C CE1 . TYR A 1 54  ? -5.857  6.520   -10.403 1.00 14.19 ? 54  TYR A CE1 1 
ATOM   323  C CE2 . TYR A 1 54  ? -5.578  7.909   -8.477  1.00 14.28 ? 54  TYR A CE2 1 
ATOM   324  C CZ  . TYR A 1 54  ? -5.548  7.699   -9.838  1.00 14.65 ? 54  TYR A CZ  1 
ATOM   325  O OH  . TYR A 1 54  ? -5.387  8.787   -10.683 1.00 16.09 ? 54  TYR A OH  1 
ATOM   326  N N   . VAL A 1 55  ? -8.675  2.210   -6.515  1.00 13.72 ? 55  VAL A N   1 
ATOM   327  C CA  . VAL A 1 55  ? -8.892  0.920   -5.853  1.00 15.15 ? 55  VAL A CA  1 
ATOM   328  C C   . VAL A 1 55  ? -7.608  0.294   -5.440  1.00 14.31 ? 55  VAL A C   1 
ATOM   329  O O   . VAL A 1 55  ? -6.658  0.267   -6.243  1.00 14.69 ? 55  VAL A O   1 
ATOM   330  C CB  . VAL A 1 55  ? -9.691  -0.024  -6.770  1.00 16.45 ? 55  VAL A CB  1 
ATOM   331  C CG1 . VAL A 1 55  ? -9.832  -1.446  -6.204  1.00 16.20 ? 55  VAL A CG1 1 
ATOM   332  C CG2 . VAL A 1 55  ? -11.055 0.570   -7.042  1.00 17.92 ? 55  VAL A CG2 1 
ATOM   333  N N   . LEU A 1 56  ? -7.564  -0.335  -4.301  1.00 15.05 ? 56  LEU A N   1 
ATOM   334  C CA  . LEU A 1 56  ? -6.436  -1.201  -3.928  1.00 15.84 ? 56  LEU A CA  1 
ATOM   335  C C   . LEU A 1 56  ? -6.975  -2.539  -3.427  1.00 16.83 ? 56  LEU A C   1 
ATOM   336  O O   . LEU A 1 56  ? -8.077  -2.645  -2.822  1.00 15.78 ? 56  LEU A O   1 
ATOM   337  C CB  . LEU A 1 56  ? -5.488  -0.567  -2.928  1.00 17.29 ? 56  LEU A CB  1 
ATOM   338  C CG  . LEU A 1 56  ? -6.082  -0.370  -1.556  1.00 16.01 ? 56  LEU A CG  1 
ATOM   339  C CD1 . LEU A 1 56  ? -5.720  -1.614  -0.590  1.00 15.65 ? 56  LEU A CD1 1 
ATOM   340  C CD2 . LEU A 1 56  ? -5.558  0.913   -0.887  1.00 19.40 ? 56  LEU A CD2 1 
ATOM   341  N N   . THR A 1 57  ? -6.108  -3.567  -3.600  1.00 15.05 ? 57  THR A N   1 
ATOM   342  C CA  . THR A 1 57  ? -6.310  -4.838  -2.939  1.00 14.40 ? 57  THR A CA  1 
ATOM   343  C C   . THR A 1 57  ? -5.005  -5.364  -2.490  1.00 13.96 ? 57  THR A C   1 
ATOM   344  O O   . THR A 1 57  ? -3.979  -5.121  -3.129  1.00 15.15 ? 57  THR A O   1 
ATOM   345  C CB  . THR A 1 57  ? -7.056  -5.789  -3.893  1.00 16.46 ? 57  THR A CB  1 
ATOM   346  O OG1 . THR A 1 57  ? -7.355  -6.966  -3.206  1.00 22.73 ? 57  THR A OG1 1 
ATOM   347  C CG2 . THR A 1 57  ? -6.248  -6.149  -5.053  1.00 15.87 ? 57  THR A CG2 1 
ATOM   348  N N   . GLY A 1 58  ? -5.033  -6.237  -1.467  1.00 14.37 ? 58  GLY A N   1 
ATOM   349  C CA  . GLY A 1 58  ? -3.809  -6.898  -1.073  1.00 13.56 ? 58  GLY A CA  1 
ATOM   350  C C   . GLY A 1 58  ? -4.066  -7.958  -0.052  1.00 13.74 ? 58  GLY A C   1 
ATOM   351  O O   . GLY A 1 58  ? -5.208  -8.472  0.027   1.00 15.01 ? 58  GLY A O   1 
ATOM   352  N N   . ARG A 1 59  ? -3.054  -8.354  0.657   1.00 13.71 ? 59  ARG A N   1 
ATOM   353  C CA  . ARG A 1 59  ? -3.091  -9.505  1.607   1.00 12.86 ? 59  ARG A CA  1 
ATOM   354  C C   . ARG A 1 59  ? -2.240  -9.164  2.797   1.00 14.26 ? 59  ARG A C   1 
ATOM   355  O O   . ARG A 1 59  ? -1.226  -8.485  2.702   1.00 15.43 ? 59  ARG A O   1 
ATOM   356  C CB  . ARG A 1 59  ? -2.609  -10.801 0.952   1.00 13.82 ? 59  ARG A CB  1 
ATOM   357  C CG  . ARG A 1 59  ? -3.299  -11.308 -0.271  1.00 14.54 ? 59  ARG A CG  1 
ATOM   358  C CD  . ARG A 1 59  ? -4.691  -11.815 -0.056  1.00 15.06 ? 59  ARG A CD  1 
ATOM   359  N NE  . ARG A 1 59  ? -4.578  -13.029 0.810   1.00 16.35 ? 59  ARG A NE  1 
ATOM   360  C CZ  . ARG A 1 59  ? -5.661  -13.552 1.433   1.00 18.08 ? 59  ARG A CZ  1 
ATOM   361  N NH1 . ARG A 1 59  ? -6.858  -13.036 1.209   1.00 19.24 ? 59  ARG A NH1 1 
ATOM   362  N NH2 . ARG A 1 59  ? -5.484  -14.606 2.198   1.00 18.10 ? 59  ARG A NH2 1 
ATOM   363  N N   . TYR A 1 60  ? -2.560  -9.761  3.971   1.00 14.73 ? 60  TYR A N   1 
ATOM   364  C CA  . TYR A 1 60  ? -1.729  -9.656  5.133   1.00 13.54 ? 60  TYR A CA  1 
ATOM   365  C C   . TYR A 1 60  ? -1.709  -11.013 5.900   1.00 14.55 ? 60  TYR A C   1 
ATOM   366  O O   . TYR A 1 60  ? -2.619  -11.817 5.641   1.00 15.65 ? 60  TYR A O   1 
ATOM   367  C CB  . TYR A 1 60  ? -2.223  -8.494  6.052   1.00 14.28 ? 60  TYR A CB  1 
ATOM   368  C CG  . TYR A 1 60  ? -3.486  -8.791  6.917   1.00 17.45 ? 60  TYR A CG  1 
ATOM   369  C CD1 . TYR A 1 60  ? -4.726  -8.911  6.323   1.00 17.25 ? 60  TYR A CD1 1 
ATOM   370  C CD2 . TYR A 1 60  ? -3.355  -9.115  8.288   1.00 16.65 ? 60  TYR A CD2 1 
ATOM   371  C CE1 . TYR A 1 60  ? -5.866  -9.168  7.081   1.00 17.74 ? 60  TYR A CE1 1 
ATOM   372  C CE2 . TYR A 1 60  ? -4.507  -9.376  9.010   1.00 17.14 ? 60  TYR A CE2 1 
ATOM   373  C CZ  . TYR A 1 60  ? -5.682  -9.525  8.374   1.00 19.40 ? 60  TYR A CZ  1 
ATOM   374  O OH  . TYR A 1 60  ? -6.834  -9.741  9.145   1.00 21.06 ? 60  TYR A OH  1 
ATOM   375  N N   . ASP A 1 61  ? -0.732  -11.246 6.693   1.00 13.66 ? 61  ASP A N   1 
ATOM   376  C CA  . ASP A 1 61  ? -0.603  -12.368 7.566   1.00 14.50 ? 61  ASP A CA  1 
ATOM   377  C C   . ASP A 1 61  ? -1.600  -12.205 8.706   1.00 15.98 ? 61  ASP A C   1 
ATOM   378  O O   . ASP A 1 61  ? -1.375  -11.402 9.608   1.00 17.91 ? 61  ASP A O   1 
ATOM   379  C CB  . ASP A 1 61  ? 0.794   -12.507 8.067   1.00 16.08 ? 61  ASP A CB  1 
ATOM   380  C CG  . ASP A 1 61  ? 1.054   -13.750 9.030   1.00 17.22 ? 61  ASP A CG  1 
ATOM   381  O OD1 . ASP A 1 61  ? 0.048   -14.494 9.194   1.00 17.74 ? 61  ASP A OD1 1 
ATOM   382  O OD2 . ASP A 1 61  ? 2.172   -13.772 9.512   1.00 17.33 ? 61  ASP A OD2 1 
ATOM   383  N N   . SER A 1 62  ? -2.645  -13.009 8.671   1.00 17.04 ? 62  SER A N   1 
ATOM   384  C CA  . SER A 1 62  ? -3.701  -12.922 9.728   1.00 17.60 ? 62  SER A CA  1 
ATOM   385  C C   . SER A 1 62  ? -3.349  -13.747 10.954  1.00 20.87 ? 62  SER A C   1 
ATOM   386  O O   . SER A 1 62  ? -4.174  -13.756 11.913  1.00 23.24 ? 62  SER A O   1 
ATOM   387  C CB  . SER A 1 62  ? -5.053  -13.367 9.113   1.00 18.11 ? 62  SER A CB  1 
ATOM   388  O OG  . SER A 1 62  ? -4.949  -14.681 8.604   1.00 24.27 ? 62  SER A OG  1 
ATOM   389  N N   . ALA A 1 63  ? -2.219  -14.412 10.999  1.00 17.94 ? 63  ALA A N   1 
ATOM   390  C CA  . ALA A 1 63  ? -1.803  -15.144 12.229  1.00 18.82 ? 63  ALA A CA  1 
ATOM   391  C C   . ALA A 1 63  ? -0.323  -14.925 12.421  1.00 19.86 ? 63  ALA A C   1 
ATOM   392  O O   . ALA A 1 63  ? 0.507   -15.847 12.237  1.00 22.84 ? 63  ALA A O   1 
ATOM   393  C CB  . ALA A 1 63  ? -2.157  -16.589 12.144  1.00 23.26 ? 63  ALA A CB  1 
ATOM   394  N N   . PRO A 1 64  ? 0.105   -13.696 12.711  1.00 20.34 ? 64  PRO A N   1 
ATOM   395  C CA  . PRO A 1 64  ? 1.544   -13.361 12.891  1.00 20.98 ? 64  PRO A CA  1 
ATOM   396  C C   . PRO A 1 64  ? 2.232   -14.051 14.068  1.00 21.87 ? 64  PRO A C   1 
ATOM   397  O O   . PRO A 1 64  ? 1.516   -14.563 14.957  1.00 24.03 ? 64  PRO A O   1 
ATOM   398  C CB  . PRO A 1 64  ? 1.572   -11.845 12.976  1.00 23.77 ? 64  PRO A CB  1 
ATOM   399  C CG  . PRO A 1 64  ? 0.280   -11.527 13.581  1.00 23.81 ? 64  PRO A CG  1 
ATOM   400  C CD  . PRO A 1 64  ? -0.726  -12.492 12.976  1.00 22.93 ? 64  PRO A CD  1 
ATOM   401  N N   . ALA A 1 65  ? 3.528   -13.968 14.077  1.00 23.20 ? 65  ALA A N   1 
ATOM   402  C CA  . ALA A 1 65  ? 4.308   -14.488 15.214  1.00 23.98 ? 65  ALA A CA  1 
ATOM   403  C C   . ALA A 1 65  ? 3.979   -13.684 16.453  1.00 27.67 ? 65  ALA A C   1 
ATOM   404  O O   . ALA A 1 65  ? 3.481   -12.598 16.386  1.00 28.40 ? 65  ALA A O   1 
ATOM   405  C CB  . ALA A 1 65  ? 5.761   -14.607 14.833  1.00 23.57 ? 65  ALA A CB  1 
ATOM   406  N N   . THR A 1 66  ? 4.072   -14.318 17.628  1.00 30.92 ? 66  THR A N   1 
ATOM   407  C CA  . THR A 1 66  ? 3.771   -13.646 18.909  1.00 32.68 ? 66  THR A CA  1 
ATOM   408  C C   . THR A 1 66  ? 5.011   -13.190 19.676  1.00 37.59 ? 66  THR A C   1 
ATOM   409  O O   . THR A 1 66  ? 4.930   -12.978 20.885  1.00 43.86 ? 66  THR A O   1 
ATOM   410  C CB  . THR A 1 66  ? 2.980   -14.624 19.851  1.00 37.48 ? 66  THR A CB  1 
ATOM   411  O OG1 . THR A 1 66  ? 3.782   -15.758 20.078  1.00 39.83 ? 66  THR A OG1 1 
ATOM   412  C CG2 . THR A 1 66  ? 1.787   -15.150 19.209  1.00 37.14 ? 66  THR A CG2 1 
ATOM   413  N N   . ASP A 1 67  ? 6.148   -13.026 19.004  1.00 30.35 ? 67  ASP A N   1 
ATOM   414  C CA  . ASP A 1 67  ? 7.427   -12.825 19.577  1.00 29.30 ? 67  ASP A CA  1 
ATOM   415  C C   . ASP A 1 67  ? 7.884   -11.358 19.428  1.00 28.60 ? 67  ASP A C   1 
ATOM   416  O O   . ASP A 1 67  ? 9.053   -11.080 19.512  1.00 36.18 ? 67  ASP A O   1 
ATOM   417  C CB  . ASP A 1 67  ? 8.390   -13.810 18.926  1.00 27.32 ? 67  ASP A CB  1 
ATOM   418  C CG  . ASP A 1 67  ? 8.632   -13.516 17.425  1.00 36.84 ? 67  ASP A CG  1 
ATOM   419  O OD1 . ASP A 1 67  ? 7.992   -12.552 16.868  1.00 30.12 ? 67  ASP A OD1 1 
ATOM   420  O OD2 . ASP A 1 67  ? 9.456   -14.220 16.835  1.00 33.37 ? 67  ASP A OD2 1 
ATOM   421  N N   . GLY A 1 68  ? 6.950   -10.445 19.159  1.00 29.01 ? 68  GLY A N   1 
ATOM   422  C CA  . GLY A 1 68  ? 7.205   -9.059  18.908  1.00 31.01 ? 68  GLY A CA  1 
ATOM   423  C C   . GLY A 1 68  ? 7.483   -8.704  17.425  1.00 25.44 ? 68  GLY A C   1 
ATOM   424  O O   . GLY A 1 68  ? 7.819   -7.544  17.177  1.00 29.00 ? 68  GLY A O   1 
ATOM   425  N N   . SER A 1 69  ? 7.516   -9.685  16.536  1.00 23.97 ? 69  SER A N   1 
ATOM   426  C CA  . SER A 1 69  ? 7.701   -9.393  15.094  1.00 21.50 ? 69  SER A CA  1 
ATOM   427  C C   . SER A 1 69  ? 6.524   -8.643  14.563  1.00 19.86 ? 69  SER A C   1 
ATOM   428  O O   . SER A 1 69  ? 5.370   -8.762  15.020  1.00 21.61 ? 69  SER A O   1 
ATOM   429  C CB  . SER A 1 69  ? 7.855   -10.666 14.331  1.00 22.42 ? 69  SER A CB  1 
ATOM   430  O OG  . SER A 1 69  ? 9.023   -11.360 14.767  1.00 27.44 ? 69  SER A OG  1 
ATOM   431  N N   . GLY A 1 70  ? 6.757   -7.818  13.535  1.00 17.48 ? 70  GLY A N   1 
ATOM   432  C CA  . GLY A 1 70  ? 5.719   -7.196  12.768  1.00 17.76 ? 70  GLY A CA  1 
ATOM   433  C C   . GLY A 1 70  ? 4.869   -8.245  11.954  1.00 15.49 ? 70  GLY A C   1 
ATOM   434  O O   . GLY A 1 70  ? 5.197   -9.396  11.890  1.00 17.53 ? 70  GLY A O   1 
ATOM   435  N N   . THR A 1 71  ? 3.861   -7.666  11.309  1.00 15.93 ? 71  THR A N   1 
ATOM   436  C CA  . THR A 1 71  ? 2.892   -8.409  10.514  1.00 14.97 ? 71  THR A CA  1 
ATOM   437  C C   . THR A 1 71  ? 3.134   -8.091  9.061   1.00 13.94 ? 71  THR A C   1 
ATOM   438  O O   . THR A 1 71  ? 2.850   -6.987  8.590   1.00 15.19 ? 71  THR A O   1 
ATOM   439  C CB  . THR A 1 71  ? 1.451   -8.104  10.894  1.00 16.74 ? 71  THR A CB  1 
ATOM   440  O OG1 . THR A 1 71  ? 1.291   -8.371  12.324  1.00 19.88 ? 71  THR A OG1 1 
ATOM   441  C CG2 . THR A 1 71  ? 0.461   -8.770  10.103  1.00 17.45 ? 71  THR A CG2 1 
ATOM   442  N N   . ALA A 1 72  ? 3.515   -9.120  8.283   1.00 14.80 ? 72  ALA A N   1 
ATOM   443  C CA  . ALA A 1 72  ? 3.775   -8.917  6.851   1.00 14.50 ? 72  ALA A CA  1 
ATOM   444  C C   . ALA A 1 72  ? 2.536   -8.644  6.081   1.00 13.98 ? 72  ALA A C   1 
ATOM   445  O O   . ALA A 1 72  ? 1.460   -9.250  6.316   1.00 15.89 ? 72  ALA A O   1 
ATOM   446  C CB  . ALA A 1 72  ? 4.511   -10.122 6.277   1.00 16.17 ? 72  ALA A CB  1 
ATOM   447  N N   . LEU A 1 73  ? 2.603   -7.755  5.085   1.00 13.95 ? 73  LEU A N   1 
ATOM   448  C CA  . LEU A 1 73  ? 1.451   -7.424  4.231   1.00 15.17 ? 73  LEU A CA  1 
ATOM   449  C C   . LEU A 1 73  ? 1.918   -6.768  2.904   1.00 14.47 ? 73  LEU A C   1 
ATOM   450  O O   . LEU A 1 73  ? 3.117   -6.398  2.785   1.00 15.52 ? 73  LEU A O   1 
ATOM   451  C CB  . LEU A 1 73  ? 0.503   -6.479  4.967   1.00 16.41 ? 73  LEU A CB  1 
ATOM   452  C CG  . LEU A 1 73  ? 0.827   -5.005  5.049   1.00 20.46 ? 73  LEU A CG  1 
ATOM   453  C CD1 . LEU A 1 73  ? -0.311  -4.356  5.826   1.00 24.76 ? 73  LEU A CD1 1 
ATOM   454  C CD2 . LEU A 1 73  ? 1.993   -4.797  5.818   1.00 22.66 ? 73  LEU A CD2 1 
ATOM   455  N N   . GLY A 1 74  ? 1.025   -6.716  1.964   1.00 13.63 ? 74  GLY A N   1 
ATOM   456  C CA  . GLY A 1 74  ? 1.217   -5.970  0.766   1.00 13.67 ? 74  GLY A CA  1 
ATOM   457  C C   . GLY A 1 74  ? 0.048   -5.654  0.035   1.00 12.30 ? 74  GLY A C   1 
ATOM   458  O O   . GLY A 1 74  ? -1.001  -6.222  0.320   1.00 13.81 ? 74  GLY A O   1 
ATOM   459  N N   . TRP A 1 75  ? 0.095   -4.664  -0.858  1.00 12.74 ? 75  TRP A N   1 
ATOM   460  C CA  . TRP A 1 75  ? -1.029  -4.291  -1.643  1.00 12.94 ? 75  TRP A CA  1 
ATOM   461  C C   . TRP A 1 75  ? -0.594  -3.663  -2.981  1.00 14.59 ? 75  TRP A C   1 
ATOM   462  O O   . TRP A 1 75  ? 0.519   -3.249  -3.159  1.00 13.07 ? 75  TRP A O   1 
ATOM   463  C CB  . TRP A 1 75  ? -2.052  -3.363  -0.926  1.00 13.62 ? 75  TRP A CB  1 
ATOM   464  C CG  . TRP A 1 75  ? -1.495  -2.019  -0.591  1.00 12.20 ? 75  TRP A CG  1 
ATOM   465  C CD1 . TRP A 1 75  ? -1.682  -0.864  -1.385  1.00 13.25 ? 75  TRP A CD1 1 
ATOM   466  C CD2 . TRP A 1 75  ? -0.761  -1.560  0.552   1.00 12.11 ? 75  TRP A CD2 1 
ATOM   467  N NE1 . TRP A 1 75  ? -1.114  0.199   -0.748  1.00 13.89 ? 75  TRP A NE1 1 
ATOM   468  C CE2 . TRP A 1 75  ? -0.529  -0.210  0.391   1.00 13.43 ? 75  TRP A CE2 1 
ATOM   469  C CE3 . TRP A 1 75  ? -0.291  -2.184  1.653   1.00 12.54 ? 75  TRP A CE3 1 
ATOM   470  C CZ2 . TRP A 1 75  ? 0.271   0.545   1.290   1.00 14.55 ? 75  TRP A CZ2 1 
ATOM   471  C CZ3 . TRP A 1 75  ? 0.427   -1.451  2.597   1.00 15.07 ? 75  TRP A CZ3 1 
ATOM   472  C CH2 . TRP A 1 75  ? 0.692   -0.110  2.371   1.00 15.29 ? 75  TRP A CH2 1 
ATOM   473  N N   . THR A 1 76  ? -1.558  -3.613  -3.916  1.00 12.76 ? 76  THR A N   1 
ATOM   474  C CA  . THR A 1 76  ? -1.417  -3.012  -5.198  1.00 12.41 ? 76  THR A CA  1 
ATOM   475  C C   . THR A 1 76  ? -2.395  -1.958  -5.494  1.00 12.63 ? 76  THR A C   1 
ATOM   476  O O   . THR A 1 76  ? -3.629  -2.165  -5.225  1.00 14.39 ? 76  THR A O   1 
ATOM   477  C CB  . THR A 1 76  ? -1.556  -4.138  -6.320  1.00 13.57 ? 76  THR A CB  1 
ATOM   478  O OG1 . THR A 1 76  ? -0.664  -5.217  -6.018  1.00 14.33 ? 76  THR A OG1 1 
ATOM   479  C CG2 . THR A 1 76  ? -1.315  -3.630  -7.660  1.00 14.02 ? 76  THR A CG2 1 
ATOM   480  N N   . VAL A 1 77  ? -2.000  -0.952  -6.236  1.00 12.88 ? 77  VAL A N   1 
ATOM   481  C CA  . VAL A 1 77  ? -2.828  0.041   -6.947  1.00 13.12 ? 77  VAL A CA  1 
ATOM   482  C C   . VAL A 1 77  ? -2.464  0.090   -8.380  1.00 13.91 ? 77  VAL A C   1 
ATOM   483  O O   . VAL A 1 77  ? -1.271  0.256   -8.744  1.00 14.31 ? 77  VAL A O   1 
ATOM   484  C CB  . VAL A 1 77  ? -2.632  1.430   -6.350  1.00 13.58 ? 77  VAL A CB  1 
ATOM   485  C CG1 . VAL A 1 77  ? -3.316  2.497   -7.235  1.00 14.69 ? 77  VAL A CG1 1 
ATOM   486  C CG2 . VAL A 1 77  ? -3.189  1.507   -4.930  1.00 15.33 ? 77  VAL A CG2 1 
ATOM   487  N N   . ALA A 1 78  ? -3.391  -0.161  -9.327  1.00 13.82 ? 78  ALA A N   1 
ATOM   488  C CA  . ALA A 1 78  ? -3.229  0.215   -10.695 1.00 14.35 ? 78  ALA A CA  1 
ATOM   489  C C   . ALA A 1 78  ? -3.749  1.638   -10.896 1.00 13.77 ? 78  ALA A C   1 
ATOM   490  O O   . ALA A 1 78  ? -4.893  1.939   -10.484 1.00 14.26 ? 78  ALA A O   1 
ATOM   491  C CB  . ALA A 1 78  ? -3.980  -0.729  -11.604 1.00 15.08 ? 78  ALA A CB  1 
ATOM   492  N N   . TRP A 1 79  ? -2.997  2.481   -11.518 1.00 15.57 ? 79  TRP A N   1 
ATOM   493  C CA  . TRP A 1 79  ? -3.266  3.930   -11.501 1.00 13.97 ? 79  TRP A CA  1 
ATOM   494  C C   . TRP A 1 79  ? -4.193  4.365   -12.636 1.00 14.74 ? 79  TRP A C   1 
ATOM   495  O O   . TRP A 1 79  ? -3.954  5.343   -13.384 1.00 14.73 ? 79  TRP A O   1 
ATOM   496  C CB  . TRP A 1 79  ? -1.952  4.714   -11.479 1.00 13.78 ? 79  TRP A CB  1 
ATOM   497  C CG  . TRP A 1 79  ? -1.157  4.470   -10.276 1.00 14.21 ? 79  TRP A CG  1 
ATOM   498  C CD1 . TRP A 1 79  ? 0.008   3.730   -10.195 1.00 16.12 ? 79  TRP A CD1 1 
ATOM   499  C CD2 . TRP A 1 79  ? -1.372  5.039   -8.982  1.00 13.42 ? 79  TRP A CD2 1 
ATOM   500  N NE1 . TRP A 1 79  ? 0.444   3.684   -8.891  1.00 14.61 ? 79  TRP A NE1 1 
ATOM   501  C CE2 . TRP A 1 79  ? -0.386  4.470   -8.110  1.00 13.98 ? 79  TRP A CE2 1 
ATOM   502  C CE3 . TRP A 1 79  ? -2.397  5.847   -8.393  1.00 14.58 ? 79  TRP A CE3 1 
ATOM   503  C CZ2 . TRP A 1 79  ? -0.255  4.818   -6.838  1.00 13.80 ? 79  TRP A CZ2 1 
ATOM   504  C CZ3 . TRP A 1 79  ? -2.264  6.211   -7.152  1.00 14.81 ? 79  TRP A CZ3 1 
ATOM   505  C CH2 . TRP A 1 79  ? -1.232  5.631   -6.312  1.00 14.97 ? 79  TRP A CH2 1 
ATOM   506  N N   . LYS A 1 80  ? -5.349  3.700   -12.659 1.00 15.55 ? 80  LYS A N   1 
ATOM   507  C CA  . LYS A 1 80  ? -6.472  4.004   -13.510 1.00 14.81 ? 80  LYS A CA  1 
ATOM   508  C C   . LYS A 1 80  ? -7.679  4.212   -12.656 1.00 14.33 ? 80  LYS A C   1 
ATOM   509  O O   . LYS A 1 80  ? -8.028  3.367   -11.851 1.00 15.38 ? 80  LYS A O   1 
ATOM   510  C CB  . LYS A 1 80  ? -6.735  2.910   -14.460 1.00 16.53 ? 80  LYS A CB  1 
ATOM   511  C CG  . LYS A 1 80  ? -8.017  3.106   -15.357 1.00 18.47 ? 80  LYS A CG  1 
ATOM   512  C CD  . LYS A 1 80  ? -8.236  1.948   -16.301 1.00 22.83 ? 80  LYS A CD  1 
ATOM   513  C CE  . LYS A 1 80  ? -9.411  2.202   -17.222 1.00 26.28 ? 80  LYS A CE  1 
ATOM   514  N NZ  . LYS A 1 80  ? -10.658 2.072   -16.463 1.00 30.23 ? 80  LYS A NZ  1 
ATOM   515  N N   . ASN A 1 81  ? -8.380  5.336   -12.882 1.00 14.96 ? 81  ASN A N   1 
ATOM   516  C CA  . ASN A 1 81  ? -9.714  5.536   -12.263 1.00 15.95 ? 81  ASN A CA  1 
ATOM   517  C C   . ASN A 1 81  ? -10.526 6.354   -13.300 1.00 15.77 ? 81  ASN A C   1 
ATOM   518  O O   . ASN A 1 81  ? -10.178 6.390   -14.451 1.00 17.57 ? 81  ASN A O   1 
ATOM   519  C CB  . ASN A 1 81  ? -9.584  6.156   -10.926 1.00 15.70 ? 81  ASN A CB  1 
ATOM   520  C CG  . ASN A 1 81  ? -9.079  7.592   -10.885 1.00 15.67 ? 81  ASN A CG  1 
ATOM   521  O OD1 . ASN A 1 81  ? -8.905  8.201   -11.951 1.00 16.35 ? 81  ASN A OD1 1 
ATOM   522  N ND2 . ASN A 1 81  ? -8.808  8.109   -9.704  1.00 15.33 ? 81  ASN A ND2 1 
ATOM   523  N N   . ASN A 1 82  ? -11.636 6.886   -12.813 1.00 16.59 ? 82  ASN A N   1 
ATOM   524  C CA  . ASN A 1 82  ? -12.478 7.670   -13.807 1.00 19.85 ? 82  ASN A CA  1 
ATOM   525  C C   . ASN A 1 82  ? -11.917 8.897   -14.260 1.00 19.73 ? 82  ASN A C   1 
ATOM   526  O O   . ASN A 1 82  ? -12.449 9.527   -15.245 1.00 22.98 ? 82  ASN A O   1 
ATOM   527  C CB  . ASN A 1 82  ? -13.921 7.838   -13.292 1.00 21.99 ? 82  ASN A CB  1 
ATOM   528  C CG  . ASN A 1 82  ? -14.651 6.520   -13.202 1.00 31.37 ? 82  ASN A CG  1 
ATOM   529  O OD1 . ASN A 1 82  ? -14.346 5.583   -13.961 1.00 34.64 ? 82  ASN A OD1 1 
ATOM   530  N ND2 . ASN A 1 82  ? -15.559 6.427   -12.285 1.00 39.56 ? 82  ASN A ND2 1 
ATOM   531  N N   . TYR A 1 83  ? -10.895 9.405   -13.624 1.00 18.52 ? 83  TYR A N   1 
ATOM   532  C CA  . TYR A 1 83  ? -10.248 10.689  -13.932 1.00 16.36 ? 83  TYR A CA  1 
ATOM   533  C C   . TYR A 1 83  ? -9.009  10.612  -14.751 1.00 17.95 ? 83  TYR A C   1 
ATOM   534  O O   . TYR A 1 83  ? -8.766  11.430  -15.622 1.00 18.60 ? 83  TYR A O   1 
ATOM   535  C CB  . TYR A 1 83  ? -9.929  11.418  -12.677 1.00 20.35 ? 83  TYR A CB  1 
ATOM   536  C CG  . TYR A 1 83  ? -11.104 11.705  -11.780 1.00 21.44 ? 83  TYR A CG  1 
ATOM   537  C CD1 . TYR A 1 83  ? -11.833 12.849  -12.014 1.00 28.91 ? 83  TYR A CD1 1 
ATOM   538  C CD2 . TYR A 1 83  ? -11.398 10.943  -10.721 1.00 23.12 ? 83  TYR A CD2 1 
ATOM   539  C CE1 . TYR A 1 83  ? -12.897 13.184  -11.167 1.00 33.05 ? 83  TYR A CE1 1 
ATOM   540  C CE2 . TYR A 1 83  ? -12.440 11.207  -9.902  1.00 29.66 ? 83  TYR A CE2 1 
ATOM   541  C CZ  . TYR A 1 83  ? -13.182 12.364  -10.126 1.00 35.55 ? 83  TYR A CZ  1 
ATOM   542  O OH  . TYR A 1 83  ? -14.238 12.699  -9.320  1.00 36.73 ? 83  TYR A OH  1 
ATOM   543  N N   . ARG A 1 84  ? -8.173  9.604   -14.506 1.00 16.95 ? 84  ARG A N   1 
ATOM   544  C CA  . ARG A 1 84  ? -6.829  9.571   -15.122 1.00 18.49 ? 84  ARG A CA  1 
ATOM   545  C C   . ARG A 1 84  ? -6.407  8.110   -15.312 1.00 16.11 ? 84  ARG A C   1 
ATOM   546  O O   . ARG A 1 84  ? -6.873  7.243   -14.566 1.00 17.32 ? 84  ARG A O   1 
ATOM   547  C CB  . ARG A 1 84  ? -5.798  10.208  -14.196 1.00 20.46 ? 84  ARG A CB  1 
ATOM   548  C CG  . ARG A 1 84  ? -5.981  11.705  -14.078 1.00 28.52 ? 84  ARG A CG  1 
ATOM   549  C CD  . ARG A 1 84  ? -4.661  12.254  -13.669 1.00 30.95 ? 84  ARG A CD  1 
ATOM   550  N NE  . ARG A 1 84  ? -4.855  13.624  -13.185 1.00 27.89 ? 84  ARG A NE  1 
ATOM   551  C CZ  . ARG A 1 84  ? -3.920  14.338  -12.815 1.00 23.83 ? 84  ARG A CZ  1 
ATOM   552  N NH1 . ARG A 1 84  ? -4.164  15.533  -12.323 1.00 30.60 ? 84  ARG A NH1 1 
ATOM   553  N NH2 . ARG A 1 84  ? -2.647  13.855  -13.028 1.00 25.14 ? 84  ARG A NH2 1 
ATOM   554  N N   . ASN A 1 85  ? -5.495  7.928   -16.197 1.00 16.14 ? 85  ASN A N   1 
ATOM   555  C CA  . ASN A 1 85  ? -4.844  6.614   -16.375 1.00 16.66 ? 85  ASN A CA  1 
ATOM   556  C C   . ASN A 1 85  ? -3.347  6.844   -16.668 1.00 17.86 ? 85  ASN A C   1 
ATOM   557  O O   . ASN A 1 85  ? -2.995  7.268   -17.753 1.00 17.91 ? 85  ASN A O   1 
ATOM   558  C CB  . ASN A 1 85  ? -5.528  5.784   -17.437 1.00 16.58 ? 85  ASN A CB  1 
ATOM   559  C CG  . ASN A 1 85  ? -5.019  4.334   -17.466 1.00 17.68 ? 85  ASN A CG  1 
ATOM   560  O OD1 . ASN A 1 85  ? -4.057  4.045   -16.720 1.00 18.82 ? 85  ASN A OD1 1 
ATOM   561  N ND2 . ASN A 1 85  ? -5.645  3.499   -18.206 1.00 16.97 ? 85  ASN A ND2 1 
ATOM   562  N N   . ALA A 1 86  ? -2.526  6.548   -15.650 1.00 15.23 ? 86  ALA A N   1 
ATOM   563  C CA  . ALA A 1 86  ? -1.085  6.680   -15.757 1.00 16.12 ? 86  ALA A CA  1 
ATOM   564  C C   . ALA A 1 86  ? -0.389  5.534   -16.438 1.00 14.67 ? 86  ALA A C   1 
ATOM   565  O O   . ALA A 1 86  ? 0.807   5.565   -16.716 1.00 16.39 ? 86  ALA A O   1 
ATOM   566  C CB  . ALA A 1 86  ? -0.512  6.938   -14.427 1.00 16.98 ? 86  ALA A CB  1 
ATOM   567  N N   . HIS A 1 87  ? -1.144  4.496   -16.689 1.00 14.52 ? 87  HIS A N   1 
ATOM   568  C CA  . HIS A 1 87  ? -0.588  3.286   -17.326 1.00 16.66 ? 87  HIS A CA  1 
ATOM   569  C C   . HIS A 1 87  ? 0.569   2.695   -16.497 1.00 16.27 ? 87  HIS A C   1 
ATOM   570  O O   . HIS A 1 87  ? 1.646   2.480   -16.998 1.00 15.86 ? 87  HIS A O   1 
ATOM   571  C CB  . HIS A 1 87  ? -0.208  3.451   -18.746 1.00 17.98 ? 87  HIS A CB  1 
ATOM   572  C CG  . HIS A 1 87  ? -1.300  3.960   -19.629 1.00 17.90 ? 87  HIS A CG  1 
ATOM   573  N ND1 . HIS A 1 87  ? -2.506  3.338   -19.737 1.00 18.39 ? 87  HIS A ND1 1 
ATOM   574  C CD2 . HIS A 1 87  ? -1.371  5.082   -20.387 1.00 18.70 ? 87  HIS A CD2 1 
ATOM   575  C CE1 . HIS A 1 87  ? -3.310  4.041   -20.550 1.00 17.93 ? 87  HIS A CE1 1 
ATOM   576  N NE2 . HIS A 1 87  ? -2.627  5.059   -20.975 1.00 18.97 ? 87  HIS A NE2 1 
ATOM   577  N N   . SER A 1 88  ? 0.271   2.525   -15.223 1.00 15.28 ? 88  SER A N   1 
ATOM   578  C CA  . SER A 1 88  ? 1.272   2.163   -14.203 1.00 14.22 ? 88  SER A CA  1 
ATOM   579  C C   . SER A 1 88  ? 0.605   1.476   -13.087 1.00 14.08 ? 88  SER A C   1 
ATOM   580  O O   . SER A 1 88  ? -0.575  1.595   -12.830 1.00 14.82 ? 88  SER A O   1 
ATOM   581  C CB  . SER A 1 88  ? 2.132   3.339   -13.737 1.00 14.57 ? 88  SER A CB  1 
ATOM   582  O OG  . SER A 1 88  ? 1.251   4.249   -13.059 1.00 15.83 ? 88  SER A OG  1 
ATOM   583  N N   . ALA A 1 89  ? 1.390   0.763   -12.251 1.00 13.52 ? 89  ALA A N   1 
ATOM   584  C CA  . ALA A 1 89  ? 0.913   0.104   -11.046 1.00 12.80 ? 89  ALA A CA  1 
ATOM   585  C C   . ALA A 1 89  ? 1.997   0.163   -9.942  1.00 12.98 ? 89  ALA A C   1 
ATOM   586  O O   . ALA A 1 89  ? 3.166   -0.044  -10.325 1.00 14.45 ? 89  ALA A O   1 
ATOM   587  C CB  . ALA A 1 89  ? 0.487   -1.300  -11.350 1.00 13.98 ? 89  ALA A CB  1 
ATOM   588  N N   . THR A 1 90  ? 1.586   0.387   -8.727  1.00 12.95 ? 90  THR A N   1 
ATOM   589  C CA  . THR A 1 90  ? 2.525   0.287   -7.630  1.00 11.86 ? 90  THR A CA  1 
ATOM   590  C C   . THR A 1 90  ? 2.166   -0.853  -6.750  1.00 12.74 ? 90  THR A C   1 
ATOM   591  O O   . THR A 1 90  ? 0.976   -1.060  -6.430  1.00 12.96 ? 90  THR A O   1 
ATOM   592  C CB  . THR A 1 90  ? 2.524   1.556   -6.815  1.00 13.13 ? 90  THR A CB  1 
ATOM   593  O OG1 . THR A 1 90  ? 2.815   2.701   -7.669  1.00 13.06 ? 90  THR A OG1 1 
ATOM   594  C CG2 . THR A 1 90  ? 3.471   1.553   -5.636  1.00 13.98 ? 90  THR A CG2 1 
ATOM   595  N N   . THR A 1 91  ? 3.102   -1.564  -6.219  1.00 11.59 ? 91  THR A N   1 
ATOM   596  C CA  . THR A 1 91  ? 3.008   -2.520  -5.152  1.00 11.70 ? 91  THR A CA  1 
ATOM   597  C C   . THR A 1 91  ? 3.790   -2.076  -3.940  1.00 12.27 ? 91  THR A C   1 
ATOM   598  O O   . THR A 1 91  ? 4.944   -1.735  -4.116  1.00 14.03 ? 91  THR A O   1 
ATOM   599  C CB  . THR A 1 91  ? 3.295   -3.956  -5.531  1.00 13.04 ? 91  THR A CB  1 
ATOM   600  O OG1 . THR A 1 91  ? 4.687   -4.051  -5.831  1.00 13.60 ? 91  THR A OG1 1 
ATOM   601  C CG2 . THR A 1 91  ? 2.503   -4.449  -6.681  1.00 14.15 ? 91  THR A CG2 1 
ATOM   602  N N   . TRP A 1 92  ? 3.139   -2.147  -2.754  1.00 12.31 ? 92  TRP A N   1 
ATOM   603  C CA  . TRP A 1 92  ? 3.833   -1.907  -1.511  1.00 12.08 ? 92  TRP A CA  1 
ATOM   604  C C   . TRP A 1 92  ? 3.949   -3.219  -0.788  1.00 12.78 ? 92  TRP A C   1 
ATOM   605  O O   . TRP A 1 92  ? 2.962   -3.944  -0.680  1.00 14.35 ? 92  TRP A O   1 
ATOM   606  C CB  . TRP A 1 92  ? 2.993   -0.939  -0.597  1.00 12.21 ? 92  TRP A CB  1 
ATOM   607  C CG  . TRP A 1 92  ? 2.915   0.466   -1.067  1.00 11.68 ? 92  TRP A CG  1 
ATOM   608  C CD1 . TRP A 1 92  ? 3.579   1.486   -0.482  1.00 12.37 ? 92  TRP A CD1 1 
ATOM   609  C CD2 . TRP A 1 92  ? 2.089   1.045   -2.082  1.00 12.31 ? 92  TRP A CD2 1 
ATOM   610  N NE1 . TRP A 1 92  ? 3.200   2.686   -1.101  1.00 13.35 ? 92  TRP A NE1 1 
ATOM   611  C CE2 . TRP A 1 92  ? 2.238   2.391   -2.056  1.00 14.03 ? 92  TRP A CE2 1 
ATOM   612  C CE3 . TRP A 1 92  ? 1.122   0.493   -2.944  1.00 12.29 ? 92  TRP A CE3 1 
ATOM   613  C CZ2 . TRP A 1 92  ? 1.518   3.269   -2.937  1.00 13.40 ? 92  TRP A CZ2 1 
ATOM   614  C CZ3 . TRP A 1 92  ? 0.394   1.352   -3.754  1.00 13.21 ? 92  TRP A CZ3 1 
ATOM   615  C CH2 . TRP A 1 92  ? 0.566   2.657   -3.729  1.00 14.45 ? 92  TRP A CH2 1 
ATOM   616  N N   . SER A 1 93  ? 5.160   -3.514  -0.303  1.00 12.62 ? 93  SER A N   1 
ATOM   617  C CA  . SER A 1 93  ? 5.485   -4.706  0.500   1.00 12.13 ? 93  SER A CA  1 
ATOM   618  C C   . SER A 1 93  ? 6.049   -4.227  1.803   1.00 13.17 ? 93  SER A C   1 
ATOM   619  O O   . SER A 1 93  ? 6.983   -3.412  1.846   1.00 13.97 ? 93  SER A O   1 
ATOM   620  C CB  . SER A 1 93  ? 6.472   -5.518  -0.329  1.00 12.78 ? 93  SER A CB  1 
ATOM   621  O OG  . SER A 1 93  ? 6.771   -6.733  0.411   1.00 15.01 ? 93  SER A OG  1 
ATOM   622  N N   . GLY A 1 94  ? 5.530   -4.744  2.942   1.00 13.93 ? 94  GLY A N   1 
ATOM   623  C CA  . GLY A 1 94  ? 6.005   -4.215  4.209   1.00 14.15 ? 94  GLY A CA  1 
ATOM   624  C C   . GLY A 1 94  ? 5.486   -4.994  5.418   1.00 15.16 ? 94  GLY A C   1 
ATOM   625  O O   . GLY A 1 94  ? 5.086   -6.139  5.324   1.00 15.05 ? 94  GLY A O   1 
ATOM   626  N N   . GLN A 1 95  ? 5.616   -4.247  6.544   1.00 13.87 ? 95  GLN A N   1 
ATOM   627  C CA  . GLN A 1 95  ? 5.133   -4.866  7.794   1.00 16.70 ? 95  GLN A CA  1 
ATOM   628  C C   . GLN A 1 95  ? 4.478   -3.805  8.639   1.00 15.25 ? 95  GLN A C   1 
ATOM   629  O O   . GLN A 1 95  ? 4.870   -2.648  8.654   1.00 16.71 ? 95  GLN A O   1 
ATOM   630  C CB  . GLN A 1 95  ? 6.164   -5.627  8.555   1.00 17.78 ? 95  GLN A CB  1 
ATOM   631  C CG  . GLN A 1 95  ? 7.304   -4.832  8.977   1.00 16.83 ? 95  GLN A CG  1 
ATOM   632  C CD  . GLN A 1 95  ? 8.352   -5.739  9.691   1.00 18.78 ? 95  GLN A CD  1 
ATOM   633  O OE1 . GLN A 1 95  ? 8.035   -6.546  10.547  1.00 17.61 ? 95  GLN A OE1 1 
ATOM   634  N NE2 . GLN A 1 95  ? 9.633   -5.577  9.365   1.00 20.79 ? 95  GLN A NE2 1 
ATOM   635  N N   . TYR A 1 96  ? 3.341   -4.243  9.233   1.00 14.46 ? 96  TYR A N   1 
ATOM   636  C CA  . TYR A 1 96  ? 2.609   -3.493  10.305  1.00 14.74 ? 96  TYR A CA  1 
ATOM   637  C C   . TYR A 1 96  ? 3.250   -3.729  11.630  1.00 15.50 ? 96  TYR A C   1 
ATOM   638  O O   . TYR A 1 96  ? 3.432   -4.875  12.027  1.00 16.96 ? 96  TYR A O   1 
ATOM   639  C CB  . TYR A 1 96  ? 1.123   -3.878  10.247  1.00 16.14 ? 96  TYR A CB  1 
ATOM   640  C CG  . TYR A 1 96  ? 0.350   -3.558  11.516  1.00 16.08 ? 96  TYR A CG  1 
ATOM   641  C CD1 . TYR A 1 96  ? -0.273  -2.339  11.617  1.00 17.81 ? 96  TYR A CD1 1 
ATOM   642  C CD2 . TYR A 1 96  ? 0.234   -4.465  12.532  1.00 19.48 ? 96  TYR A CD2 1 
ATOM   643  C CE1 . TYR A 1 96  ? -1.027  -1.955  12.773  1.00 19.16 ? 96  TYR A CE1 1 
ATOM   644  C CE2 . TYR A 1 96  ? -0.517  -4.112  13.666  1.00 21.84 ? 96  TYR A CE2 1 
ATOM   645  C CZ  . TYR A 1 96  ? -1.073  -2.912  13.745  1.00 19.17 ? 96  TYR A CZ  1 
ATOM   646  O OH  . TYR A 1 96  ? -1.832  -2.623  14.892  1.00 23.80 ? 96  TYR A OH  1 
ATOM   647  N N   . VAL A 1 97  ? 3.501   -2.632  12.339  1.00 18.06 ? 97  VAL A N   1 
ATOM   648  C CA  . VAL A 1 97  ? 4.038   -2.699  13.695  1.00 21.38 ? 97  VAL A CA  1 
ATOM   649  C C   . VAL A 1 97  ? 3.030   -1.982  14.579  1.00 22.62 ? 97  VAL A C   1 
ATOM   650  O O   . VAL A 1 97  ? 2.751   -0.765  14.389  1.00 23.22 ? 97  VAL A O   1 
ATOM   651  C CB  . VAL A 1 97  ? 5.425   -2.006  13.719  1.00 25.47 ? 97  VAL A CB  1 
ATOM   652  C CG1 . VAL A 1 97  ? 6.035   -2.092  15.125  1.00 29.83 ? 97  VAL A CG1 1 
ATOM   653  C CG2 . VAL A 1 97  ? 6.362   -2.632  12.655  1.00 30.25 ? 97  VAL A CG2 1 
ATOM   654  N N   . GLY A 1 98  ? 2.482   -2.722  15.539  1.00 25.08 ? 98  GLY A N   1 
ATOM   655  C CA  . GLY A 1 98  ? 1.326   -2.201  16.370  1.00 30.79 ? 98  GLY A CA  1 
ATOM   656  C C   . GLY A 1 98  ? 1.867   -1.295  17.511  1.00 32.83 ? 98  GLY A C   1 
ATOM   657  O O   . GLY A 1 98  ? 3.064   -1.079  17.621  1.00 32.25 ? 98  GLY A O   1 
ATOM   658  N N   . GLY A 1 99  ? 0.985   -0.766  18.376  1.00 41.77 ? 99  GLY A N   1 
ATOM   659  C CA  . GLY A 1 99  ? 1.474   -0.033  19.621  1.00 39.60 ? 99  GLY A CA  1 
ATOM   660  C C   . GLY A 1 99  ? 1.164   1.441   19.461  1.00 43.45 ? 99  GLY A C   1 
ATOM   661  O O   . GLY A 1 99  ? 0.544   1.808   18.466  1.00 51.79 ? 99  GLY A O   1 
ATOM   662  N N   . ALA A 1 100 ? 1.568   2.297   20.408  1.00 41.86 ? 100 ALA A N   1 
ATOM   663  C CA  . ALA A 1 100 ? 0.978   3.649   20.502  1.00 39.73 ? 100 ALA A CA  1 
ATOM   664  C C   . ALA A 1 100 ? 1.314   4.540   19.342  1.00 43.77 ? 100 ALA A C   1 
ATOM   665  O O   . ALA A 1 100 ? 0.552   5.468   18.962  1.00 47.98 ? 100 ALA A O   1 
ATOM   666  C CB  . ALA A 1 100 ? 1.442   4.298   21.830  1.00 49.39 ? 100 ALA A CB  1 
ATOM   667  N N   . GLN A 1 101 ? 2.483   4.256   18.801  1.00 36.09 ? 101 GLN A N   1 
ATOM   668  C CA  . GLN A 1 101 ? 2.964   4.849   17.615  1.00 42.59 ? 101 GLN A CA  1 
ATOM   669  C C   . GLN A 1 101 ? 2.826   3.742   16.462  1.00 33.79 ? 101 GLN A C   1 
ATOM   670  O O   . GLN A 1 101 ? 3.852   3.412   15.859  1.00 33.59 ? 101 GLN A O   1 
ATOM   671  C CB  . GLN A 1 101 ? 4.446   5.164   17.867  1.00 54.30 ? 101 GLN A CB  1 
ATOM   672  C CG  . GLN A 1 101 ? 5.045   6.231   16.968  1.00 70.27 ? 101 GLN A CG  1 
ATOM   673  C CD  . GLN A 1 101 ? 5.094   7.623   17.613  1.00 82.86 ? 101 GLN A CD  1 
ATOM   674  O OE1 . GLN A 1 101 ? 4.670   7.806   18.768  1.00 75.90 ? 101 GLN A OE1 1 
ATOM   675  N NE2 . GLN A 1 101 ? 5.602   8.612   16.859  1.00 76.08 ? 101 GLN A NE2 1 
ATOM   676  N N   . ALA A 1 102 ? 1.614   3.220   16.179  1.00 27.63 ? 102 ALA A N   1 
ATOM   677  C CA  . ALA A 1 102 ? 1.559   2.204   15.070  1.00 24.45 ? 102 ALA A CA  1 
ATOM   678  C C   . ALA A 1 102 ? 2.075   2.761   13.778  1.00 20.40 ? 102 ALA A C   1 
ATOM   679  O O   . ALA A 1 102 ? 1.909   3.894   13.386  1.00 22.83 ? 102 ALA A O   1 
ATOM   680  C CB  . ALA A 1 102 ? 0.105   1.704   14.890  1.00 26.63 ? 102 ALA A CB  1 
ATOM   681  N N   . ARG A 1 103 ? 2.684   1.834   13.004  1.00 19.35 ? 103 ARG A N   1 
ATOM   682  C CA  . ARG A 1 103 ? 3.213   2.148   11.662  1.00 18.07 ? 103 ARG A CA  1 
ATOM   683  C C   . ARG A 1 103 ? 3.057   0.975   10.702  1.00 17.58 ? 103 ARG A C   1 
ATOM   684  O O   . ARG A 1 103 ? 3.075   -0.197  11.124  1.00 17.29 ? 103 ARG A O   1 
ATOM   685  C CB  . ARG A 1 103 ? 4.725   2.406   11.828  1.00 25.44 ? 103 ARG A CB  1 
ATOM   686  C CG  . ARG A 1 103 ? 4.995   3.737   12.529  0.50 28.64 ? 103 ARG A CG  1 
ATOM   687  C CD  . ARG A 1 103 ? 6.451   4.101   12.504  0.50 31.47 ? 103 ARG A CD  1 
ATOM   688  N NE  . ARG A 1 103 ? 6.729   5.546   12.469  0.50 26.99 ? 103 ARG A NE  1 
ATOM   689  C CZ  . ARG A 1 103 ? 6.048   6.505   13.080  0.50 34.17 ? 103 ARG A CZ  1 
ATOM   690  N NH1 . ARG A 1 103 ? 6.483   7.723   12.953  0.50 36.23 ? 103 ARG A NH1 1 
ATOM   691  N NH2 . ARG A 1 103 ? 4.966   6.282   13.806  0.50 32.81 ? 103 ARG A NH2 1 
ATOM   692  N N   . ILE A 1 104 ? 2.953   1.374   9.457   1.00 15.61 ? 104 ILE A N   1 
ATOM   693  C CA  . ILE A 1 104 ? 3.187   0.392   8.331   1.00 15.89 ? 104 ILE A CA  1 
ATOM   694  C C   . ILE A 1 104 ? 4.451   0.857   7.655   1.00 14.69 ? 104 ILE A C   1 
ATOM   695  O O   . ILE A 1 104 ? 4.444   1.898   7.022   1.00 16.53 ? 104 ILE A O   1 
ATOM   696  C CB  . ILE A 1 104 ? 1.960   0.255   7.461   1.00 16.61 ? 104 ILE A CB  1 
ATOM   697  C CG1 . ILE A 1 104 ? 0.755   -0.209  8.240   1.00 18.74 ? 104 ILE A CG1 1 
ATOM   698  C CG2 . ILE A 1 104 ? 2.270   -0.800  6.354   1.00 17.99 ? 104 ILE A CG2 1 
ATOM   699  C CD1 . ILE A 1 104 ? -0.537  -0.239  7.484   1.00 20.07 ? 104 ILE A CD1 1 
ATOM   700  N N   . ASN A 1 105 ? 5.508   0.067   7.719   1.00 15.26 ? 105 ASN A N   1 
ATOM   701  C CA  . ASN A 1 105 ? 6.798   0.349   6.969   1.00 14.99 ? 105 ASN A CA  1 
ATOM   702  C C   . ASN A 1 105 ? 6.872   -0.436  5.718   1.00 15.78 ? 105 ASN A C   1 
ATOM   703  O O   . ASN A 1 105 ? 6.768   -1.627  5.798   1.00 15.66 ? 105 ASN A O   1 
ATOM   704  C CB  . ASN A 1 105 ? 7.965   0.045   7.894   1.00 17.44 ? 105 ASN A CB  1 
ATOM   705  C CG  . ASN A 1 105 ? 7.972   0.920   9.193   1.00 21.24 ? 105 ASN A CG  1 
ATOM   706  O OD1 . ASN A 1 105 ? 7.705   2.131   9.072   1.00 22.98 ? 105 ASN A OD1 1 
ATOM   707  N ND2 . ASN A 1 105 ? 8.149   0.234   10.355  1.00 22.72 ? 105 ASN A ND2 1 
ATOM   708  N N   . THR A 1 106 ? 6.985   0.256   4.591   1.00 13.76 ? 106 THR A N   1 
ATOM   709  C CA  . THR A 1 106 ? 6.968   -0.389  3.299   1.00 13.64 ? 106 THR A CA  1 
ATOM   710  C C   . THR A 1 106 ? 8.130   0.018   2.398   1.00 13.74 ? 106 THR A C   1 
ATOM   711  O O   . THR A 1 106 ? 8.766   1.082   2.513   1.00 13.77 ? 106 THR A O   1 
ATOM   712  C CB  . THR A 1 106 ? 5.713   -0.020  2.545   1.00 14.18 ? 106 THR A CB  1 
ATOM   713  O OG1 . THR A 1 106 ? 5.758   1.331   2.037   1.00 14.51 ? 106 THR A OG1 1 
ATOM   714  C CG2 . THR A 1 106 ? 4.453   -0.307  3.401   1.00 14.75 ? 106 THR A CG2 1 
ATOM   715  N N   . GLN A 1 107 ? 8.352   -0.864  1.450   1.00 12.24 ? 107 GLN A N   1 
ATOM   716  C CA  . GLN A 1 107 ? 9.118   -0.561  0.225   1.00 13.68 ? 107 GLN A CA  1 
ATOM   717  C C   . GLN A 1 107 ? 8.159   -0.816  -0.957  1.00 12.36 ? 107 GLN A C   1 
ATOM   718  O O   . GLN A 1 107 ? 7.167   -1.536  -0.811  1.00 13.65 ? 107 GLN A O   1 
ATOM   719  C CB  . GLN A 1 107 ? 10.359  -1.433  0.102   1.00 15.67 ? 107 GLN A CB  1 
ATOM   720  C CG  A GLN A 1 107 ? 11.319  -0.910  1.254   0.50 14.80 ? 107 GLN A CG  1 
ATOM   721  C CG  B GLN A 1 107 ? 11.324  -1.406  1.228   0.50 22.45 ? 107 GLN A CG  1 
ATOM   722  C CD  A GLN A 1 107 ? 12.674  -1.576  1.150   0.50 11.03 ? 107 GLN A CD  1 
ATOM   723  C CD  B GLN A 1 107 ? 12.514  -0.688  0.757   0.50 23.82 ? 107 GLN A CD  1 
ATOM   724  O OE1 A GLN A 1 107 ? 13.574  -1.076  0.456   0.50 15.63 ? 107 GLN A OE1 1 
ATOM   725  O OE1 B GLN A 1 107 ? 12.547  0.107   -0.223  0.50 24.67 ? 107 GLN A OE1 1 
ATOM   726  N NE2 A GLN A 1 107 ? 12.899  -2.686  1.887   0.50 10.45 ? 107 GLN A NE2 1 
ATOM   727  N NE2 B GLN A 1 107 ? 13.464  -0.841  1.504   0.50 21.83 ? 107 GLN A NE2 1 
ATOM   728  N N   . TRP A 1 108 ? 8.308   -0.066  -2.055  1.00 11.66 ? 108 TRP A N   1 
ATOM   729  C CA  . TRP A 1 108 ? 7.363   -0.180  -3.173  1.00 12.49 ? 108 TRP A CA  1 
ATOM   730  C C   . TRP A 1 108 ? 8.066   -0.243  -4.486  1.00 12.61 ? 108 TRP A C   1 
ATOM   731  O O   . TRP A 1 108 ? 9.223   0.260   -4.625  1.00 12.95 ? 108 TRP A O   1 
ATOM   732  C CB  . TRP A 1 108 ? 6.329   0.988   -3.103  1.00 11.53 ? 108 TRP A CB  1 
ATOM   733  C CG  . TRP A 1 108 ? 6.854   2.371   -3.064  1.00 13.10 ? 108 TRP A CG  1 
ATOM   734  C CD1 . TRP A 1 108 ? 6.819   3.192   -1.973  1.00 13.17 ? 108 TRP A CD1 1 
ATOM   735  C CD2 . TRP A 1 108 ? 7.360   3.200   -4.122  1.00 11.91 ? 108 TRP A CD2 1 
ATOM   736  N NE1 . TRP A 1 108 ? 7.321   4.445   -2.255  1.00 13.36 ? 108 TRP A NE1 1 
ATOM   737  C CE2 . TRP A 1 108 ? 7.737   4.470   -3.561  1.00 13.27 ? 108 TRP A CE2 1 
ATOM   738  C CE3 . TRP A 1 108 ? 7.663   2.979   -5.462  1.00 12.77 ? 108 TRP A CE3 1 
ATOM   739  C CZ2 . TRP A 1 108 ? 8.164   5.511   -4.362  1.00 12.80 ? 108 TRP A CZ2 1 
ATOM   740  C CZ3 . TRP A 1 108 ? 8.162   4.022   -6.263  1.00 12.66 ? 108 TRP A CZ3 1 
ATOM   741  C CH2 . TRP A 1 108 ? 8.509   5.221   -5.689  1.00 12.76 ? 108 TRP A CH2 1 
ATOM   742  N N   . LEU A 1 109 ? 7.357   -0.782  -5.432  1.00 11.88 ? 109 LEU A N   1 
ATOM   743  C CA  . LEU A 1 109 ? 7.801   -0.920  -6.802  1.00 12.70 ? 109 LEU A CA  1 
ATOM   744  C C   . LEU A 1 109 ? 6.736   -0.335  -7.737  1.00 12.95 ? 109 LEU A C   1 
ATOM   745  O O   . LEU A 1 109 ? 5.567   -0.819  -7.675  1.00 14.56 ? 109 LEU A O   1 
ATOM   746  C CB  . LEU A 1 109 ? 8.062   -2.337  -7.302  1.00 13.24 ? 109 LEU A CB  1 
ATOM   747  C CG  . LEU A 1 109 ? 9.217   -3.094  -6.615  1.00 13.96 ? 109 LEU A CG  1 
ATOM   748  C CD1 . LEU A 1 109 ? 9.067   -4.562  -6.944  1.00 15.43 ? 109 LEU A CD1 1 
ATOM   749  C CD2 . LEU A 1 109 ? 10.493  -2.504  -6.941  1.00 15.99 ? 109 LEU A CD2 1 
ATOM   750  N N   . LEU A 1 110 ? 7.015   0.677   -8.525  1.00 11.71 ? 110 LEU A N   1 
ATOM   751  C CA  . LEU A 1 110 ? 6.110   1.348   -9.456  1.00 13.12 ? 110 LEU A CA  1 
ATOM   752  C C   . LEU A 1 110 ? 6.564   1.018   -10.868 1.00 12.80 ? 110 LEU A C   1 
ATOM   753  O O   . LEU A 1 110 ? 7.598   1.471   -11.338 1.00 13.67 ? 110 LEU A O   1 
ATOM   754  C CB  . LEU A 1 110 ? 6.104   2.835   -9.126  1.00 14.59 ? 110 LEU A CB  1 
ATOM   755  C CG  . LEU A 1 110 ? 5.480   3.828   -10.142 1.00 16.34 ? 110 LEU A CG  1 
ATOM   756  C CD1 . LEU A 1 110 ? 5.475   5.202   -9.533  1.00 18.34 ? 110 LEU A CD1 1 
ATOM   757  C CD2 . LEU A 1 110 ? 5.560   3.616   -11.663 1.00 28.77 ? 110 LEU A CD2 1 
ATOM   758  N N   . THR A 1 111 ? 5.767   0.192   -11.528 1.00 13.00 ? 111 THR A N   1 
ATOM   759  C CA  . THR A 1 111 ? 6.063   -0.233  -12.908 1.00 14.01 ? 111 THR A CA  1 
ATOM   760  C C   . THR A 1 111 ? 5.149   0.499   -13.900 1.00 14.59 ? 111 THR A C   1 
ATOM   761  O O   . THR A 1 111 ? 3.919   0.471   -13.695 1.00 14.05 ? 111 THR A O   1 
ATOM   762  C CB  . THR A 1 111 ? 5.970   -1.701  -13.150 1.00 14.42 ? 111 THR A CB  1 
ATOM   763  O OG1 . THR A 1 111 ? 6.747   -2.445  -12.203 1.00 14.92 ? 111 THR A OG1 1 
ATOM   764  C CG2 . THR A 1 111 ? 6.392   -2.113  -14.552 1.00 17.21 ? 111 THR A CG2 1 
ATOM   765  N N   . TYR A 1 112 ? 5.732   1.068   -14.946 1.00 12.78 ? 112 TYR A N   1 
ATOM   766  C CA  . TYR A 1 112 ? 5.056   1.723   -16.029 1.00 14.11 ? 112 TYR A CA  1 
ATOM   767  C C   . TYR A 1 112 ? 4.911   0.674   -17.141 1.00 15.17 ? 112 TYR A C   1 
ATOM   768  O O   . TYR A 1 112 ? 5.867   -0.050  -17.469 1.00 16.41 ? 112 TYR A O   1 
ATOM   769  C CB  . TYR A 1 112 ? 5.740   2.938   -16.587 1.00 16.87 ? 112 TYR A CB  1 
ATOM   770  C CG  . TYR A 1 112 ? 5.710   4.041   -15.626 1.00 18.94 ? 112 TYR A CG  1 
ATOM   771  C CD1 . TYR A 1 112 ? 4.691   5.037   -15.714 1.00 23.13 ? 112 TYR A CD1 1 
ATOM   772  C CD2 . TYR A 1 112 ? 6.677   4.191   -14.690 1.00 23.61 ? 112 TYR A CD2 1 
ATOM   773  C CE1 . TYR A 1 112 ? 4.611   6.045   -14.735 1.00 23.54 ? 112 TYR A CE1 1 
ATOM   774  C CE2 . TYR A 1 112 ? 6.578   5.245   -13.769 1.00 29.48 ? 112 TYR A CE2 1 
ATOM   775  C CZ  . TYR A 1 112 ? 5.463   6.040   -13.811 1.00 25.19 ? 112 TYR A CZ  1 
ATOM   776  O OH  . TYR A 1 112 ? 5.370   7.142   -12.920 1.00 32.83 ? 112 TYR A OH  1 
ATOM   777  N N   . GLY A 1 113 ? 3.778   0.677   -17.856 1.00 17.10 ? 113 GLY A N   1 
ATOM   778  C CA  . GLY A 1 113 ? 3.816   0.008   -19.196 1.00 18.03 ? 113 GLY A CA  1 
ATOM   779  C C   . GLY A 1 113 ? 4.737   0.703   -20.165 1.00 17.83 ? 113 GLY A C   1 
ATOM   780  O O   . GLY A 1 113 ? 4.717   1.926   -20.280 1.00 21.02 ? 113 GLY A O   1 
ATOM   781  N N   . THR A 1 114 ? 5.602   -0.039  -20.826 1.00 16.99 ? 114 THR A N   1 
ATOM   782  C CA  . THR A 1 114 ? 6.595   0.549   -21.726 1.00 19.14 ? 114 THR A CA  1 
ATOM   783  C C   . THR A 1 114 ? 6.666   -0.319  -22.999 1.00 19.07 ? 114 THR A C   1 
ATOM   784  O O   . THR A 1 114 ? 6.245   -1.476  -23.024 1.00 18.12 ? 114 THR A O   1 
ATOM   785  C CB  . THR A 1 114 ? 8.048   0.524   -21.195 1.00 17.00 ? 114 THR A CB  1 
ATOM   786  O OG1 . THR A 1 114 ? 8.565   -0.740  -20.990 1.00 18.71 ? 114 THR A OG1 1 
ATOM   787  C CG2 . THR A 1 114 ? 8.129   1.308   -19.823 1.00 20.66 ? 114 THR A CG2 1 
ATOM   788  N N   . THR A 1 115 ? 7.311   0.289   -24.009 1.00 18.71 ? 115 THR A N   1 
ATOM   789  C CA  . THR A 1 115 ? 7.782   -0.568  -25.122 1.00 20.95 ? 115 THR A CA  1 
ATOM   790  C C   . THR A 1 115 ? 8.897   -1.479  -24.706 1.00 20.88 ? 115 THR A C   1 
ATOM   791  O O   . THR A 1 115 ? 9.528   -1.288  -23.632 1.00 19.77 ? 115 THR A O   1 
ATOM   792  C CB  . THR A 1 115 ? 8.321   0.264   -26.307 1.00 22.33 ? 115 THR A CB  1 
ATOM   793  O OG1 . THR A 1 115 ? 9.382   1.066   -25.831 1.00 24.77 ? 115 THR A OG1 1 
ATOM   794  C CG2 . THR A 1 115 ? 7.214   1.168   -26.765 1.00 25.98 ? 115 THR A CG2 1 
ATOM   795  N N   . GLU A 1 116 ? 9.254   -2.504  -25.482 1.00 23.20 ? 116 GLU A N   1 
ATOM   796  C CA  . GLU A 1 116 ? 10.271  -3.446  -25.086 1.00 24.11 ? 116 GLU A CA  1 
ATOM   797  C C   . GLU A 1 116 ? 11.642  -2.674  -25.041 1.00 22.38 ? 116 GLU A C   1 
ATOM   798  O O   . GLU A 1 116 ? 12.445  -2.912  -24.162 1.00 23.04 ? 116 GLU A O   1 
ATOM   799  C CB  . GLU A 1 116 ? 10.353  -4.680  -26.093 1.00 28.11 ? 116 GLU A CB  1 
ATOM   800  C CG  . GLU A 1 116 ? 9.159   -5.619  -25.806 0.50 28.80 ? 116 GLU A CG  1 
ATOM   801  C CD  . GLU A 1 116 ? 9.075   -6.853  -26.728 0.50 34.46 ? 116 GLU A CD  1 
ATOM   802  O OE1 . GLU A 1 116 ? 7.952   -7.210  -27.153 0.50 35.12 ? 116 GLU A OE1 1 
ATOM   803  O OE2 . GLU A 1 116 ? 10.121  -7.466  -26.997 0.50 39.42 ? 116 GLU A OE2 1 
ATOM   804  N N   . ALA A 1 117 ? 11.866  -1.751  -25.962 1.00 23.29 ? 117 ALA A N   1 
ATOM   805  C CA  . ALA A 1 117 ? 13.110  -0.959  -26.049 1.00 24.61 ? 117 ALA A CA  1 
ATOM   806  C C   . ALA A 1 117 ? 13.300  -0.152  -24.751 1.00 27.59 ? 117 ALA A C   1 
ATOM   807  O O   . ALA A 1 117 ? 14.407  0.160   -24.392 1.00 24.12 ? 117 ALA A O   1 
ATOM   808  C CB  . ALA A 1 117 ? 13.040  0.026   -27.247 1.00 26.69 ? 117 ALA A CB  1 
ATOM   809  N N   . ASN A 1 118 ? 12.214  0.269   -24.108 1.00 21.07 ? 118 ASN A N   1 
ATOM   810  C CA  . ASN A 1 118 ? 12.335  1.141   -22.883 1.00 19.95 ? 118 ASN A CA  1 
ATOM   811  C C   . ASN A 1 118 ? 12.107  0.315   -21.573 1.00 17.71 ? 118 ASN A C   1 
ATOM   812  O O   . ASN A 1 118 ? 12.002  0.960   -20.504 1.00 17.47 ? 118 ASN A O   1 
ATOM   813  C CB  . ASN A 1 118 ? 11.407  2.290   -22.920 1.00 20.67 ? 118 ASN A CB  1 
ATOM   814  C CG  . ASN A 1 118 ? 11.716  3.249   -24.098 1.00 25.92 ? 118 ASN A CG  1 
ATOM   815  O OD1 . ASN A 1 118 ? 12.856  3.377   -24.480 1.00 28.06 ? 118 ASN A OD1 1 
ATOM   816  N ND2 . ASN A 1 118 ? 10.748  3.799   -24.655 1.00 27.23 ? 118 ASN A ND2 1 
ATOM   817  N N   . ALA A 1 119 ? 11.907  -0.976  -21.661 1.00 16.69 ? 119 ALA A N   1 
ATOM   818  C CA  . ALA A 1 119 ? 11.529  -1.764  -20.481 1.00 16.63 ? 119 ALA A CA  1 
ATOM   819  C C   . ALA A 1 119 ? 12.598  -1.767  -19.432 1.00 16.60 ? 119 ALA A C   1 
ATOM   820  O O   . ALA A 1 119 ? 12.315  -1.904  -18.248 1.00 16.88 ? 119 ALA A O   1 
ATOM   821  C CB  . ALA A 1 119 ? 11.119  -3.168  -20.905 1.00 19.29 ? 119 ALA A CB  1 
ATOM   822  N N   . TRP A 1 120 ? 13.878  -1.577  -19.789 1.00 16.08 ? 120 TRP A N   1 
ATOM   823  C CA  . TRP A 1 120 ? 14.937  -1.455  -18.765 1.00 15.00 ? 120 TRP A CA  1 
ATOM   824  C C   . TRP A 1 120 ? 14.654  -0.337  -17.755 1.00 16.66 ? 120 TRP A C   1 
ATOM   825  O O   . TRP A 1 120 ? 15.156  -0.426  -16.626 1.00 16.89 ? 120 TRP A O   1 
ATOM   826  C CB  . TRP A 1 120 ? 16.343  -1.288  -19.441 1.00 17.51 ? 120 TRP A CB  1 
ATOM   827  C CG  . TRP A 1 120 ? 16.525  0.013   -20.119 1.00 16.95 ? 120 TRP A CG  1 
ATOM   828  C CD1 . TRP A 1 120 ? 16.180  0.339   -21.406 1.00 18.07 ? 120 TRP A CD1 1 
ATOM   829  C CD2 . TRP A 1 120 ? 16.968  1.230   -19.541 1.00 15.45 ? 120 TRP A CD2 1 
ATOM   830  N NE1 . TRP A 1 120 ? 16.366  1.606   -21.640 1.00 17.35 ? 120 TRP A NE1 1 
ATOM   831  C CE2 . TRP A 1 120 ? 16.865  2.235   -20.541 1.00 16.88 ? 120 TRP A CE2 1 
ATOM   832  C CE3 . TRP A 1 120 ? 17.494  1.593   -18.270 1.00 17.00 ? 120 TRP A CE3 1 
ATOM   833  C CZ2 . TRP A 1 120 ? 17.260  3.550   -20.315 1.00 18.24 ? 120 TRP A CZ2 1 
ATOM   834  C CZ3 . TRP A 1 120 ? 17.892  2.903   -18.077 1.00 17.75 ? 120 TRP A CZ3 1 
ATOM   835  C CH2 . TRP A 1 120 ? 17.749  3.855   -19.080 1.00 20.12 ? 120 TRP A CH2 1 
ATOM   836  N N   . ALA A 1 121 ? 13.960  0.703   -18.181 1.00 14.73 ? 121 ALA A N   1 
ATOM   837  C CA  . ALA A 1 121 ? 13.664  1.862   -17.397 1.00 15.09 ? 121 ALA A CA  1 
ATOM   838  C C   . ALA A 1 121 ? 12.195  1.902   -16.918 1.00 16.10 ? 121 ALA A C   1 
ATOM   839  O O   . ALA A 1 121 ? 11.667  2.990   -16.629 1.00 18.86 ? 121 ALA A O   1 
ATOM   840  C CB  . ALA A 1 121 ? 13.984  3.127   -18.234 1.00 16.88 ? 121 ALA A CB  1 
ATOM   841  N N   . SER A 1 122 ? 11.563  0.757   -16.828 1.00 15.15 ? 122 SER A N   1 
ATOM   842  C CA  . SER A 1 122 ? 10.144  0.722   -16.492 1.00 14.60 ? 122 SER A CA  1 
ATOM   843  C C   . SER A 1 122 ? 9.749   0.854   -15.027 1.00 15.06 ? 122 SER A C   1 
ATOM   844  O O   . SER A 1 122 ? 8.602   1.147   -14.703 1.00 15.04 ? 122 SER A O   1 
ATOM   845  C CB  . SER A 1 122 ? 9.537   -0.639  -16.992 1.00 15.34 ? 122 SER A CB  1 
ATOM   846  O OG  . SER A 1 122 ? 10.050  -1.687  -16.180 1.00 18.11 ? 122 SER A OG  1 
ATOM   847  N N   . THR A 1 123 ? 10.686  0.643   -14.080 1.00 13.43 ? 123 THR A N   1 
ATOM   848  C CA  . THR A 1 123 ? 10.363  0.409   -12.715 1.00 12.66 ? 123 THR A CA  1 
ATOM   849  C C   . THR A 1 123 ? 11.069  1.317   -11.713 1.00 12.70 ? 123 THR A C   1 
ATOM   850  O O   . THR A 1 123 ? 12.283  1.339   -11.647 1.00 14.30 ? 123 THR A O   1 
ATOM   851  C CB  . THR A 1 123 ? 10.639  -0.999  -12.268 1.00 12.73 ? 123 THR A CB  1 
ATOM   852  O OG1 . THR A 1 123 ? 10.013  -1.929  -13.212 1.00 16.05 ? 123 THR A OG1 1 
ATOM   853  C CG2 . THR A 1 123 ? 9.968   -1.331  -10.895 1.00 14.72 ? 123 THR A CG2 1 
ATOM   854  N N   . LEU A 1 124 ? 10.325  2.108   -10.965 1.00 12.44 ? 124 LEU A N   1 
ATOM   855  C CA  . LEU A 1 124 ? 10.810  2.940   -9.838  1.00 12.72 ? 124 LEU A CA  1 
ATOM   856  C C   . LEU A 1 124 ? 10.693  2.156   -8.524  1.00 12.60 ? 124 LEU A C   1 
ATOM   857  O O   . LEU A 1 124 ? 9.786   1.316   -8.379  1.00 13.83 ? 124 LEU A O   1 
ATOM   858  C CB  . LEU A 1 124 ? 9.993   4.220   -9.712  1.00 13.98 ? 124 LEU A CB  1 
ATOM   859  C CG  . LEU A 1 124 ? 10.145  5.207   -10.860 1.00 16.69 ? 124 LEU A CG  1 
ATOM   860  C CD1 . LEU A 1 124 ? 9.130   6.316   -10.706 1.00 19.14 ? 124 LEU A CD1 1 
ATOM   861  C CD2 . LEU A 1 124 ? 11.473  5.826   -10.802 1.00 22.78 ? 124 LEU A CD2 1 
ATOM   862  N N   . VAL A 1 125 ? 11.636  2.456   -7.617  1.00 12.98 ? 125 VAL A N   1 
ATOM   863  C CA  . VAL A 1 125 ? 11.656  1.848   -6.306  1.00 12.34 ? 125 VAL A CA  1 
ATOM   864  C C   . VAL A 1 125 ? 11.726  2.960   -5.307  1.00 13.09 ? 125 VAL A C   1 
ATOM   865  O O   . VAL A 1 125 ? 12.389  3.943   -5.456  1.00 13.94 ? 125 VAL A O   1 
ATOM   866  C CB  . VAL A 1 125 ? 12.749  0.830   -6.123  1.00 13.29 ? 125 VAL A CB  1 
ATOM   867  C CG1 . VAL A 1 125 ? 14.165  1.457   -6.297  1.00 14.43 ? 125 VAL A CG1 1 
ATOM   868  C CG2 . VAL A 1 125 ? 12.664  0.026   -4.803  1.00 13.86 ? 125 VAL A CG2 1 
ATOM   869  N N   . GLY A 1 126 ? 11.002  2.748   -4.170  1.00 12.05 ? 126 GLY A N   1 
ATOM   870  C CA  . GLY A 1 126 ? 11.048  3.680   -3.084  1.00 13.80 ? 126 GLY A CA  1 
ATOM   871  C C   . GLY A 1 126 ? 10.518  3.071   -1.828  1.00 13.51 ? 126 GLY A C   1 
ATOM   872  O O   . GLY A 1 126 ? 10.410  1.848   -1.660  1.00 12.85 ? 126 GLY A O   1 
ATOM   873  N N   . HIS A 1 127 ? 10.316  3.928   -0.804  1.00 13.19 ? 127 HIS A N   1 
ATOM   874  C CA  . HIS A 1 127 ? 9.910   3.459   0.524   1.00 14.37 ? 127 HIS A CA  1 
ATOM   875  C C   . HIS A 1 127 ? 8.939   4.465   1.134   1.00 14.97 ? 127 HIS A C   1 
ATOM   876  O O   . HIS A 1 127 ? 9.218   5.664   1.076   1.00 15.70 ? 127 HIS A O   1 
ATOM   877  C CB  . HIS A 1 127 ? 11.147  3.250   1.433   1.00 15.08 ? 127 HIS A CB  1 
ATOM   878  C CG  . HIS A 1 127 ? 12.137  4.346   1.424   1.00 16.99 ? 127 HIS A CG  1 
ATOM   879  N ND1 . HIS A 1 127 ? 12.143  5.374   2.343   1.00 20.42 ? 127 HIS A ND1 1 
ATOM   880  C CD2 . HIS A 1 127 ? 13.115  4.611   0.542   1.00 17.90 ? 127 HIS A CD2 1 
ATOM   881  C CE1 . HIS A 1 127 ? 13.152  6.197   2.033   1.00 18.68 ? 127 HIS A CE1 1 
ATOM   882  N NE2 . HIS A 1 127 ? 13.758  5.796   0.961   1.00 21.20 ? 127 HIS A NE2 1 
ATOM   883  N N   . ASP A 1 128 ? 7.853   4.004   1.724   1.00 13.47 ? 128 ASP A N   1 
ATOM   884  C CA  . ASP A 1 128 ? 6.830   4.826   2.373   1.00 13.99 ? 128 ASP A CA  1 
ATOM   885  C C   . ASP A 1 128 ? 6.646   4.269   3.780   1.00 14.03 ? 128 ASP A C   1 
ATOM   886  O O   . ASP A 1 128 ? 6.513   3.085   4.050   1.00 14.66 ? 128 ASP A O   1 
ATOM   887  C CB  . ASP A 1 128 ? 5.514   4.751   1.585   1.00 13.33 ? 128 ASP A CB  1 
ATOM   888  C CG  . ASP A 1 128 ? 5.425   5.556   0.316   1.00 12.85 ? 128 ASP A CG  1 
ATOM   889  O OD1 . ASP A 1 128 ? 6.403   6.246   -0.055  1.00 16.15 ? 128 ASP A OD1 1 
ATOM   890  O OD2 . ASP A 1 128 ? 4.388   5.247   -0.355  1.00 14.64 ? 128 ASP A OD2 1 
ATOM   891  N N   . THR A 1 129 ? 6.495   5.190   4.721   1.00 15.22 ? 129 THR A N   1 
ATOM   892  C CA  . THR A 1 129 ? 6.096   4.895   6.102   1.00 14.97 ? 129 THR A CA  1 
ATOM   893  C C   . THR A 1 129 ? 4.740   5.569   6.404   1.00 15.03 ? 129 THR A C   1 
ATOM   894  O O   . THR A 1 129 ? 4.555   6.732   6.082   1.00 16.46 ? 129 THR A O   1 
ATOM   895  C CB  . THR A 1 129 ? 7.069   5.448   7.099   1.00 18.85 ? 129 THR A CB  1 
ATOM   896  O OG1 . THR A 1 129 ? 8.357   4.890   6.779   1.00 29.02 ? 129 THR A OG1 1 
ATOM   897  C CG2 . THR A 1 129 ? 6.637   4.960   8.478   1.00 19.12 ? 129 THR A CG2 1 
ATOM   898  N N   . PHE A 1 130 ? 3.802   4.729   6.776   1.00 15.06 ? 130 PHE A N   1 
ATOM   899  C CA  . PHE A 1 130 ? 2.399   5.142   7.085   1.00 15.57 ? 130 PHE A CA  1 
ATOM   900  C C   . PHE A 1 130 ? 2.198   5.175   8.579   1.00 15.41 ? 130 PHE A C   1 
ATOM   901  O O   . PHE A 1 130 ? 2.620   4.259   9.346   1.00 16.46 ? 130 PHE A O   1 
ATOM   902  C CB  . PHE A 1 130 ? 1.472   4.141   6.516   1.00 14.69 ? 130 PHE A CB  1 
ATOM   903  C CG  . PHE A 1 130 ? 1.452   4.050   4.954   1.00 13.63 ? 130 PHE A CG  1 
ATOM   904  C CD1 . PHE A 1 130 ? 2.360   3.284   4.314   1.00 14.73 ? 130 PHE A CD1 1 
ATOM   905  C CD2 . PHE A 1 130 ? 0.707   4.885   4.188   1.00 14.77 ? 130 PHE A CD2 1 
ATOM   906  C CE1 . PHE A 1 130 ? 2.410   3.226   2.931   1.00 14.98 ? 130 PHE A CE1 1 
ATOM   907  C CE2 . PHE A 1 130 ? 0.671   4.843   2.789   1.00 14.90 ? 130 PHE A CE2 1 
ATOM   908  C CZ  . PHE A 1 130 ? 1.590   3.999   2.170   1.00 15.08 ? 130 PHE A CZ  1 
ATOM   909  N N   . THR A 1 131 ? 1.484   6.224   9.021   1.00 17.43 ? 131 THR A N   1 
ATOM   910  C CA  . THR A 1 131 ? 1.078   6.448   10.398  1.00 16.89 ? 131 THR A CA  1 
ATOM   911  C C   . THR A 1 131 ? -0.405  6.677   10.434  1.00 18.99 ? 131 THR A C   1 
ATOM   912  O O   . THR A 1 131 ? -1.001  7.094   9.472   1.00 17.71 ? 131 THR A O   1 
ATOM   913  C CB  . THR A 1 131 ? 1.870   7.573   11.093  1.00 21.61 ? 131 THR A CB  1 
ATOM   914  O OG1 . THR A 1 131 ? 1.712   8.759   10.392  1.00 28.16 ? 131 THR A OG1 1 
ATOM   915  C CG2 . THR A 1 131 ? 3.362   7.166   11.077  1.00 26.93 ? 131 THR A CG2 1 
ATOM   916  N N   . LYS A 1 132 ? -0.980  6.546   11.658  1.00 20.53 ? 132 LYS A N   1 
ATOM   917  C CA  . LYS A 1 132 ? -2.367  6.863   11.862  1.00 20.59 ? 132 LYS A CA  1 
ATOM   918  C C   . LYS A 1 132 ? -2.632  8.319   11.993  1.00 23.59 ? 132 LYS A C   1 
ATOM   919  O O   . LYS A 1 132 ? -3.819  8.685   11.904  1.00 22.12 ? 132 LYS A O   1 
ATOM   920  C CB  . LYS A 1 132 ? -2.865  6.190   13.137  1.00 22.31 ? 132 LYS A CB  1 
ATOM   921  C CG  . LYS A 1 132 ? -2.836  4.741   13.096  1.00 27.00 ? 132 LYS A CG  1 
ATOM   922  C CD  . LYS A 1 132 ? -3.748  4.168   12.143  1.00 29.32 ? 132 LYS A CD  1 
ATOM   923  C CE  . LYS A 1 132 ? -5.227  4.367   12.504  1.00 41.80 ? 132 LYS A CE  1 
ATOM   924  N NZ  . LYS A 1 132 ? -6.194  3.946   11.382  1.00 28.52 ? 132 LYS A NZ  1 
ATOM   925  N N   . VAL A 1 133 ? -1.621  9.173   12.228  1.00 23.39 ? 133 VAL A N   1 
ATOM   926  C CA  . VAL A 1 133 ? -1.819  10.672  12.311  1.00 32.28 ? 133 VAL A CA  1 
ATOM   927  C C   . VAL A 1 133 ? -1.254  11.503  11.099  1.00 33.20 ? 133 VAL A C   1 
ATOM   928  O O   . VAL A 1 133 ? -0.261  11.038  10.544  1.00 40.49 ? 133 VAL A O   1 
ATOM   929  C CB  . VAL A 1 133 ? -1.527  11.205  13.752  1.00 38.39 ? 133 VAL A CB  1 
ATOM   930  C CG1 . VAL A 1 133 ? -1.041  10.126  14.710  1.00 42.61 ? 133 VAL A CG1 1 
ATOM   931  C CG2 . VAL A 1 133 ? -0.623  12.434  13.723  1.00 43.49 ? 133 VAL A CG2 1 
HETATM 932  C C11 . BTN B 2 .   ? 2.110   7.641   -11.407 1.00 15.75 ? 201 BTN A C11 1 
HETATM 933  O O11 . BTN B 2 .   ? 2.655   8.760   -11.337 1.00 16.73 ? 201 BTN A O11 1 
HETATM 934  O O12 . BTN B 2 .   ? 2.494   6.746   -12.250 1.00 17.68 ? 201 BTN A O12 1 
HETATM 935  C C10 . BTN B 2 .   ? 0.877   7.274   -10.541 1.00 15.71 ? 201 BTN A C10 1 
HETATM 936  C C9  . BTN B 2 .   ? 1.127   7.875   -9.113  1.00 15.60 ? 201 BTN A C9  1 
HETATM 937  C C8  . BTN B 2 .   ? 2.276   7.153   -8.338  1.00 12.81 ? 201 BTN A C8  1 
HETATM 938  C C7  . BTN B 2 .   ? 2.414   7.746   -7.010  1.00 14.23 ? 201 BTN A C7  1 
HETATM 939  C C2  . BTN B 2 .   ? 3.497   6.972   -6.152  1.00 14.66 ? 201 BTN A C2  1 
HETATM 940  S S1  . BTN B 2 .   ? 3.124   5.305   -5.629  1.00 14.12 ? 201 BTN A S1  1 
HETATM 941  C C6  . BTN B 2 .   ? 4.627   5.294   -4.658  1.00 14.66 ? 201 BTN A C6  1 
HETATM 942  C C5  . BTN B 2 .   ? 4.677   6.666   -3.884  1.00 13.20 ? 201 BTN A C5  1 
HETATM 943  N N1  . BTN B 2 .   ? 3.852   6.696   -2.709  1.00 13.67 ? 201 BTN A N1  1 
HETATM 944  C C3  . BTN B 2 .   ? 2.851   7.557   -2.879  1.00 13.49 ? 201 BTN A C3  1 
HETATM 945  O O3  . BTN B 2 .   ? 2.010   7.788   -1.953  1.00 13.95 ? 201 BTN A O3  1 
HETATM 946  N N2  . BTN B 2 .   ? 2.818   8.169   -4.060  1.00 13.58 ? 201 BTN A N2  1 
HETATM 947  C C4  . BTN B 2 .   ? 3.958   7.713   -4.875  1.00 13.21 ? 201 BTN A C4  1 
HETATM 948  O O   . HOH C 3 .   ? 4.552   9.691   -12.819 1.00 36.48 ? 301 HOH A O   1 
HETATM 949  O O   . HOH C 3 .   ? 0.503   5.976   14.089  1.00 22.84 ? 302 HOH A O   1 
HETATM 950  O O   . HOH C 3 .   ? -5.947  7.356   11.153  1.00 23.08 ? 303 HOH A O   1 
HETATM 951  O O   . HOH C 3 .   ? -6.109  1.347   12.256  1.00 32.98 ? 304 HOH A O   1 
HETATM 952  O O   . HOH C 3 .   ? 3.168   3.727   -19.073 1.00 25.55 ? 305 HOH A O   1 
HETATM 953  O O   . HOH C 3 .   ? -4.517  10.221  -6.158  1.00 17.36 ? 306 HOH A O   1 
HETATM 954  O O   . HOH C 3 .   ? -6.380  13.832  -5.219  1.00 30.00 ? 307 HOH A O   1 
HETATM 955  O O   . HOH C 3 .   ? -8.196  12.249  6.354   1.00 28.27 ? 308 HOH A O   1 
HETATM 956  O O   . HOH C 3 .   ? -3.994  12.448  0.665   1.00 24.50 ? 309 HOH A O   1 
HETATM 957  O O   . HOH C 3 .   ? -6.352  -0.044  -8.892  1.00 14.36 ? 310 HOH A O   1 
HETATM 958  O O   . HOH C 3 .   ? -9.635  -7.268  -1.818  1.00 34.10 ? 311 HOH A O   1 
HETATM 959  O O   . HOH C 3 .   ? -12.332 5.355   0.483   1.00 35.22 ? 312 HOH A O   1 
HETATM 960  O O   . HOH C 3 .   ? -10.154 13.687  -16.072 1.00 19.35 ? 313 HOH A O   1 
HETATM 961  O O   . HOH C 3 .   ? -5.453  10.824  12.074  1.00 25.51 ? 314 HOH A O   1 
HETATM 962  O O   . HOH C 3 .   ? -3.729  8.064   -12.686 1.00 16.02 ? 315 HOH A O   1 
HETATM 963  O O   . HOH C 3 .   ? 8.991   -4.357  -12.604 1.00 19.40 ? 316 HOH A O   1 
HETATM 964  O O   . HOH C 3 .   ? 2.694   -7.905  14.598  1.00 30.03 ? 317 HOH A O   1 
HETATM 965  O O   . HOH C 3 .   ? 8.201   7.651   -1.528  1.00 28.16 ? 318 HOH A O   1 
HETATM 966  O O   . HOH C 3 .   ? -3.254  -14.449 5.862   1.00 18.16 ? 319 HOH A O   1 
HETATM 967  O O   . HOH C 3 .   ? 13.539  -0.292  -14.442 1.00 21.35 ? 320 HOH A O   1 
HETATM 968  O O   . HOH C 3 .   ? 3.912   -11.679 9.503   1.00 17.27 ? 321 HOH A O   1 
HETATM 969  O O   . HOH C 3 .   ? -10.713 -6.618  3.000   1.00 24.59 ? 322 HOH A O   1 
HETATM 970  O O   . HOH C 3 .   ? -2.233  -6.847  -4.309  0.50 24.09 ? 323 HOH A O   1 
HETATM 971  O O   . HOH C 3 .   ? 9.342   -4.150  -17.119 1.00 24.78 ? 324 HOH A O   1 
HETATM 972  O O   . HOH C 3 .   ? -1.022  7.148   20.432  1.00 37.41 ? 325 HOH A O   1 
HETATM 973  O O   . HOH C 3 .   ? -6.906  12.532  3.642   1.00 30.58 ? 326 HOH A O   1 
HETATM 974  O O   . HOH C 3 .   ? -11.857 0.152   3.250   1.00 38.29 ? 327 HOH A O   1 
HETATM 975  O O   . HOH C 3 .   ? 4.499   -10.203 17.277  1.00 35.35 ? 328 HOH A O   1 
HETATM 976  O O   . HOH C 3 .   ? -12.111 -0.351  -3.067  1.00 30.94 ? 329 HOH A O   1 
HETATM 977  O O   . HOH C 3 .   ? -11.938 8.083   -7.860  1.00 26.04 ? 330 HOH A O   1 
HETATM 978  O O   . HOH C 3 .   ? 0.098   15.011  -8.172  1.00 31.01 ? 331 HOH A O   1 
HETATM 979  O O   . HOH C 3 .   ? -8.645  9.420   0.317   1.00 22.41 ? 332 HOH A O   1 
HETATM 980  O O   . HOH C 3 .   ? 15.600  3.102   -24.028 1.00 34.47 ? 333 HOH A O   1 
HETATM 981  O O   . HOH C 3 .   ? -2.685  -10.131 11.730  1.00 24.79 ? 334 HOH A O   1 
HETATM 982  O O   . HOH C 3 .   ? -0.865  5.135   16.560  1.00 34.41 ? 335 HOH A O   1 
HETATM 983  O O   . HOH C 3 .   ? 7.345   -4.033  -22.608 1.00 35.86 ? 336 HOH A O   1 
HETATM 984  O O   . HOH C 3 .   ? 4.997   -12.203 12.175  1.00 19.25 ? 337 HOH A O   1 
HETATM 985  O O   . HOH C 3 .   ? -2.806  2.182   -14.975 1.00 18.17 ? 338 HOH A O   1 
HETATM 986  O O   . HOH C 3 .   ? 9.317   -2.347  10.626  1.00 34.99 ? 339 HOH A O   1 
HETATM 987  O O   . HOH C 3 .   ? 7.920   1.021   13.084  1.00 38.06 ? 340 HOH A O   1 
HETATM 988  O O   . HOH C 3 .   ? -9.320  2.782   -9.377  1.00 17.37 ? 341 HOH A O   1 
HETATM 989  O O   . HOH C 3 .   ? 4.460   15.549  -0.975  1.00 39.18 ? 342 HOH A O   1 
HETATM 990  O O   . HOH C 3 .   ? -7.861  6.774   -0.183  1.00 20.62 ? 343 HOH A O   1 
HETATM 991  O O   . HOH C 3 .   ? -3.043  -15.667 3.315   1.00 20.58 ? 344 HOH A O   1 
HETATM 992  O O   . HOH C 3 .   ? 9.728   2.422   4.884   1.00 26.79 ? 345 HOH A O   1 
HETATM 993  O O   . HOH C 3 .   ? -8.032  -11.489 -0.934  1.00 25.73 ? 346 HOH A O   1 
HETATM 994  O O   . HOH C 3 .   ? 10.294  5.063   4.621   1.00 26.63 ? 347 HOH A O   1 
HETATM 995  O O   . HOH C 3 .   ? 4.040   15.193  -8.345  1.00 31.17 ? 348 HOH A O   1 
HETATM 996  O O   . HOH C 3 .   ? 14.812  -2.570  -22.490 1.00 23.71 ? 349 HOH A O   1 
HETATM 997  O O   . HOH C 3 .   ? 3.180   -5.543  15.801  1.00 38.62 ? 350 HOH A O   1 
HETATM 998  O O   . HOH C 3 .   ? 13.266  -3.361  -15.896 1.00 26.85 ? 351 HOH A O   1 
HETATM 999  O O   . HOH C 3 .   ? -9.105  6.676   -17.165 1.00 37.71 ? 352 HOH A O   1 
HETATM 1000 O O   . HOH C 3 .   ? -12.792 7.078   -10.125 1.00 28.22 ? 353 HOH A O   1 
HETATM 1001 O O   . HOH C 3 .   ? 7.937   3.130   -23.556 1.00 24.31 ? 354 HOH A O   1 
HETATM 1002 O O   . HOH C 3 .   ? 10.819  6.708   -1.636  1.00 20.49 ? 355 HOH A O   1 
HETATM 1003 O O   . HOH C 3 .   ? 9.234   9.810   -0.265  1.00 25.72 ? 356 HOH A O   1 
HETATM 1004 O O   . HOH C 3 .   ? 9.542   -2.329  5.062   1.00 28.09 ? 357 HOH A O   1 
HETATM 1005 O O   . HOH C 3 .   ? 7.613   -3.162  -27.855 1.00 39.47 ? 358 HOH A O   1 
HETATM 1006 O O   . HOH C 3 .   ? -3.176  7.635   -22.332 1.00 40.46 ? 359 HOH A O   1 
HETATM 1007 O O   . HOH C 3 .   ? 8.971   -14.880 13.973  1.00 40.08 ? 360 HOH A O   1 
HETATM 1008 O O   . HOH C 3 .   ? -13.822 -10.274 7.681   1.00 43.48 ? 361 HOH A O   1 
HETATM 1009 O O   . HOH C 3 .   ? -12.582 12.295  -16.448 1.00 35.77 ? 362 HOH A O   1 
HETATM 1010 O O   . HOH C 3 .   ? -8.098  -8.823  -0.933  1.00 32.86 ? 363 HOH A O   1 
HETATM 1011 O O   . HOH C 3 .   ? -8.237  4.691   -19.282 1.00 33.96 ? 364 HOH A O   1 
HETATM 1012 O O   . HOH C 3 .   ? 10.323  -1.824  -28.594 1.00 31.97 ? 365 HOH A O   1 
HETATM 1013 O O   . HOH C 3 .   ? -9.966  10.676  2.426   1.00 34.93 ? 366 HOH A O   1 
HETATM 1014 O O   . HOH C 3 .   ? 0.720   -8.762  16.244  1.00 35.73 ? 367 HOH A O   1 
HETATM 1015 O O   . HOH C 3 .   ? -2.171  10.886  -18.061 1.00 32.37 ? 368 HOH A O   1 
HETATM 1016 O O   . HOH C 3 .   ? 3.986   3.373   -10.578 1.00 28.63 ? 369 HOH A O   1 
HETATM 1017 O O   . HOH C 3 .   ? 1.851   2.929   -21.488 1.00 23.43 ? 370 HOH A O   1 
HETATM 1018 O O   . HOH C 3 .   ? -9.028  9.062   -18.249 1.00 50.53 ? 371 HOH A O   1 
HETATM 1019 O O   . HOH C 3 .   ? -11.964 4.257   -5.853  1.00 37.27 ? 372 HOH A O   1 
HETATM 1020 O O   . HOH C 3 .   ? 11.958  5.583   6.883   1.00 45.01 ? 373 HOH A O   1 
HETATM 1021 O O   . HOH C 3 .   ? 8.706   8.995   -13.522 1.00 45.98 ? 374 HOH A O   1 
HETATM 1022 O O   . HOH C 3 .   ? 15.068  -4.918  -21.371 1.00 32.22 ? 375 HOH A O   1 
HETATM 1023 O O   . HOH C 3 .   ? -13.489 1.881   -4.028  1.00 36.54 ? 376 HOH A O   1 
# 
loop_
_pdbx_poly_seq_scheme.asym_id 
_pdbx_poly_seq_scheme.entity_id 
_pdbx_poly_seq_scheme.seq_id 
_pdbx_poly_seq_scheme.mon_id 
_pdbx_poly_seq_scheme.ndb_seq_num 
_pdbx_poly_seq_scheme.pdb_seq_num 
_pdbx_poly_seq_scheme.auth_seq_num 
_pdbx_poly_seq_scheme.pdb_mon_id 
_pdbx_poly_seq_scheme.auth_mon_id 
_pdbx_poly_seq_scheme.pdb_strand_id 
_pdbx_poly_seq_scheme.pdb_ins_code 
_pdbx_poly_seq_scheme.hetero 
A 1 1   MET 1   1   ?   ?   ?   A . n 
A 1 2   ALA 2   2   ?   ?   ?   A . n 
A 1 3   SER 3   3   ?   ?   ?   A . n 
A 1 4   MET 4   4   ?   ?   ?   A . n 
A 1 5   THR 5   5   ?   ?   ?   A . n 
A 1 6   GLY 6   6   ?   ?   ?   A . n 
A 1 7   GLY 7   7   ?   ?   ?   A . n 
A 1 8   GLN 8   8   ?   ?   ?   A . n 
A 1 9   GLN 9   9   ?   ?   ?   A . n 
A 1 10  MET 10  10  ?   ?   ?   A . n 
A 1 11  GLY 11  11  11  GLY GLY A . n 
A 1 12  ARG 12  12  12  ARG ARG A . n 
A 1 13  ASP 13  13  13  ASP ASP A . n 
A 1 14  GLU 14  14  14  GLU GLU A . n 
A 1 15  ALA 15  15  15  ALA ALA A . n 
A 1 16  GLY 16  16  16  GLY GLY A . n 
A 1 17  ILE 17  17  17  ILE ILE A . n 
A 1 18  THR 18  18  18  THR THR A . n 
A 1 19  GLY 19  19  19  GLY GLY A . n 
A 1 20  THR 20  20  20  THR THR A . n 
A 1 21  TRP 21  21  21  TRP TRP A . n 
A 1 22  TYR 22  22  22  TYR TYR A . n 
A 1 23  ASN 23  23  23  ASN ASN A . n 
A 1 24  GLN 24  24  24  GLN GLN A . n 
A 1 25  LEU 25  25  25  LEU LEU A . n 
A 1 26  GLY 26  26  26  GLY GLY A . n 
A 1 27  SER 27  27  27  SER SER A . n 
A 1 28  THR 28  28  28  THR THR A . n 
A 1 29  PHE 29  29  29  PHE PHE A . n 
A 1 30  ILE 30  30  30  ILE ILE A . n 
A 1 31  VAL 31  31  31  VAL VAL A . n 
A 1 32  THR 32  32  32  THR THR A . n 
A 1 33  ALA 33  33  33  ALA ALA A . n 
A 1 34  GLY 34  34  34  GLY GLY A . n 
A 1 35  ALA 35  35  35  ALA ALA A . n 
A 1 36  ASP 36  36  36  ASP ASP A . n 
A 1 37  GLY 37  37  37  GLY GLY A . n 
A 1 38  ALA 38  38  38  ALA ALA A . n 
A 1 39  LEU 39  39  39  LEU LEU A . n 
A 1 40  THR 40  40  40  THR THR A . n 
A 1 41  GLY 41  41  41  GLY GLY A . n 
A 1 42  THR 42  42  42  THR THR A . n 
A 1 43  TYR 43  43  43  TYR TYR A . n 
A 1 44  GLU 44  44  44  GLU GLU A . n 
A 1 45  SER 45  45  45  SER SER A . n 
A 1 46  ALA 46  46  46  ALA ALA A . n 
A 1 47  VAL 47  47  47  VAL VAL A . n 
A 1 48  GLY 48  48  48  GLY GLY A . n 
A 1 49  ASN 49  49  49  ASN ASN A . n 
A 1 50  ALA 50  50  50  ALA ALA A . n 
A 1 51  GLU 51  51  51  GLU GLU A . n 
A 1 52  SER 52  52  52  SER SER A . n 
A 1 53  ARG 53  53  53  ARG ARG A . n 
A 1 54  TYR 54  54  54  TYR TYR A . n 
A 1 55  VAL 55  55  55  VAL VAL A . n 
A 1 56  LEU 56  56  56  LEU LEU A . n 
A 1 57  THR 57  57  57  THR THR A . n 
A 1 58  GLY 58  58  58  GLY GLY A . n 
A 1 59  ARG 59  59  59  ARG ARG A . n 
A 1 60  TYR 60  60  60  TYR TYR A . n 
A 1 61  ASP 61  61  61  ASP ASP A . n 
A 1 62  SER 62  62  62  SER SER A . n 
A 1 63  ALA 63  63  63  ALA ALA A . n 
A 1 64  PRO 64  64  64  PRO PRO A . n 
A 1 65  ALA 65  65  65  ALA ALA A . n 
A 1 66  THR 66  66  66  THR THR A . n 
A 1 67  ASP 67  67  67  ASP ASP A . n 
A 1 68  GLY 68  68  68  GLY GLY A . n 
A 1 69  SER 69  69  69  SER SER A . n 
A 1 70  GLY 70  70  70  GLY GLY A . n 
A 1 71  THR 71  71  71  THR THR A . n 
A 1 72  ALA 72  72  72  ALA ALA A . n 
A 1 73  LEU 73  73  73  LEU LEU A . n 
A 1 74  GLY 74  74  74  GLY GLY A . n 
A 1 75  TRP 75  75  75  TRP TRP A . n 
A 1 76  THR 76  76  76  THR THR A . n 
A 1 77  VAL 77  77  77  VAL VAL A . n 
A 1 78  ALA 78  78  78  ALA ALA A . n 
A 1 79  TRP 79  79  79  TRP TRP A . n 
A 1 80  LYS 80  80  80  LYS LYS A . n 
A 1 81  ASN 81  81  81  ASN ASN A . n 
A 1 82  ASN 82  82  82  ASN ASN A . n 
A 1 83  TYR 83  83  83  TYR TYR A . n 
A 1 84  ARG 84  84  84  ARG ARG A . n 
A 1 85  ASN 85  85  85  ASN ASN A . n 
A 1 86  ALA 86  86  86  ALA ALA A . n 
A 1 87  HIS 87  87  87  HIS HIS A . n 
A 1 88  SER 88  88  88  SER SER A . n 
A 1 89  ALA 89  89  89  ALA ALA A . n 
A 1 90  THR 90  90  90  THR THR A . n 
A 1 91  THR 91  91  91  THR THR A . n 
A 1 92  TRP 92  92  92  TRP TRP A . n 
A 1 93  SER 93  93  93  SER SER A . n 
A 1 94  GLY 94  94  94  GLY GLY A . n 
A 1 95  GLN 95  95  95  GLN GLN A . n 
A 1 96  TYR 96  96  96  TYR TYR A . n 
A 1 97  VAL 97  97  97  VAL VAL A . n 
A 1 98  GLY 98  98  98  GLY GLY A . n 
A 1 99  GLY 99  99  99  GLY GLY A . n 
A 1 100 ALA 100 100 100 ALA ALA A . n 
A 1 101 GLN 101 101 101 GLN GLN A . n 
A 1 102 ALA 102 102 102 ALA ALA A . n 
A 1 103 ARG 103 103 103 ARG ARG A . n 
A 1 104 ILE 104 104 104 ILE ILE A . n 
A 1 105 ASN 105 105 105 ASN ASN A . n 
A 1 106 THR 106 106 106 THR THR A . n 
A 1 107 GLN 107 107 107 GLN GLN A . n 
A 1 108 TRP 108 108 108 TRP TRP A . n 
A 1 109 LEU 109 109 109 LEU LEU A . n 
A 1 110 LEU 110 110 110 LEU LEU A . n 
A 1 111 THR 111 111 111 THR THR A . n 
A 1 112 TYR 112 112 112 TYR TYR A . n 
A 1 113 GLY 113 113 113 GLY GLY A . n 
A 1 114 THR 114 114 114 THR THR A . n 
A 1 115 THR 115 115 115 THR THR A . n 
A 1 116 GLU 116 116 116 GLU GLU A . n 
A 1 117 ALA 117 117 117 ALA ALA A . n 
A 1 118 ASN 118 118 118 ASN ASN A . n 
A 1 119 ALA 119 119 119 ALA ALA A . n 
A 1 120 TRP 120 120 120 TRP TRP A . n 
A 1 121 ALA 121 121 121 ALA ALA A . n 
A 1 122 SER 122 122 122 SER SER A . n 
A 1 123 THR 123 123 123 THR THR A . n 
A 1 124 LEU 124 124 124 LEU LEU A . n 
A 1 125 VAL 125 125 125 VAL VAL A . n 
A 1 126 GLY 126 126 126 GLY GLY A . n 
A 1 127 HIS 127 127 127 HIS HIS A . n 
A 1 128 ASP 128 128 128 ASP ASP A . n 
A 1 129 THR 129 129 129 THR THR A . n 
A 1 130 PHE 130 130 130 PHE PHE A . n 
A 1 131 THR 131 131 131 THR THR A . n 
A 1 132 LYS 132 132 132 LYS LYS A . n 
A 1 133 VAL 133 133 133 VAL VAL A . n 
A 1 134 LYS 134 134 ?   ?   ?   A . n 
A 1 135 PRO 135 135 ?   ?   ?   A . n 
A 1 136 SER 136 136 ?   ?   ?   A . n 
A 1 137 ALA 137 137 ?   ?   ?   A . n 
A 1 138 ALA 138 138 ?   ?   ?   A . n 
A 1 139 SER 139 139 ?   ?   ?   A . n 
A 1 140 ILE 140 140 ?   ?   ?   A . n 
A 1 141 ASP 141 141 ?   ?   ?   A . n 
A 1 142 ALA 142 142 ?   ?   ?   A . n 
A 1 143 ALA 143 143 ?   ?   ?   A . n 
A 1 144 LYS 144 144 ?   ?   ?   A . n 
A 1 145 LYS 145 145 ?   ?   ?   A . n 
A 1 146 ALA 146 146 ?   ?   ?   A . n 
A 1 147 GLY 147 147 ?   ?   ?   A . n 
A 1 148 VAL 148 148 ?   ?   ?   A . n 
A 1 149 ASN 149 149 ?   ?   ?   A . n 
A 1 150 ASN 150 150 ?   ?   ?   A . n 
A 1 151 GLY 151 151 ?   ?   ?   A . n 
A 1 152 ASN 152 152 ?   ?   ?   A . n 
A 1 153 PRO 153 153 ?   ?   ?   A . n 
A 1 154 LEU 154 154 ?   ?   ?   A . n 
A 1 155 ASP 155 155 ?   ?   ?   A . n 
A 1 156 ALA 156 156 ?   ?   ?   A . n 
A 1 157 VAL 157 157 ?   ?   ?   A . n 
A 1 158 GLN 158 158 ?   ?   ?   A . n 
A 1 159 GLN 159 159 ?   ?   ?   A . n 
# 
loop_
_pdbx_nonpoly_scheme.asym_id 
_pdbx_nonpoly_scheme.entity_id 
_pdbx_nonpoly_scheme.mon_id 
_pdbx_nonpoly_scheme.ndb_seq_num 
_pdbx_nonpoly_scheme.pdb_seq_num 
_pdbx_nonpoly_scheme.auth_seq_num 
_pdbx_nonpoly_scheme.pdb_mon_id 
_pdbx_nonpoly_scheme.auth_mon_id 
_pdbx_nonpoly_scheme.pdb_strand_id 
_pdbx_nonpoly_scheme.pdb_ins_code 
B 2 BTN 1  201 1   BTN BTN A . 
C 3 HOH 1  301 57  HOH HOH A . 
C 3 HOH 2  302 22  HOH HOH A . 
C 3 HOH 3  303 4   HOH HOH A . 
C 3 HOH 4  304 49  HOH HOH A . 
C 3 HOH 5  305 32  HOH HOH A . 
C 3 HOH 6  306 7   HOH HOH A . 
C 3 HOH 7  307 33  HOH HOH A . 
C 3 HOH 8  308 30  HOH HOH A . 
C 3 HOH 9  309 26  HOH HOH A . 
C 3 HOH 10 310 6   HOH HOH A . 
C 3 HOH 11 311 43  HOH HOH A . 
C 3 HOH 12 312 54  HOH HOH A . 
C 3 HOH 13 313 15  HOH HOH A . 
C 3 HOH 14 314 51  HOH HOH A . 
C 3 HOH 15 315 2   HOH HOH A . 
C 3 HOH 16 316 21  HOH HOH A . 
C 3 HOH 17 317 83  HOH HOH A . 
C 3 HOH 18 318 40  HOH HOH A . 
C 3 HOH 19 319 20  HOH HOH A . 
C 3 HOH 20 320 10  HOH HOH A . 
C 3 HOH 21 321 5   HOH HOH A . 
C 3 HOH 22 322 19  HOH HOH A . 
C 3 HOH 23 323 12  HOH HOH A . 
C 3 HOH 24 324 27  HOH HOH A . 
C 3 HOH 25 325 72  HOH HOH A . 
C 3 HOH 26 326 44  HOH HOH A . 
C 3 HOH 27 327 63  HOH HOH A . 
C 3 HOH 28 328 62  HOH HOH A . 
C 3 HOH 29 329 42  HOH HOH A . 
C 3 HOH 30 330 17  HOH HOH A . 
C 3 HOH 31 331 37  HOH HOH A . 
C 3 HOH 32 332 24  HOH HOH A . 
C 3 HOH 33 333 39  HOH HOH A . 
C 3 HOH 34 334 11  HOH HOH A . 
C 3 HOH 35 335 53  HOH HOH A . 
C 3 HOH 36 336 60  HOH HOH A . 
C 3 HOH 37 337 14  HOH HOH A . 
C 3 HOH 38 338 1   HOH HOH A . 
C 3 HOH 39 339 85  HOH HOH A . 
C 3 HOH 40 340 100 HOH HOH A . 
C 3 HOH 41 341 8   HOH HOH A . 
C 3 HOH 42 342 66  HOH HOH A . 
C 3 HOH 43 343 18  HOH HOH A . 
C 3 HOH 44 344 16  HOH HOH A . 
C 3 HOH 45 345 28  HOH HOH A . 
C 3 HOH 46 346 25  HOH HOH A . 
C 3 HOH 47 347 31  HOH HOH A . 
C 3 HOH 48 348 35  HOH HOH A . 
C 3 HOH 49 349 9   HOH HOH A . 
C 3 HOH 50 350 70  HOH HOH A . 
C 3 HOH 51 351 38  HOH HOH A . 
C 3 HOH 52 352 73  HOH HOH A . 
C 3 HOH 53 353 50  HOH HOH A . 
C 3 HOH 54 354 23  HOH HOH A . 
C 3 HOH 55 355 13  HOH HOH A . 
C 3 HOH 56 356 29  HOH HOH A . 
C 3 HOH 57 357 52  HOH HOH A . 
C 3 HOH 58 358 77  HOH HOH A . 
C 3 HOH 59 359 41  HOH HOH A . 
C 3 HOH 60 360 82  HOH HOH A . 
C 3 HOH 61 361 64  HOH HOH A . 
C 3 HOH 62 362 68  HOH HOH A . 
C 3 HOH 63 363 69  HOH HOH A . 
C 3 HOH 64 364 56  HOH HOH A . 
C 3 HOH 65 365 47  HOH HOH A . 
C 3 HOH 66 366 95  HOH HOH A . 
C 3 HOH 67 367 36  HOH HOH A . 
C 3 HOH 68 368 74  HOH HOH A . 
C 3 HOH 69 369 58  HOH HOH A . 
C 3 HOH 70 370 97  HOH HOH A . 
C 3 HOH 71 371 98  HOH HOH A . 
C 3 HOH 72 372 99  HOH HOH A . 
C 3 HOH 73 373 78  HOH HOH A . 
C 3 HOH 74 374 101 HOH HOH A . 
C 3 HOH 75 375 55  HOH HOH A . 
C 3 HOH 76 376 59  HOH HOH A . 
# 
_pdbx_struct_assembly.id                   1 
_pdbx_struct_assembly.details              author_and_software_defined_assembly 
_pdbx_struct_assembly.method_details       PISA 
_pdbx_struct_assembly.oligomeric_details   tetrameric 
_pdbx_struct_assembly.oligomeric_count     4 
# 
_pdbx_struct_assembly_gen.assembly_id       1 
_pdbx_struct_assembly_gen.oper_expression   1,2,3,4 
_pdbx_struct_assembly_gen.asym_id_list      A,B,C 
# 
loop_
_pdbx_struct_assembly_prop.biol_id 
_pdbx_struct_assembly_prop.type 
_pdbx_struct_assembly_prop.value 
_pdbx_struct_assembly_prop.details 
1 'ABSA (A^2)' 11580 ? 
1 MORE         -38   ? 
1 'SSA (A^2)'  18430 ? 
# 
loop_
_pdbx_struct_oper_list.id 
_pdbx_struct_oper_list.type 
_pdbx_struct_oper_list.name 
_pdbx_struct_oper_list.symmetry_operation 
_pdbx_struct_oper_list.matrix[1][1] 
_pdbx_struct_oper_list.matrix[1][2] 
_pdbx_struct_oper_list.matrix[1][3] 
_pdbx_struct_oper_list.vector[1] 
_pdbx_struct_oper_list.matrix[2][1] 
_pdbx_struct_oper_list.matrix[2][2] 
_pdbx_struct_oper_list.matrix[2][3] 
_pdbx_struct_oper_list.vector[2] 
_pdbx_struct_oper_list.matrix[3][1] 
_pdbx_struct_oper_list.matrix[3][2] 
_pdbx_struct_oper_list.matrix[3][3] 
_pdbx_struct_oper_list.vector[3] 
1 'identity operation'         1_555  x,y,z        1.0000000000  0.0000000000  0.0000000000  0.0000000000  0.0000000000  1.0000000000  0.0000000000  0.0000000000   0.0000000000  0.0000000000  1.0000000000  0.0000000000   
2 'crystal symmetry operation' 8_665  -y+1,-x+1,-z -0.9730349889 -0.1502751761 -0.1749865192 27.3909752806 -0.1502751761 -0.1625210747 0.9751944789  4.0197986828   -0.1749865192 0.9751944789  0.1355560636  0.7687563538   
3 'crystal symmetry operation' 10_665 -x+1,-y+1,z  -0.9115709314 -0.3050764710 0.2756207246  28.4100072214 -0.3050764710 0.0525006613  -0.9508796072 -3.1535146225  0.2756207246  -0.9508796072 -0.1409297298 -12.6054874640 
4 'crystal symmetry operation' 15_555 y,x,-z       0.8846059203  0.4553516470  -0.1006342054 2.4267295588  0.4553516470  -0.8899795866 -0.0243148717 -12.0298093479 -0.1006342054 -0.0243148717 -0.9946263337 -8.9866522282 
# 
_pdbx_struct_special_symmetry.id              1 
_pdbx_struct_special_symmetry.PDB_model_num   1 
_pdbx_struct_special_symmetry.auth_asym_id    A 
_pdbx_struct_special_symmetry.auth_comp_id    HOH 
_pdbx_struct_special_symmetry.auth_seq_id     323 
_pdbx_struct_special_symmetry.PDB_ins_code    ? 
_pdbx_struct_special_symmetry.label_asym_id   C 
_pdbx_struct_special_symmetry.label_comp_id   HOH 
_pdbx_struct_special_symmetry.label_seq_id    . 
# 
loop_
_pdbx_audit_revision_history.ordinal 
_pdbx_audit_revision_history.data_content_type 
_pdbx_audit_revision_history.major_revision 
_pdbx_audit_revision_history.minor_revision 
_pdbx_audit_revision_history.revision_date 
1 'Structure model' 1 0 2018-02-28 
2 'Structure model' 1 1 2018-03-14 
3 'Structure model' 1 2 2019-04-17 
4 'Structure model' 1 3 2020-01-01 
5 'Structure model' 1 4 2023-10-04 
# 
_pdbx_audit_revision_details.ordinal             1 
_pdbx_audit_revision_details.revision_ordinal    1 
_pdbx_audit_revision_details.data_content_type   'Structure model' 
_pdbx_audit_revision_details.provider            repository 
_pdbx_audit_revision_details.type                'Initial release' 
_pdbx_audit_revision_details.description         ? 
_pdbx_audit_revision_details.details             ? 
# 
loop_
_pdbx_audit_revision_group.ordinal 
_pdbx_audit_revision_group.revision_ordinal 
_pdbx_audit_revision_group.data_content_type 
_pdbx_audit_revision_group.group 
1 2 'Structure model' 'Database references'        
2 3 'Structure model' 'Author supporting evidence' 
3 3 'Structure model' 'Data collection'            
4 4 'Structure model' 'Author supporting evidence' 
5 5 'Structure model' 'Data collection'            
6 5 'Structure model' 'Database references'        
7 5 'Structure model' 'Refinement description'     
# 
loop_
_pdbx_audit_revision_category.ordinal 
_pdbx_audit_revision_category.revision_ordinal 
_pdbx_audit_revision_category.data_content_type 
_pdbx_audit_revision_category.category 
1 2 'Structure model' citation                      
2 3 'Structure model' pdbx_audit_support            
3 4 'Structure model' pdbx_audit_support            
4 5 'Structure model' chem_comp_atom                
5 5 'Structure model' chem_comp_bond                
6 5 'Structure model' database_2                    
7 5 'Structure model' pdbx_initial_refinement_model 
8 5 'Structure model' refine_hist                   
# 
loop_
_pdbx_audit_revision_item.ordinal 
_pdbx_audit_revision_item.revision_ordinal 
_pdbx_audit_revision_item.data_content_type 
_pdbx_audit_revision_item.item 
1 2 'Structure model' '_citation.journal_volume'                 
2 2 'Structure model' '_citation.page_first'                     
3 2 'Structure model' '_citation.page_last'                      
4 3 'Structure model' '_pdbx_audit_support.funding_organization' 
5 3 'Structure model' '_pdbx_audit_support.grant_number'         
6 4 'Structure model' '_pdbx_audit_support.funding_organization' 
7 5 'Structure model' '_database_2.pdbx_DOI'                     
8 5 'Structure model' '_database_2.pdbx_database_accession'      
9 5 'Structure model' '_refine_hist.d_res_low'                   
# 
loop_
_software.citation_id 
_software.classification 
_software.compiler_name 
_software.compiler_version 
_software.contact_author 
_software.contact_author_email 
_software.date 
_software.description 
_software.dependencies 
_software.hardware 
_software.language 
_software.location 
_software.mods 
_software.name 
_software.os 
_software.os_version 
_software.type 
_software.version 
_software.pdbx_ordinal 
? refinement       ? ? ? ? ? ? ? ? ? ? ? REFMAC  ? ? ? 5.8.0155 1 
? 'data reduction' ? ? ? ? ? ? ? ? ? ? ? XDS     ? ? ? .        2 
? 'data scaling'   ? ? ? ? ? ? ? ? ? ? ? Aimless ? ? ? .        3 
? phasing          ? ? ? ? ? ? ? ? ? ? ? PHASER  ? ? ? .        4 
# 
loop_
_pdbx_validate_close_contact.id 
_pdbx_validate_close_contact.PDB_model_num 
_pdbx_validate_close_contact.auth_atom_id_1 
_pdbx_validate_close_contact.auth_asym_id_1 
_pdbx_validate_close_contact.auth_comp_id_1 
_pdbx_validate_close_contact.auth_seq_id_1 
_pdbx_validate_close_contact.PDB_ins_code_1 
_pdbx_validate_close_contact.label_alt_id_1 
_pdbx_validate_close_contact.auth_atom_id_2 
_pdbx_validate_close_contact.auth_asym_id_2 
_pdbx_validate_close_contact.auth_comp_id_2 
_pdbx_validate_close_contact.auth_seq_id_2 
_pdbx_validate_close_contact.PDB_ins_code_2 
_pdbx_validate_close_contact.label_alt_id_2 
_pdbx_validate_close_contact.dist 
1 1 CG  A LEU 110 ? ? O A HOH 369 ? ? 1.62 
2 1 CD2 A LEU 110 ? ? O A HOH 369 ? ? 1.93 
# 
_pdbx_validate_symm_contact.id                1 
_pdbx_validate_symm_contact.PDB_model_num     1 
_pdbx_validate_symm_contact.auth_atom_id_1    O 
_pdbx_validate_symm_contact.auth_asym_id_1    A 
_pdbx_validate_symm_contact.auth_comp_id_1    HOH 
_pdbx_validate_symm_contact.auth_seq_id_1     371 
_pdbx_validate_symm_contact.PDB_ins_code_1    ? 
_pdbx_validate_symm_contact.label_alt_id_1    ? 
_pdbx_validate_symm_contact.site_symmetry_1   1_555 
_pdbx_validate_symm_contact.auth_atom_id_2    O 
_pdbx_validate_symm_contact.auth_asym_id_2    A 
_pdbx_validate_symm_contact.auth_comp_id_2    HOH 
_pdbx_validate_symm_contact.auth_seq_id_2     371 
_pdbx_validate_symm_contact.PDB_ins_code_2    ? 
_pdbx_validate_symm_contact.label_alt_id_2    ? 
_pdbx_validate_symm_contact.site_symmetry_2   5_554 
_pdbx_validate_symm_contact.dist              1.90 
# 
loop_
_pdbx_validate_rmsd_bond.id 
_pdbx_validate_rmsd_bond.PDB_model_num 
_pdbx_validate_rmsd_bond.auth_atom_id_1 
_pdbx_validate_rmsd_bond.auth_asym_id_1 
_pdbx_validate_rmsd_bond.auth_comp_id_1 
_pdbx_validate_rmsd_bond.auth_seq_id_1 
_pdbx_validate_rmsd_bond.PDB_ins_code_1 
_pdbx_validate_rmsd_bond.label_alt_id_1 
_pdbx_validate_rmsd_bond.auth_atom_id_2 
_pdbx_validate_rmsd_bond.auth_asym_id_2 
_pdbx_validate_rmsd_bond.auth_comp_id_2 
_pdbx_validate_rmsd_bond.auth_seq_id_2 
_pdbx_validate_rmsd_bond.PDB_ins_code_2 
_pdbx_validate_rmsd_bond.label_alt_id_2 
_pdbx_validate_rmsd_bond.bond_value 
_pdbx_validate_rmsd_bond.bond_target_value 
_pdbx_validate_rmsd_bond.bond_deviation 
_pdbx_validate_rmsd_bond.bond_standard_deviation 
_pdbx_validate_rmsd_bond.linker_flag 
1 1 CB  A ASP 36  ? ? CG  A ASP 36  ? ? 1.681 1.513 0.168  0.021 N 
2 1 CB  A GLU 51  ? ? CG  A GLU 51  ? ? 1.399 1.517 -0.118 0.019 N 
3 1 CD  A GLU 51  ? ? OE1 A GLU 51  ? ? 1.153 1.252 -0.099 0.011 N 
4 1 CA  A GLY 74  ? ? C   A GLY 74  ? ? 1.415 1.514 -0.099 0.016 N 
5 1 NE  A ARG 84  ? ? CZ  A ARG 84  ? ? 1.233 1.326 -0.093 0.013 N 
6 1 CE1 A TYR 112 ? ? CZ  A TYR 112 ? ? 1.257 1.381 -0.124 0.013 N 
# 
loop_
_pdbx_validate_rmsd_angle.id 
_pdbx_validate_rmsd_angle.PDB_model_num 
_pdbx_validate_rmsd_angle.auth_atom_id_1 
_pdbx_validate_rmsd_angle.auth_asym_id_1 
_pdbx_validate_rmsd_angle.auth_comp_id_1 
_pdbx_validate_rmsd_angle.auth_seq_id_1 
_pdbx_validate_rmsd_angle.PDB_ins_code_1 
_pdbx_validate_rmsd_angle.label_alt_id_1 
_pdbx_validate_rmsd_angle.auth_atom_id_2 
_pdbx_validate_rmsd_angle.auth_asym_id_2 
_pdbx_validate_rmsd_angle.auth_comp_id_2 
_pdbx_validate_rmsd_angle.auth_seq_id_2 
_pdbx_validate_rmsd_angle.PDB_ins_code_2 
_pdbx_validate_rmsd_angle.label_alt_id_2 
_pdbx_validate_rmsd_angle.auth_atom_id_3 
_pdbx_validate_rmsd_angle.auth_asym_id_3 
_pdbx_validate_rmsd_angle.auth_comp_id_3 
_pdbx_validate_rmsd_angle.auth_seq_id_3 
_pdbx_validate_rmsd_angle.PDB_ins_code_3 
_pdbx_validate_rmsd_angle.label_alt_id_3 
_pdbx_validate_rmsd_angle.angle_value 
_pdbx_validate_rmsd_angle.angle_target_value 
_pdbx_validate_rmsd_angle.angle_deviation 
_pdbx_validate_rmsd_angle.angle_standard_deviation 
_pdbx_validate_rmsd_angle.linker_flag 
1 1 OD1 A ASP 36  ? ? CG  A ASP 36  ? ? OD2 A ASP 36  ? ? 111.85 123.30 -11.45 1.90 N 
2 1 CB  A ASP 36  ? ? CG  A ASP 36  ? ? OD2 A ASP 36  ? ? 125.22 118.30 6.92   0.90 N 
3 1 NE  A ARG 84  ? ? CZ  A ARG 84  ? ? NH2 A ARG 84  ? ? 116.85 120.30 -3.45  0.50 N 
4 1 CD1 A TYR 96  ? ? CE1 A TYR 96  ? ? CZ  A TYR 96  ? ? 113.90 119.80 -5.90  0.90 N 
5 1 NE  A ARG 103 ? ? CZ  A ARG 103 ? ? NH2 A ARG 103 ? ? 123.47 120.30 3.17   0.50 N 
6 1 CB  A LEU 110 ? ? CG  A LEU 110 ? ? CD2 A LEU 110 ? ? 122.55 111.00 11.55  1.70 N 
7 1 CB  A ASP 128 ? ? CG  A ASP 128 ? ? OD2 A ASP 128 ? ? 111.23 118.30 -7.07  0.90 N 
# 
loop_
_pdbx_validate_torsion.id 
_pdbx_validate_torsion.PDB_model_num 
_pdbx_validate_torsion.auth_comp_id 
_pdbx_validate_torsion.auth_asym_id 
_pdbx_validate_torsion.auth_seq_id 
_pdbx_validate_torsion.PDB_ins_code 
_pdbx_validate_torsion.label_alt_id 
_pdbx_validate_torsion.phi 
_pdbx_validate_torsion.psi 
1 1 SER A 52  ? ? 66.69   -156.46 
2 1 GLN A 101 ? ? -105.17 58.64   
# 
loop_
_pdbx_unobs_or_zero_occ_residues.id 
_pdbx_unobs_or_zero_occ_residues.PDB_model_num 
_pdbx_unobs_or_zero_occ_residues.polymer_flag 
_pdbx_unobs_or_zero_occ_residues.occupancy_flag 
_pdbx_unobs_or_zero_occ_residues.auth_asym_id 
_pdbx_unobs_or_zero_occ_residues.auth_comp_id 
_pdbx_unobs_or_zero_occ_residues.auth_seq_id 
_pdbx_unobs_or_zero_occ_residues.PDB_ins_code 
_pdbx_unobs_or_zero_occ_residues.label_asym_id 
_pdbx_unobs_or_zero_occ_residues.label_comp_id 
_pdbx_unobs_or_zero_occ_residues.label_seq_id 
1  1 Y 1 A MET 1   ? A MET 1   
2  1 Y 1 A ALA 2   ? A ALA 2   
3  1 Y 1 A SER 3   ? A SER 3   
4  1 Y 1 A MET 4   ? A MET 4   
5  1 Y 1 A THR 5   ? A THR 5   
6  1 Y 1 A GLY 6   ? A GLY 6   
7  1 Y 1 A GLY 7   ? A GLY 7   
8  1 Y 1 A GLN 8   ? A GLN 8   
9  1 Y 1 A GLN 9   ? A GLN 9   
10 1 Y 1 A MET 10  ? A MET 10  
11 1 Y 1 A LYS 134 ? A LYS 134 
12 1 Y 1 A PRO 135 ? A PRO 135 
13 1 Y 1 A SER 136 ? A SER 136 
14 1 Y 1 A ALA 137 ? A ALA 137 
15 1 Y 1 A ALA 138 ? A ALA 138 
16 1 Y 1 A SER 139 ? A SER 139 
17 1 Y 1 A ILE 140 ? A ILE 140 
18 1 Y 1 A ASP 141 ? A ASP 141 
19 1 Y 1 A ALA 142 ? A ALA 142 
20 1 Y 1 A ALA 143 ? A ALA 143 
21 1 Y 1 A LYS 144 ? A LYS 144 
22 1 Y 1 A LYS 145 ? A LYS 145 
23 1 Y 1 A ALA 146 ? A ALA 146 
24 1 Y 1 A GLY 147 ? A GLY 147 
25 1 Y 1 A VAL 148 ? A VAL 148 
26 1 Y 1 A ASN 149 ? A ASN 149 
27 1 Y 1 A ASN 150 ? A ASN 150 
28 1 Y 1 A GLY 151 ? A GLY 151 
29 1 Y 1 A ASN 152 ? A ASN 152 
30 1 Y 1 A PRO 153 ? A PRO 153 
31 1 Y 1 A LEU 154 ? A LEU 154 
32 1 Y 1 A ASP 155 ? A ASP 155 
33 1 Y 1 A ALA 156 ? A ALA 156 
34 1 Y 1 A VAL 157 ? A VAL 157 
35 1 Y 1 A GLN 158 ? A GLN 158 
36 1 Y 1 A GLN 159 ? A GLN 159 
# 
loop_
_chem_comp_atom.comp_id 
_chem_comp_atom.atom_id 
_chem_comp_atom.type_symbol 
_chem_comp_atom.pdbx_aromatic_flag 
_chem_comp_atom.pdbx_stereo_config 
_chem_comp_atom.pdbx_ordinal 
ALA N    N N N 1   
ALA CA   C N S 2   
ALA C    C N N 3   
ALA O    O N N 4   
ALA CB   C N N 5   
ALA OXT  O N N 6   
ALA H    H N N 7   
ALA H2   H N N 8   
ALA HA   H N N 9   
ALA HB1  H N N 10  
ALA HB2  H N N 11  
ALA HB3  H N N 12  
ALA HXT  H N N 13  
ARG N    N N N 14  
ARG CA   C N S 15  
ARG C    C N N 16  
ARG O    O N N 17  
ARG CB   C N N 18  
ARG CG   C N N 19  
ARG CD   C N N 20  
ARG NE   N N N 21  
ARG CZ   C N N 22  
ARG NH1  N N N 23  
ARG NH2  N N N 24  
ARG OXT  O N N 25  
ARG H    H N N 26  
ARG H2   H N N 27  
ARG HA   H N N 28  
ARG HB2  H N N 29  
ARG HB3  H N N 30  
ARG HG2  H N N 31  
ARG HG3  H N N 32  
ARG HD2  H N N 33  
ARG HD3  H N N 34  
ARG HE   H N N 35  
ARG HH11 H N N 36  
ARG HH12 H N N 37  
ARG HH21 H N N 38  
ARG HH22 H N N 39  
ARG HXT  H N N 40  
ASN N    N N N 41  
ASN CA   C N S 42  
ASN C    C N N 43  
ASN O    O N N 44  
ASN CB   C N N 45  
ASN CG   C N N 46  
ASN OD1  O N N 47  
ASN ND2  N N N 48  
ASN OXT  O N N 49  
ASN H    H N N 50  
ASN H2   H N N 51  
ASN HA   H N N 52  
ASN HB2  H N N 53  
ASN HB3  H N N 54  
ASN HD21 H N N 55  
ASN HD22 H N N 56  
ASN HXT  H N N 57  
ASP N    N N N 58  
ASP CA   C N S 59  
ASP C    C N N 60  
ASP O    O N N 61  
ASP CB   C N N 62  
ASP CG   C N N 63  
ASP OD1  O N N 64  
ASP OD2  O N N 65  
ASP OXT  O N N 66  
ASP H    H N N 67  
ASP H2   H N N 68  
ASP HA   H N N 69  
ASP HB2  H N N 70  
ASP HB3  H N N 71  
ASP HD2  H N N 72  
ASP HXT  H N N 73  
BTN C11  C N N 74  
BTN O11  O N N 75  
BTN O12  O N N 76  
BTN C10  C N N 77  
BTN C9   C N N 78  
BTN C8   C N N 79  
BTN C7   C N N 80  
BTN C2   C N S 81  
BTN S1   S N N 82  
BTN C6   C N N 83  
BTN C5   C N R 84  
BTN N1   N N N 85  
BTN C3   C N N 86  
BTN O3   O N N 87  
BTN N2   N N N 88  
BTN C4   C N S 89  
BTN HO2  H N N 90  
BTN H101 H N N 91  
BTN H102 H N N 92  
BTN H91  H N N 93  
BTN H92  H N N 94  
BTN H81  H N N 95  
BTN H82  H N N 96  
BTN H71  H N N 97  
BTN H72  H N N 98  
BTN H2   H N N 99  
BTN H61  H N N 100 
BTN H62  H N N 101 
BTN H5   H N N 102 
BTN HN1  H N N 103 
BTN HN2  H N N 104 
BTN H4   H N N 105 
GLN N    N N N 106 
GLN CA   C N S 107 
GLN C    C N N 108 
GLN O    O N N 109 
GLN CB   C N N 110 
GLN CG   C N N 111 
GLN CD   C N N 112 
GLN OE1  O N N 113 
GLN NE2  N N N 114 
GLN OXT  O N N 115 
GLN H    H N N 116 
GLN H2   H N N 117 
GLN HA   H N N 118 
GLN HB2  H N N 119 
GLN HB3  H N N 120 
GLN HG2  H N N 121 
GLN HG3  H N N 122 
GLN HE21 H N N 123 
GLN HE22 H N N 124 
GLN HXT  H N N 125 
GLU N    N N N 126 
GLU CA   C N S 127 
GLU C    C N N 128 
GLU O    O N N 129 
GLU CB   C N N 130 
GLU CG   C N N 131 
GLU CD   C N N 132 
GLU OE1  O N N 133 
GLU OE2  O N N 134 
GLU OXT  O N N 135 
GLU H    H N N 136 
GLU H2   H N N 137 
GLU HA   H N N 138 
GLU HB2  H N N 139 
GLU HB3  H N N 140 
GLU HG2  H N N 141 
GLU HG3  H N N 142 
GLU HE2  H N N 143 
GLU HXT  H N N 144 
GLY N    N N N 145 
GLY CA   C N N 146 
GLY C    C N N 147 
GLY O    O N N 148 
GLY OXT  O N N 149 
GLY H    H N N 150 
GLY H2   H N N 151 
GLY HA2  H N N 152 
GLY HA3  H N N 153 
GLY HXT  H N N 154 
HIS N    N N N 155 
HIS CA   C N S 156 
HIS C    C N N 157 
HIS O    O N N 158 
HIS CB   C N N 159 
HIS CG   C Y N 160 
HIS ND1  N Y N 161 
HIS CD2  C Y N 162 
HIS CE1  C Y N 163 
HIS NE2  N Y N 164 
HIS OXT  O N N 165 
HIS H    H N N 166 
HIS H2   H N N 167 
HIS HA   H N N 168 
HIS HB2  H N N 169 
HIS HB3  H N N 170 
HIS HD1  H N N 171 
HIS HD2  H N N 172 
HIS HE1  H N N 173 
HIS HE2  H N N 174 
HIS HXT  H N N 175 
HOH O    O N N 176 
HOH H1   H N N 177 
HOH H2   H N N 178 
ILE N    N N N 179 
ILE CA   C N S 180 
ILE C    C N N 181 
ILE O    O N N 182 
ILE CB   C N S 183 
ILE CG1  C N N 184 
ILE CG2  C N N 185 
ILE CD1  C N N 186 
ILE OXT  O N N 187 
ILE H    H N N 188 
ILE H2   H N N 189 
ILE HA   H N N 190 
ILE HB   H N N 191 
ILE HG12 H N N 192 
ILE HG13 H N N 193 
ILE HG21 H N N 194 
ILE HG22 H N N 195 
ILE HG23 H N N 196 
ILE HD11 H N N 197 
ILE HD12 H N N 198 
ILE HD13 H N N 199 
ILE HXT  H N N 200 
LEU N    N N N 201 
LEU CA   C N S 202 
LEU C    C N N 203 
LEU O    O N N 204 
LEU CB   C N N 205 
LEU CG   C N N 206 
LEU CD1  C N N 207 
LEU CD2  C N N 208 
LEU OXT  O N N 209 
LEU H    H N N 210 
LEU H2   H N N 211 
LEU HA   H N N 212 
LEU HB2  H N N 213 
LEU HB3  H N N 214 
LEU HG   H N N 215 
LEU HD11 H N N 216 
LEU HD12 H N N 217 
LEU HD13 H N N 218 
LEU HD21 H N N 219 
LEU HD22 H N N 220 
LEU HD23 H N N 221 
LEU HXT  H N N 222 
LYS N    N N N 223 
LYS CA   C N S 224 
LYS C    C N N 225 
LYS O    O N N 226 
LYS CB   C N N 227 
LYS CG   C N N 228 
LYS CD   C N N 229 
LYS CE   C N N 230 
LYS NZ   N N N 231 
LYS OXT  O N N 232 
LYS H    H N N 233 
LYS H2   H N N 234 
LYS HA   H N N 235 
LYS HB2  H N N 236 
LYS HB3  H N N 237 
LYS HG2  H N N 238 
LYS HG3  H N N 239 
LYS HD2  H N N 240 
LYS HD3  H N N 241 
LYS HE2  H N N 242 
LYS HE3  H N N 243 
LYS HZ1  H N N 244 
LYS HZ2  H N N 245 
LYS HZ3  H N N 246 
LYS HXT  H N N 247 
MET N    N N N 248 
MET CA   C N S 249 
MET C    C N N 250 
MET O    O N N 251 
MET CB   C N N 252 
MET CG   C N N 253 
MET SD   S N N 254 
MET CE   C N N 255 
MET OXT  O N N 256 
MET H    H N N 257 
MET H2   H N N 258 
MET HA   H N N 259 
MET HB2  H N N 260 
MET HB3  H N N 261 
MET HG2  H N N 262 
MET HG3  H N N 263 
MET HE1  H N N 264 
MET HE2  H N N 265 
MET HE3  H N N 266 
MET HXT  H N N 267 
PHE N    N N N 268 
PHE CA   C N S 269 
PHE C    C N N 270 
PHE O    O N N 271 
PHE CB   C N N 272 
PHE CG   C Y N 273 
PHE CD1  C Y N 274 
PHE CD2  C Y N 275 
PHE CE1  C Y N 276 
PHE CE2  C Y N 277 
PHE CZ   C Y N 278 
PHE OXT  O N N 279 
PHE H    H N N 280 
PHE H2   H N N 281 
PHE HA   H N N 282 
PHE HB2  H N N 283 
PHE HB3  H N N 284 
PHE HD1  H N N 285 
PHE HD2  H N N 286 
PHE HE1  H N N 287 
PHE HE2  H N N 288 
PHE HZ   H N N 289 
PHE HXT  H N N 290 
PRO N    N N N 291 
PRO CA   C N S 292 
PRO C    C N N 293 
PRO O    O N N 294 
PRO CB   C N N 295 
PRO CG   C N N 296 
PRO CD   C N N 297 
PRO OXT  O N N 298 
PRO H    H N N 299 
PRO HA   H N N 300 
PRO HB2  H N N 301 
PRO HB3  H N N 302 
PRO HG2  H N N 303 
PRO HG3  H N N 304 
PRO HD2  H N N 305 
PRO HD3  H N N 306 
PRO HXT  H N N 307 
SER N    N N N 308 
SER CA   C N S 309 
SER C    C N N 310 
SER O    O N N 311 
SER CB   C N N 312 
SER OG   O N N 313 
SER OXT  O N N 314 
SER H    H N N 315 
SER H2   H N N 316 
SER HA   H N N 317 
SER HB2  H N N 318 
SER HB3  H N N 319 
SER HG   H N N 320 
SER HXT  H N N 321 
THR N    N N N 322 
THR CA   C N S 323 
THR C    C N N 324 
THR O    O N N 325 
THR CB   C N R 326 
THR OG1  O N N 327 
THR CG2  C N N 328 
THR OXT  O N N 329 
THR H    H N N 330 
THR H2   H N N 331 
THR HA   H N N 332 
THR HB   H N N 333 
THR HG1  H N N 334 
THR HG21 H N N 335 
THR HG22 H N N 336 
THR HG23 H N N 337 
THR HXT  H N N 338 
TRP N    N N N 339 
TRP CA   C N S 340 
TRP C    C N N 341 
TRP O    O N N 342 
TRP CB   C N N 343 
TRP CG   C Y N 344 
TRP CD1  C Y N 345 
TRP CD2  C Y N 346 
TRP NE1  N Y N 347 
TRP CE2  C Y N 348 
TRP CE3  C Y N 349 
TRP CZ2  C Y N 350 
TRP CZ3  C Y N 351 
TRP CH2  C Y N 352 
TRP OXT  O N N 353 
TRP H    H N N 354 
TRP H2   H N N 355 
TRP HA   H N N 356 
TRP HB2  H N N 357 
TRP HB3  H N N 358 
TRP HD1  H N N 359 
TRP HE1  H N N 360 
TRP HE3  H N N 361 
TRP HZ2  H N N 362 
TRP HZ3  H N N 363 
TRP HH2  H N N 364 
TRP HXT  H N N 365 
TYR N    N N N 366 
TYR CA   C N S 367 
TYR C    C N N 368 
TYR O    O N N 369 
TYR CB   C N N 370 
TYR CG   C Y N 371 
TYR CD1  C Y N 372 
TYR CD2  C Y N 373 
TYR CE1  C Y N 374 
TYR CE2  C Y N 375 
TYR CZ   C Y N 376 
TYR OH   O N N 377 
TYR OXT  O N N 378 
TYR H    H N N 379 
TYR H2   H N N 380 
TYR HA   H N N 381 
TYR HB2  H N N 382 
TYR HB3  H N N 383 
TYR HD1  H N N 384 
TYR HD2  H N N 385 
TYR HE1  H N N 386 
TYR HE2  H N N 387 
TYR HH   H N N 388 
TYR HXT  H N N 389 
VAL N    N N N 390 
VAL CA   C N S 391 
VAL C    C N N 392 
VAL O    O N N 393 
VAL CB   C N N 394 
VAL CG1  C N N 395 
VAL CG2  C N N 396 
VAL OXT  O N N 397 
VAL H    H N N 398 
VAL H2   H N N 399 
VAL HA   H N N 400 
VAL HB   H N N 401 
VAL HG11 H N N 402 
VAL HG12 H N N 403 
VAL HG13 H N N 404 
VAL HG21 H N N 405 
VAL HG22 H N N 406 
VAL HG23 H N N 407 
VAL HXT  H N N 408 
# 
loop_
_chem_comp_bond.comp_id 
_chem_comp_bond.atom_id_1 
_chem_comp_bond.atom_id_2 
_chem_comp_bond.value_order 
_chem_comp_bond.pdbx_aromatic_flag 
_chem_comp_bond.pdbx_stereo_config 
_chem_comp_bond.pdbx_ordinal 
ALA N   CA   sing N N 1   
ALA N   H    sing N N 2   
ALA N   H2   sing N N 3   
ALA CA  C    sing N N 4   
ALA CA  CB   sing N N 5   
ALA CA  HA   sing N N 6   
ALA C   O    doub N N 7   
ALA C   OXT  sing N N 8   
ALA CB  HB1  sing N N 9   
ALA CB  HB2  sing N N 10  
ALA CB  HB3  sing N N 11  
ALA OXT HXT  sing N N 12  
ARG N   CA   sing N N 13  
ARG N   H    sing N N 14  
ARG N   H2   sing N N 15  
ARG CA  C    sing N N 16  
ARG CA  CB   sing N N 17  
ARG CA  HA   sing N N 18  
ARG C   O    doub N N 19  
ARG C   OXT  sing N N 20  
ARG CB  CG   sing N N 21  
ARG CB  HB2  sing N N 22  
ARG CB  HB3  sing N N 23  
ARG CG  CD   sing N N 24  
ARG CG  HG2  sing N N 25  
ARG CG  HG3  sing N N 26  
ARG CD  NE   sing N N 27  
ARG CD  HD2  sing N N 28  
ARG CD  HD3  sing N N 29  
ARG NE  CZ   sing N N 30  
ARG NE  HE   sing N N 31  
ARG CZ  NH1  sing N N 32  
ARG CZ  NH2  doub N N 33  
ARG NH1 HH11 sing N N 34  
ARG NH1 HH12 sing N N 35  
ARG NH2 HH21 sing N N 36  
ARG NH2 HH22 sing N N 37  
ARG OXT HXT  sing N N 38  
ASN N   CA   sing N N 39  
ASN N   H    sing N N 40  
ASN N   H2   sing N N 41  
ASN CA  C    sing N N 42  
ASN CA  CB   sing N N 43  
ASN CA  HA   sing N N 44  
ASN C   O    doub N N 45  
ASN C   OXT  sing N N 46  
ASN CB  CG   sing N N 47  
ASN CB  HB2  sing N N 48  
ASN CB  HB3  sing N N 49  
ASN CG  OD1  doub N N 50  
ASN CG  ND2  sing N N 51  
ASN ND2 HD21 sing N N 52  
ASN ND2 HD22 sing N N 53  
ASN OXT HXT  sing N N 54  
ASP N   CA   sing N N 55  
ASP N   H    sing N N 56  
ASP N   H2   sing N N 57  
ASP CA  C    sing N N 58  
ASP CA  CB   sing N N 59  
ASP CA  HA   sing N N 60  
ASP C   O    doub N N 61  
ASP C   OXT  sing N N 62  
ASP CB  CG   sing N N 63  
ASP CB  HB2  sing N N 64  
ASP CB  HB3  sing N N 65  
ASP CG  OD1  doub N N 66  
ASP CG  OD2  sing N N 67  
ASP OD2 HD2  sing N N 68  
ASP OXT HXT  sing N N 69  
BTN C11 O11  doub N N 70  
BTN C11 O12  sing N N 71  
BTN C11 C10  sing N N 72  
BTN O12 HO2  sing N N 73  
BTN C10 C9   sing N N 74  
BTN C10 H101 sing N N 75  
BTN C10 H102 sing N N 76  
BTN C9  C8   sing N N 77  
BTN C9  H91  sing N N 78  
BTN C9  H92  sing N N 79  
BTN C8  C7   sing N N 80  
BTN C8  H81  sing N N 81  
BTN C8  H82  sing N N 82  
BTN C7  C2   sing N N 83  
BTN C7  H71  sing N N 84  
BTN C7  H72  sing N N 85  
BTN C2  S1   sing N N 86  
BTN C2  C4   sing N N 87  
BTN C2  H2   sing N N 88  
BTN S1  C6   sing N N 89  
BTN C6  C5   sing N N 90  
BTN C6  H61  sing N N 91  
BTN C6  H62  sing N N 92  
BTN C5  N1   sing N N 93  
BTN C5  C4   sing N N 94  
BTN C5  H5   sing N N 95  
BTN N1  C3   sing N N 96  
BTN N1  HN1  sing N N 97  
BTN C3  O3   doub N N 98  
BTN C3  N2   sing N N 99  
BTN N2  C4   sing N N 100 
BTN N2  HN2  sing N N 101 
BTN C4  H4   sing N N 102 
GLN N   CA   sing N N 103 
GLN N   H    sing N N 104 
GLN N   H2   sing N N 105 
GLN CA  C    sing N N 106 
GLN CA  CB   sing N N 107 
GLN CA  HA   sing N N 108 
GLN C   O    doub N N 109 
GLN C   OXT  sing N N 110 
GLN CB  CG   sing N N 111 
GLN CB  HB2  sing N N 112 
GLN CB  HB3  sing N N 113 
GLN CG  CD   sing N N 114 
GLN CG  HG2  sing N N 115 
GLN CG  HG3  sing N N 116 
GLN CD  OE1  doub N N 117 
GLN CD  NE2  sing N N 118 
GLN NE2 HE21 sing N N 119 
GLN NE2 HE22 sing N N 120 
GLN OXT HXT  sing N N 121 
GLU N   CA   sing N N 122 
GLU N   H    sing N N 123 
GLU N   H2   sing N N 124 
GLU CA  C    sing N N 125 
GLU CA  CB   sing N N 126 
GLU CA  HA   sing N N 127 
GLU C   O    doub N N 128 
GLU C   OXT  sing N N 129 
GLU CB  CG   sing N N 130 
GLU CB  HB2  sing N N 131 
GLU CB  HB3  sing N N 132 
GLU CG  CD   sing N N 133 
GLU CG  HG2  sing N N 134 
GLU CG  HG3  sing N N 135 
GLU CD  OE1  doub N N 136 
GLU CD  OE2  sing N N 137 
GLU OE2 HE2  sing N N 138 
GLU OXT HXT  sing N N 139 
GLY N   CA   sing N N 140 
GLY N   H    sing N N 141 
GLY N   H2   sing N N 142 
GLY CA  C    sing N N 143 
GLY CA  HA2  sing N N 144 
GLY CA  HA3  sing N N 145 
GLY C   O    doub N N 146 
GLY C   OXT  sing N N 147 
GLY OXT HXT  sing N N 148 
HIS N   CA   sing N N 149 
HIS N   H    sing N N 150 
HIS N   H2   sing N N 151 
HIS CA  C    sing N N 152 
HIS CA  CB   sing N N 153 
HIS CA  HA   sing N N 154 
HIS C   O    doub N N 155 
HIS C   OXT  sing N N 156 
HIS CB  CG   sing N N 157 
HIS CB  HB2  sing N N 158 
HIS CB  HB3  sing N N 159 
HIS CG  ND1  sing Y N 160 
HIS CG  CD2  doub Y N 161 
HIS ND1 CE1  doub Y N 162 
HIS ND1 HD1  sing N N 163 
HIS CD2 NE2  sing Y N 164 
HIS CD2 HD2  sing N N 165 
HIS CE1 NE2  sing Y N 166 
HIS CE1 HE1  sing N N 167 
HIS NE2 HE2  sing N N 168 
HIS OXT HXT  sing N N 169 
HOH O   H1   sing N N 170 
HOH O   H2   sing N N 171 
ILE N   CA   sing N N 172 
ILE N   H    sing N N 173 
ILE N   H2   sing N N 174 
ILE CA  C    sing N N 175 
ILE CA  CB   sing N N 176 
ILE CA  HA   sing N N 177 
ILE C   O    doub N N 178 
ILE C   OXT  sing N N 179 
ILE CB  CG1  sing N N 180 
ILE CB  CG2  sing N N 181 
ILE CB  HB   sing N N 182 
ILE CG1 CD1  sing N N 183 
ILE CG1 HG12 sing N N 184 
ILE CG1 HG13 sing N N 185 
ILE CG2 HG21 sing N N 186 
ILE CG2 HG22 sing N N 187 
ILE CG2 HG23 sing N N 188 
ILE CD1 HD11 sing N N 189 
ILE CD1 HD12 sing N N 190 
ILE CD1 HD13 sing N N 191 
ILE OXT HXT  sing N N 192 
LEU N   CA   sing N N 193 
LEU N   H    sing N N 194 
LEU N   H2   sing N N 195 
LEU CA  C    sing N N 196 
LEU CA  CB   sing N N 197 
LEU CA  HA   sing N N 198 
LEU C   O    doub N N 199 
LEU C   OXT  sing N N 200 
LEU CB  CG   sing N N 201 
LEU CB  HB2  sing N N 202 
LEU CB  HB3  sing N N 203 
LEU CG  CD1  sing N N 204 
LEU CG  CD2  sing N N 205 
LEU CG  HG   sing N N 206 
LEU CD1 HD11 sing N N 207 
LEU CD1 HD12 sing N N 208 
LEU CD1 HD13 sing N N 209 
LEU CD2 HD21 sing N N 210 
LEU CD2 HD22 sing N N 211 
LEU CD2 HD23 sing N N 212 
LEU OXT HXT  sing N N 213 
LYS N   CA   sing N N 214 
LYS N   H    sing N N 215 
LYS N   H2   sing N N 216 
LYS CA  C    sing N N 217 
LYS CA  CB   sing N N 218 
LYS CA  HA   sing N N 219 
LYS C   O    doub N N 220 
LYS C   OXT  sing N N 221 
LYS CB  CG   sing N N 222 
LYS CB  HB2  sing N N 223 
LYS CB  HB3  sing N N 224 
LYS CG  CD   sing N N 225 
LYS CG  HG2  sing N N 226 
LYS CG  HG3  sing N N 227 
LYS CD  CE   sing N N 228 
LYS CD  HD2  sing N N 229 
LYS CD  HD3  sing N N 230 
LYS CE  NZ   sing N N 231 
LYS CE  HE2  sing N N 232 
LYS CE  HE3  sing N N 233 
LYS NZ  HZ1  sing N N 234 
LYS NZ  HZ2  sing N N 235 
LYS NZ  HZ3  sing N N 236 
LYS OXT HXT  sing N N 237 
MET N   CA   sing N N 238 
MET N   H    sing N N 239 
MET N   H2   sing N N 240 
MET CA  C    sing N N 241 
MET CA  CB   sing N N 242 
MET CA  HA   sing N N 243 
MET C   O    doub N N 244 
MET C   OXT  sing N N 245 
MET CB  CG   sing N N 246 
MET CB  HB2  sing N N 247 
MET CB  HB3  sing N N 248 
MET CG  SD   sing N N 249 
MET CG  HG2  sing N N 250 
MET CG  HG3  sing N N 251 
MET SD  CE   sing N N 252 
MET CE  HE1  sing N N 253 
MET CE  HE2  sing N N 254 
MET CE  HE3  sing N N 255 
MET OXT HXT  sing N N 256 
PHE N   CA   sing N N 257 
PHE N   H    sing N N 258 
PHE N   H2   sing N N 259 
PHE CA  C    sing N N 260 
PHE CA  CB   sing N N 261 
PHE CA  HA   sing N N 262 
PHE C   O    doub N N 263 
PHE C   OXT  sing N N 264 
PHE CB  CG   sing N N 265 
PHE CB  HB2  sing N N 266 
PHE CB  HB3  sing N N 267 
PHE CG  CD1  doub Y N 268 
PHE CG  CD2  sing Y N 269 
PHE CD1 CE1  sing Y N 270 
PHE CD1 HD1  sing N N 271 
PHE CD2 CE2  doub Y N 272 
PHE CD2 HD2  sing N N 273 
PHE CE1 CZ   doub Y N 274 
PHE CE1 HE1  sing N N 275 
PHE CE2 CZ   sing Y N 276 
PHE CE2 HE2  sing N N 277 
PHE CZ  HZ   sing N N 278 
PHE OXT HXT  sing N N 279 
PRO N   CA   sing N N 280 
PRO N   CD   sing N N 281 
PRO N   H    sing N N 282 
PRO CA  C    sing N N 283 
PRO CA  CB   sing N N 284 
PRO CA  HA   sing N N 285 
PRO C   O    doub N N 286 
PRO C   OXT  sing N N 287 
PRO CB  CG   sing N N 288 
PRO CB  HB2  sing N N 289 
PRO CB  HB3  sing N N 290 
PRO CG  CD   sing N N 291 
PRO CG  HG2  sing N N 292 
PRO CG  HG3  sing N N 293 
PRO CD  HD2  sing N N 294 
PRO CD  HD3  sing N N 295 
PRO OXT HXT  sing N N 296 
SER N   CA   sing N N 297 
SER N   H    sing N N 298 
SER N   H2   sing N N 299 
SER CA  C    sing N N 300 
SER CA  CB   sing N N 301 
SER CA  HA   sing N N 302 
SER C   O    doub N N 303 
SER C   OXT  sing N N 304 
SER CB  OG   sing N N 305 
SER CB  HB2  sing N N 306 
SER CB  HB3  sing N N 307 
SER OG  HG   sing N N 308 
SER OXT HXT  sing N N 309 
THR N   CA   sing N N 310 
THR N   H    sing N N 311 
THR N   H2   sing N N 312 
THR CA  C    sing N N 313 
THR CA  CB   sing N N 314 
THR CA  HA   sing N N 315 
THR C   O    doub N N 316 
THR C   OXT  sing N N 317 
THR CB  OG1  sing N N 318 
THR CB  CG2  sing N N 319 
THR CB  HB   sing N N 320 
THR OG1 HG1  sing N N 321 
THR CG2 HG21 sing N N 322 
THR CG2 HG22 sing N N 323 
THR CG2 HG23 sing N N 324 
THR OXT HXT  sing N N 325 
TRP N   CA   sing N N 326 
TRP N   H    sing N N 327 
TRP N   H2   sing N N 328 
TRP CA  C    sing N N 329 
TRP CA  CB   sing N N 330 
TRP CA  HA   sing N N 331 
TRP C   O    doub N N 332 
TRP C   OXT  sing N N 333 
TRP CB  CG   sing N N 334 
TRP CB  HB2  sing N N 335 
TRP CB  HB3  sing N N 336 
TRP CG  CD1  doub Y N 337 
TRP CG  CD2  sing Y N 338 
TRP CD1 NE1  sing Y N 339 
TRP CD1 HD1  sing N N 340 
TRP CD2 CE2  doub Y N 341 
TRP CD2 CE3  sing Y N 342 
TRP NE1 CE2  sing Y N 343 
TRP NE1 HE1  sing N N 344 
TRP CE2 CZ2  sing Y N 345 
TRP CE3 CZ3  doub Y N 346 
TRP CE3 HE3  sing N N 347 
TRP CZ2 CH2  doub Y N 348 
TRP CZ2 HZ2  sing N N 349 
TRP CZ3 CH2  sing Y N 350 
TRP CZ3 HZ3  sing N N 351 
TRP CH2 HH2  sing N N 352 
TRP OXT HXT  sing N N 353 
TYR N   CA   sing N N 354 
TYR N   H    sing N N 355 
TYR N   H2   sing N N 356 
TYR CA  C    sing N N 357 
TYR CA  CB   sing N N 358 
TYR CA  HA   sing N N 359 
TYR C   O    doub N N 360 
TYR C   OXT  sing N N 361 
TYR CB  CG   sing N N 362 
TYR CB  HB2  sing N N 363 
TYR CB  HB3  sing N N 364 
TYR CG  CD1  doub Y N 365 
TYR CG  CD2  sing Y N 366 
TYR CD1 CE1  sing Y N 367 
TYR CD1 HD1  sing N N 368 
TYR CD2 CE2  doub Y N 369 
TYR CD2 HD2  sing N N 370 
TYR CE1 CZ   doub Y N 371 
TYR CE1 HE1  sing N N 372 
TYR CE2 CZ   sing Y N 373 
TYR CE2 HE2  sing N N 374 
TYR CZ  OH   sing N N 375 
TYR OH  HH   sing N N 376 
TYR OXT HXT  sing N N 377 
VAL N   CA   sing N N 378 
VAL N   H    sing N N 379 
VAL N   H2   sing N N 380 
VAL CA  C    sing N N 381 
VAL CA  CB   sing N N 382 
VAL CA  HA   sing N N 383 
VAL C   O    doub N N 384 
VAL C   OXT  sing N N 385 
VAL CB  CG1  sing N N 386 
VAL CB  CG2  sing N N 387 
VAL CB  HB   sing N N 388 
VAL CG1 HG11 sing N N 389 
VAL CG1 HG12 sing N N 390 
VAL CG1 HG13 sing N N 391 
VAL CG2 HG21 sing N N 392 
VAL CG2 HG22 sing N N 393 
VAL CG2 HG23 sing N N 394 
VAL OXT HXT  sing N N 395 
# 
_pdbx_audit_support.funding_organization   
'National Institutes of Health/National Institute of General Medical Sciences (NIH/NIGMS)' 
_pdbx_audit_support.country                'United States' 
_pdbx_audit_support.grant_number           GM120349 
_pdbx_audit_support.ordinal                1 
# 
loop_
_pdbx_entity_nonpoly.entity_id 
_pdbx_entity_nonpoly.name 
_pdbx_entity_nonpoly.comp_id 
2 BIOTIN BTN 
3 water  HOH 
# 
_pdbx_initial_refinement_model.id               1 
_pdbx_initial_refinement_model.entity_id_list   ? 
_pdbx_initial_refinement_model.type             'experimental model' 
_pdbx_initial_refinement_model.source_name      PDB 
_pdbx_initial_refinement_model.accession_code   2QCB 
_pdbx_initial_refinement_model.details          ? 
# 
_pdbx_struct_assembly_auth_evidence.id                     1 
_pdbx_struct_assembly_auth_evidence.assembly_id            1 
_pdbx_struct_assembly_auth_evidence.experimental_support   'gel filtration' 
_pdbx_struct_assembly_auth_evidence.details                ? 
# 
